data_9R34
#
_entry.id   9R34
#
_cell.length_a   1.00
_cell.length_b   1.00
_cell.length_c   1.00
_cell.angle_alpha   90.00
_cell.angle_beta   90.00
_cell.angle_gamma   90.00
#
_symmetry.space_group_name_H-M   'P 1'
#
loop_
_entity.id
_entity.type
_entity.pdbx_description
1 polymer NTPase
2 non-polymer 'PHOSPHOTHIOPHOSPHORIC ACID-ADENYLATE ESTER'
3 non-polymer 'MAGNESIUM ION'
4 water water
#
_entity_poly.entity_id   1
_entity_poly.type   'polypeptide(L)'
_entity_poly.pdbx_seq_one_letter_code
;GPGGGGSGGGGSGELKAIAQELKAIAKELKAIAWELKAIAQGAGGSGSYFQSNAGGDQTEKTLKDIESAVIDMEVLSSTS
VTQLVRDKQSARAYMAILDNEEEKARKLSVRNADPHVVSSTNALISRISMARAALAKAQAEMTSRMRPVVIMMCGPPGIG
KTKAAEHLAKRLANEIRPGGKVGLVPREAVDHWDGYHGEEVMLWDDYGMTKIQEDCNKLQAIADSAPLTLNCDRIENKGM
QFVSDAIVITTNAPGPAPVDFVNLGPVCRRVDFLVYCTAPEVEHTRKVSPGDTTALKDCFKPDFSHLKMELAPQGGFDNQ
GNTPFGKGVMKPTTINRLLIQAVALTMERQDEFQLQ
;
_entity_poly.pdbx_strand_id   A,B,C,D,E,F
#
loop_
_chem_comp.id
_chem_comp.type
_chem_comp.name
_chem_comp.formula
AGS non-polymer 'PHOSPHOTHIOPHOSPHORIC ACID-ADENYLATE ESTER' 'C10 H16 N5 O12 P3 S'
MG non-polymer 'MAGNESIUM ION' 'Mg 2'
#
# COMPACT_ATOMS: atom_id res chain seq x y z
N ASP A 57 -31.77 -21.46 -44.94
CA ASP A 57 -30.89 -20.47 -44.27
C ASP A 57 -29.50 -21.05 -44.06
N GLN A 58 -28.53 -20.59 -44.86
CA GLN A 58 -27.17 -21.07 -44.72
C GLN A 58 -26.58 -20.73 -43.36
N THR A 59 -26.96 -19.58 -42.79
CA THR A 59 -26.47 -19.21 -41.47
C THR A 59 -26.90 -20.21 -40.42
N GLU A 60 -28.16 -20.62 -40.45
CA GLU A 60 -28.65 -21.59 -39.48
C GLU A 60 -27.94 -22.93 -39.65
N LYS A 61 -27.73 -23.36 -40.88
CA LYS A 61 -27.04 -24.63 -41.12
C LYS A 61 -25.61 -24.57 -40.59
N THR A 62 -24.91 -23.46 -40.86
CA THR A 62 -23.53 -23.32 -40.36
C THR A 62 -23.50 -23.32 -38.84
N LEU A 63 -24.43 -22.60 -38.21
CA LEU A 63 -24.46 -22.56 -36.76
C LEU A 63 -24.75 -23.95 -36.18
N LYS A 64 -25.67 -24.69 -36.80
CA LYS A 64 -25.98 -26.04 -36.34
C LYS A 64 -24.78 -26.96 -36.49
N ASP A 65 -24.06 -26.84 -37.61
CA ASP A 65 -22.85 -27.64 -37.79
C ASP A 65 -21.80 -27.31 -36.74
N ILE A 66 -21.61 -26.02 -36.46
CA ILE A 66 -20.65 -25.63 -35.44
C ILE A 66 -21.06 -26.17 -34.07
N GLU A 67 -22.35 -26.10 -33.75
CA GLU A 67 -22.81 -26.61 -32.46
C GLU A 67 -22.61 -28.12 -32.36
N SER A 68 -22.89 -28.85 -33.45
CA SER A 68 -22.67 -30.29 -33.44
C SER A 68 -21.19 -30.61 -33.26
N ALA A 69 -20.31 -29.86 -33.91
CA ALA A 69 -18.88 -30.05 -33.71
C ALA A 69 -18.48 -29.78 -32.27
N VAL A 70 -19.05 -28.73 -31.67
CA VAL A 70 -18.73 -28.41 -30.28
C VAL A 70 -19.19 -29.55 -29.37
N ILE A 71 -20.38 -30.08 -29.62
CA ILE A 71 -20.88 -31.19 -28.78
C ILE A 71 -19.99 -32.41 -28.95
N ASP A 72 -19.55 -32.68 -30.19
CA ASP A 72 -18.62 -33.79 -30.40
C ASP A 72 -17.35 -33.58 -29.60
N MET A 73 -16.82 -32.35 -29.60
CA MET A 73 -15.64 -32.04 -28.80
C MET A 73 -15.89 -32.27 -27.32
N GLU A 74 -17.06 -31.84 -26.82
CA GLU A 74 -17.38 -32.02 -25.41
C GLU A 74 -17.39 -33.50 -25.05
N VAL A 75 -18.06 -34.32 -25.86
CA VAL A 75 -18.15 -35.74 -25.54
C VAL A 75 -16.78 -36.40 -25.64
N LEU A 76 -15.97 -36.01 -26.63
CA LEU A 76 -14.63 -36.57 -26.76
C LEU A 76 -13.77 -36.22 -25.54
N SER A 77 -13.84 -34.96 -25.08
CA SER A 77 -13.07 -34.57 -23.90
C SER A 77 -13.56 -35.29 -22.66
N SER A 78 -14.89 -35.40 -22.48
CA SER A 78 -15.42 -36.06 -21.29
C SER A 78 -15.04 -37.53 -21.25
N THR A 79 -15.11 -38.21 -22.40
CA THR A 79 -14.71 -39.61 -22.44
C THR A 79 -13.20 -39.80 -22.39
N SER A 80 -12.43 -38.74 -22.63
CA SER A 80 -10.97 -38.81 -22.67
C SER A 80 -10.37 -37.63 -21.92
N VAL A 81 -10.88 -37.37 -20.70
CA VAL A 81 -10.41 -36.22 -19.94
C VAL A 81 -8.92 -36.37 -19.62
N THR A 82 -8.49 -37.56 -19.24
CA THR A 82 -7.11 -37.75 -18.80
C THR A 82 -6.13 -37.44 -19.92
N GLN A 83 -6.38 -37.97 -21.11
CA GLN A 83 -5.46 -37.73 -22.22
C GLN A 83 -5.41 -36.26 -22.58
N LEU A 84 -6.57 -35.60 -22.64
CA LEU A 84 -6.60 -34.18 -22.98
C LEU A 84 -5.84 -33.35 -21.96
N VAL A 85 -6.03 -33.64 -20.66
CA VAL A 85 -5.36 -32.84 -19.64
C VAL A 85 -3.86 -33.14 -19.60
N ARG A 86 -3.46 -34.36 -19.95
CA ARG A 86 -2.05 -34.73 -19.83
C ARG A 86 -1.23 -34.24 -21.04
N ASP A 87 -1.57 -34.74 -22.23
CA ASP A 87 -0.79 -34.36 -23.41
C ASP A 87 -0.86 -32.86 -23.64
N LYS A 88 0.29 -32.20 -23.54
CA LYS A 88 0.35 -30.76 -23.77
C LYS A 88 -0.12 -30.42 -25.18
N GLN A 89 0.36 -31.17 -26.17
CA GLN A 89 -0.03 -30.91 -27.55
C GLN A 89 -1.54 -31.09 -27.74
N SER A 90 -2.11 -32.12 -27.11
CA SER A 90 -3.55 -32.33 -27.22
C SER A 90 -4.32 -31.14 -26.64
N ALA A 91 -3.89 -30.65 -25.48
CA ALA A 91 -4.56 -29.51 -24.87
C ALA A 91 -4.45 -28.28 -25.76
N ARG A 92 -3.25 -28.02 -26.30
CA ARG A 92 -3.07 -26.86 -27.17
C ARG A 92 -3.93 -26.98 -28.42
N ALA A 93 -3.98 -28.17 -29.02
CA ALA A 93 -4.81 -28.36 -30.21
C ALA A 93 -6.29 -28.17 -29.89
N TYR A 94 -6.74 -28.69 -28.75
CA TYR A 94 -8.13 -28.50 -28.35
C TYR A 94 -8.44 -27.03 -28.15
N MET A 95 -7.54 -26.30 -27.49
CA MET A 95 -7.76 -24.87 -27.29
C MET A 95 -7.79 -24.13 -28.63
N ALA A 96 -6.90 -24.49 -29.55
CA ALA A 96 -6.90 -23.84 -30.86
C ALA A 96 -8.18 -24.13 -31.63
N ILE A 97 -8.67 -25.38 -31.54
CA ILE A 97 -9.91 -25.72 -32.22
C ILE A 97 -11.07 -24.92 -31.65
N LEU A 98 -11.12 -24.80 -30.32
CA LEU A 98 -12.18 -24.01 -29.71
C LEU A 98 -12.08 -22.54 -30.11
N ASP A 99 -10.85 -22.02 -30.20
CA ASP A 99 -10.68 -20.64 -30.63
C ASP A 99 -11.16 -20.45 -32.06
N ASN A 100 -10.86 -21.41 -32.93
CA ASN A 100 -11.34 -21.33 -34.32
C ASN A 100 -12.87 -21.39 -34.35
N GLU A 101 -13.48 -22.24 -33.52
CA GLU A 101 -14.93 -22.29 -33.46
C GLU A 101 -15.49 -20.95 -33.00
N GLU A 102 -14.85 -20.32 -32.01
CA GLU A 102 -15.30 -19.01 -31.57
C GLU A 102 -15.19 -17.97 -32.69
N GLU A 103 -14.09 -18.00 -33.44
CA GLU A 103 -13.93 -17.07 -34.55
C GLU A 103 -15.02 -17.28 -35.59
N LYS A 104 -15.33 -18.54 -35.91
CA LYS A 104 -16.40 -18.82 -36.86
C LYS A 104 -17.74 -18.34 -36.33
N ALA A 105 -17.98 -18.53 -35.03
CA ALA A 105 -19.22 -18.05 -34.44
C ALA A 105 -19.34 -16.53 -34.52
N ARG A 106 -18.24 -15.83 -34.24
CA ARG A 106 -18.26 -14.37 -34.34
C ARG A 106 -18.50 -13.92 -35.78
N LYS A 107 -17.88 -14.60 -36.74
CA LYS A 107 -18.12 -14.27 -38.14
C LYS A 107 -19.58 -14.50 -38.52
N LEU A 108 -20.17 -15.60 -38.05
CA LEU A 108 -21.57 -15.86 -38.31
C LEU A 108 -22.46 -14.79 -37.68
N SER A 109 -22.14 -14.37 -36.46
CA SER A 109 -22.90 -13.31 -35.82
C SER A 109 -22.81 -12.01 -36.61
N VAL A 110 -21.62 -11.72 -37.14
CA VAL A 110 -21.47 -10.55 -38.01
C VAL A 110 -22.34 -10.69 -39.25
N ARG A 111 -22.40 -11.90 -39.81
CA ARG A 111 -23.20 -12.12 -41.01
C ARG A 111 -24.67 -11.82 -40.75
N ASN A 112 -25.22 -12.33 -39.65
CA ASN A 112 -26.62 -12.14 -39.31
C ASN A 112 -26.76 -11.93 -37.81
N ALA A 113 -27.77 -11.14 -37.42
CA ALA A 113 -28.02 -10.83 -36.02
C ALA A 113 -29.49 -10.93 -35.67
N ASP A 114 -30.21 -11.84 -36.31
CA ASP A 114 -31.62 -12.03 -36.01
C ASP A 114 -31.77 -12.58 -34.59
N PRO A 115 -32.88 -12.27 -33.92
CA PRO A 115 -33.03 -12.71 -32.52
C PRO A 115 -32.88 -14.22 -32.36
N HIS A 116 -33.43 -15.01 -33.28
CA HIS A 116 -33.21 -16.45 -33.23
C HIS A 116 -31.74 -16.78 -33.45
N VAL A 117 -31.11 -16.12 -34.42
CA VAL A 117 -29.69 -16.32 -34.66
C VAL A 117 -28.88 -15.84 -33.46
N VAL A 118 -29.31 -14.75 -32.83
CA VAL A 118 -28.61 -14.26 -31.64
C VAL A 118 -28.68 -15.30 -30.53
N SER A 119 -29.87 -15.88 -30.31
CA SER A 119 -30.00 -16.91 -29.28
C SER A 119 -29.16 -18.14 -29.61
N SER A 120 -29.13 -18.54 -30.87
CA SER A 120 -28.32 -19.70 -31.26
C SER A 120 -26.84 -19.42 -31.02
N THR A 121 -26.38 -18.22 -31.37
CA THR A 121 -24.98 -17.87 -31.12
C THR A 121 -24.69 -17.80 -29.63
N ASN A 122 -25.65 -17.32 -28.85
CA ASN A 122 -25.48 -17.31 -27.40
C ASN A 122 -25.33 -18.73 -26.86
N ALA A 123 -26.14 -19.66 -27.35
CA ALA A 123 -26.02 -21.05 -26.93
C ALA A 123 -24.66 -21.63 -27.34
N LEU A 124 -24.20 -21.29 -28.55
CA LEU A 124 -22.92 -21.81 -29.03
C LEU A 124 -21.78 -21.30 -28.15
N ILE A 125 -21.77 -19.99 -27.86
CA ILE A 125 -20.71 -19.44 -27.02
C ILE A 125 -20.83 -19.98 -25.60
N SER A 126 -22.04 -20.25 -25.13
CA SER A 126 -22.19 -20.86 -23.81
C SER A 126 -21.58 -22.27 -23.79
N ARG A 127 -21.79 -23.03 -24.86
CA ARG A 127 -21.17 -24.35 -24.96
C ARG A 127 -19.65 -24.23 -24.95
N ILE A 128 -19.12 -23.27 -25.70
CA ILE A 128 -17.67 -23.10 -25.74
C ILE A 128 -17.13 -22.70 -24.37
N SER A 129 -17.85 -21.81 -23.67
CA SER A 129 -17.44 -21.39 -22.34
C SER A 129 -17.49 -22.57 -21.37
N MET A 130 -18.51 -23.43 -21.50
CA MET A 130 -18.56 -24.64 -20.69
C MET A 130 -17.35 -25.51 -20.95
N ALA A 131 -16.97 -25.67 -22.22
CA ALA A 131 -15.79 -26.47 -22.54
C ALA A 131 -14.54 -25.86 -21.90
N ARG A 132 -14.38 -24.55 -22.01
CA ARG A 132 -13.21 -23.88 -21.43
C ARG A 132 -13.18 -24.05 -19.91
N ALA A 133 -14.32 -23.86 -19.25
CA ALA A 133 -14.37 -24.01 -17.81
C ALA A 133 -14.07 -25.44 -17.39
N ALA A 134 -14.59 -26.43 -18.13
CA ALA A 134 -14.32 -27.82 -17.81
C ALA A 134 -12.84 -28.13 -17.95
N LEU A 135 -12.21 -27.66 -19.03
CA LEU A 135 -10.78 -27.89 -19.21
C LEU A 135 -9.99 -27.21 -18.10
N ALA A 136 -10.36 -25.98 -17.74
CA ALA A 136 -9.65 -25.26 -16.70
C ALA A 136 -9.77 -25.98 -15.37
N LYS A 137 -10.96 -26.46 -15.04
CA LYS A 137 -11.14 -27.20 -13.78
C LYS A 137 -10.35 -28.50 -13.80
N ALA A 138 -10.36 -29.22 -14.92
CA ALA A 138 -9.62 -30.47 -15.00
C ALA A 138 -8.13 -30.22 -14.80
N GLN A 139 -7.59 -29.19 -15.44
CA GLN A 139 -6.17 -28.90 -15.30
C GLN A 139 -5.85 -28.41 -13.89
N ALA A 140 -6.73 -27.59 -13.31
CA ALA A 140 -6.52 -27.14 -11.93
C ALA A 140 -6.61 -28.31 -10.97
N GLU A 141 -7.58 -29.20 -11.19
CA GLU A 141 -7.66 -30.43 -10.41
C GLU A 141 -6.51 -31.38 -10.69
N MET A 142 -5.73 -31.12 -11.74
CA MET A 142 -4.61 -32.00 -12.06
C MET A 142 -3.61 -32.01 -10.92
N THR A 143 -3.16 -33.21 -10.56
CA THR A 143 -2.20 -33.34 -9.46
C THR A 143 -0.88 -32.68 -9.81
N SER A 144 -0.43 -32.82 -11.06
CA SER A 144 0.86 -32.28 -11.47
C SER A 144 0.83 -31.99 -12.96
N ARG A 145 1.80 -31.17 -13.38
CA ARG A 145 1.92 -30.81 -14.81
C ARG A 145 3.39 -30.94 -15.19
N MET A 146 3.68 -31.13 -16.46
CA MET A 146 5.03 -31.36 -16.95
C MET A 146 5.95 -30.21 -16.53
N ARG A 147 7.16 -30.55 -16.06
CA ARG A 147 8.09 -29.50 -15.68
C ARG A 147 8.94 -29.08 -16.87
N PRO A 148 9.38 -27.82 -16.91
CA PRO A 148 10.08 -27.32 -18.09
C PRO A 148 11.58 -27.60 -18.06
N VAL A 149 12.20 -27.45 -19.23
CA VAL A 149 13.64 -27.62 -19.40
C VAL A 149 14.29 -26.25 -19.36
N VAL A 150 15.31 -26.09 -18.52
CA VAL A 150 15.96 -24.82 -18.27
C VAL A 150 17.32 -24.80 -18.95
N ILE A 151 17.57 -23.76 -19.73
CA ILE A 151 18.87 -23.53 -20.36
C ILE A 151 19.34 -22.16 -19.92
N MET A 152 20.43 -22.11 -19.15
CA MET A 152 20.97 -20.86 -18.62
C MET A 152 22.34 -20.62 -19.22
N MET A 153 22.55 -19.42 -19.75
CA MET A 153 23.80 -19.02 -20.37
C MET A 153 24.46 -17.90 -19.57
N CYS A 154 25.76 -18.03 -19.39
CA CYS A 154 26.57 -17.04 -18.67
C CYS A 154 27.75 -16.64 -19.53
N GLY A 155 28.28 -15.44 -19.29
CA GLY A 155 29.43 -14.96 -20.01
C GLY A 155 29.73 -13.51 -19.74
N PRO A 156 30.84 -13.01 -20.26
CA PRO A 156 31.20 -11.60 -20.08
C PRO A 156 30.16 -10.69 -20.70
N PRO A 157 30.32 -9.37 -20.54
CA PRO A 157 29.32 -8.44 -21.07
C PRO A 157 29.55 -8.10 -22.54
N GLY A 158 28.45 -7.97 -23.26
CA GLY A 158 28.51 -7.56 -24.65
C GLY A 158 29.19 -8.52 -25.59
N ILE A 159 28.87 -9.81 -25.51
CA ILE A 159 29.42 -10.80 -26.42
C ILE A 159 28.38 -11.40 -27.34
N GLY A 160 27.09 -11.15 -27.10
CA GLY A 160 26.06 -11.61 -28.00
C GLY A 160 25.17 -12.69 -27.41
N LYS A 161 24.99 -12.65 -26.09
CA LYS A 161 24.18 -13.66 -25.42
C LYS A 161 22.70 -13.47 -25.69
N THR A 162 22.23 -12.22 -25.72
CA THR A 162 20.79 -11.97 -25.89
C THR A 162 20.31 -12.39 -27.28
N LYS A 163 21.08 -12.09 -28.32
CA LYS A 163 20.70 -12.47 -29.67
C LYS A 163 20.74 -13.98 -29.86
N ALA A 164 21.78 -14.63 -29.33
CA ALA A 164 21.84 -16.08 -29.38
C ALA A 164 20.68 -16.71 -28.62
N ALA A 165 20.34 -16.15 -27.46
CA ALA A 165 19.22 -16.67 -26.68
C ALA A 165 17.92 -16.56 -27.46
N GLU A 166 17.70 -15.42 -28.11
CA GLU A 166 16.51 -15.26 -28.93
C GLU A 166 16.46 -16.28 -30.07
N HIS A 167 17.60 -16.47 -30.74
CA HIS A 167 17.64 -17.45 -31.83
C HIS A 167 17.29 -18.84 -31.33
N LEU A 168 17.93 -19.27 -30.23
CA LEU A 168 17.67 -20.59 -29.67
C LEU A 168 16.21 -20.73 -29.25
N ALA A 169 15.64 -19.70 -28.62
CA ALA A 169 14.25 -19.78 -28.17
C ALA A 169 13.31 -19.94 -29.34
N LYS A 170 13.51 -19.16 -30.41
CA LYS A 170 12.65 -19.30 -31.57
C LYS A 170 12.75 -20.70 -32.18
N ARG A 171 13.98 -21.20 -32.31
CA ARG A 171 14.16 -22.53 -32.90
C ARG A 171 13.50 -23.60 -32.06
N LEU A 172 13.66 -23.53 -30.73
CA LEU A 172 13.00 -24.49 -29.85
C LEU A 172 11.49 -24.43 -29.98
N ALA A 173 10.92 -23.21 -29.95
CA ALA A 173 9.47 -23.09 -30.02
C ALA A 173 8.95 -23.68 -31.32
N ASN A 174 9.65 -23.43 -32.44
CA ASN A 174 9.24 -24.00 -33.71
C ASN A 174 9.36 -25.52 -33.71
N GLU A 175 10.44 -26.04 -33.13
CA GLU A 175 10.65 -27.49 -33.11
C GLU A 175 9.55 -28.19 -32.32
N ILE A 176 9.19 -27.65 -31.17
CA ILE A 176 8.26 -28.33 -30.27
C ILE A 176 6.89 -28.44 -30.92
N ARG A 177 6.45 -27.38 -31.59
CA ARG A 177 5.15 -27.38 -32.25
C ARG A 177 5.17 -26.36 -33.36
N PRO A 178 4.50 -26.59 -34.48
CA PRO A 178 4.40 -25.54 -35.50
C PRO A 178 3.70 -24.31 -34.92
N GLY A 179 4.17 -23.14 -35.34
CA GLY A 179 3.61 -21.89 -34.83
C GLY A 179 3.74 -21.76 -33.33
N GLY A 180 4.86 -22.19 -32.77
CA GLY A 180 5.07 -22.08 -31.33
C GLY A 180 5.45 -20.66 -30.94
N LYS A 181 4.86 -20.20 -29.83
CA LYS A 181 5.02 -18.83 -29.38
C LYS A 181 6.14 -18.73 -28.35
N VAL A 182 6.57 -17.50 -28.10
CA VAL A 182 7.59 -17.19 -27.10
C VAL A 182 7.10 -16.05 -26.24
N GLY A 183 7.31 -16.16 -24.94
CA GLY A 183 6.84 -15.17 -23.99
C GLY A 183 7.98 -14.62 -23.15
N LEU A 184 7.69 -13.50 -22.49
CA LEU A 184 8.65 -12.79 -21.65
C LEU A 184 8.23 -12.90 -20.20
N VAL A 185 9.13 -13.39 -19.35
CA VAL A 185 8.85 -13.56 -17.93
C VAL A 185 8.97 -12.21 -17.24
N PRO A 186 8.03 -11.82 -16.38
CA PRO A 186 8.16 -10.54 -15.67
C PRO A 186 9.45 -10.46 -14.86
N ARG A 187 10.06 -9.28 -14.84
CA ARG A 187 11.29 -9.04 -14.11
C ARG A 187 10.97 -8.41 -12.75
N GLU A 188 12.00 -7.95 -12.05
CA GLU A 188 11.83 -7.55 -10.65
C GLU A 188 10.87 -6.36 -10.50
N ALA A 189 10.96 -5.38 -11.39
CA ALA A 189 10.15 -4.18 -11.24
C ALA A 189 8.66 -4.46 -11.39
N VAL A 190 8.29 -5.59 -11.98
CA VAL A 190 6.91 -5.98 -12.18
C VAL A 190 6.64 -7.22 -11.33
N ASP A 191 5.47 -7.26 -10.68
CA ASP A 191 5.10 -8.36 -9.80
C ASP A 191 3.79 -9.02 -10.22
N HIS A 192 3.31 -8.77 -11.42
CA HIS A 192 2.08 -9.36 -11.90
C HIS A 192 2.30 -9.96 -13.28
N TRP A 193 1.55 -11.03 -13.57
CA TRP A 193 1.70 -11.83 -14.77
C TRP A 193 0.54 -11.65 -15.74
N ASP A 194 0.04 -10.42 -15.88
CA ASP A 194 -1.12 -10.20 -16.76
C ASP A 194 -0.79 -10.32 -18.23
N GLY A 195 0.50 -10.41 -18.60
CA GLY A 195 0.89 -10.52 -20.00
C GLY A 195 1.29 -11.93 -20.41
N TYR A 196 0.85 -12.93 -19.65
CA TYR A 196 1.20 -14.32 -19.88
C TYR A 196 0.09 -15.01 -20.66
N HIS A 197 0.47 -15.81 -21.66
CA HIS A 197 -0.50 -16.45 -22.54
C HIS A 197 -0.20 -17.93 -22.75
N GLY A 198 0.51 -18.57 -21.83
CA GLY A 198 0.79 -19.98 -21.94
C GLY A 198 1.65 -20.33 -23.14
N GLU A 199 2.73 -19.59 -23.34
CA GLU A 199 3.60 -19.80 -24.48
C GLU A 199 4.42 -21.08 -24.30
N GLU A 200 4.87 -21.62 -25.43
CA GLU A 200 5.68 -22.84 -25.40
C GLU A 200 7.00 -22.60 -24.69
N VAL A 201 7.64 -21.46 -24.97
CA VAL A 201 8.97 -21.16 -24.48
C VAL A 201 8.95 -19.79 -23.80
N MET A 202 9.66 -19.67 -22.69
CA MET A 202 9.79 -18.43 -21.95
C MET A 202 11.22 -17.94 -22.05
N LEU A 203 11.38 -16.62 -22.15
CA LEU A 203 12.68 -15.98 -22.32
C LEU A 203 12.90 -15.00 -21.19
N TRP A 204 14.07 -15.06 -20.56
CA TRP A 204 14.35 -14.28 -19.36
C TRP A 204 15.77 -13.73 -19.46
N ASP A 205 15.91 -12.41 -19.39
CA ASP A 205 17.20 -11.74 -19.58
C ASP A 205 17.61 -11.00 -18.32
N ASP A 206 18.92 -10.89 -18.11
CA ASP A 206 19.47 -10.16 -16.98
C ASP A 206 18.96 -10.75 -15.66
N TYR A 207 18.85 -12.07 -15.62
CA TYR A 207 18.64 -12.79 -14.38
C TYR A 207 19.74 -12.43 -13.38
N GLY A 208 19.33 -12.09 -12.16
CA GLY A 208 20.31 -11.78 -11.13
C GLY A 208 20.95 -10.42 -11.27
N MET A 209 20.26 -9.47 -11.91
CA MET A 209 20.80 -8.11 -12.03
C MET A 209 20.80 -7.40 -10.68
N THR A 210 19.67 -7.48 -9.95
CA THR A 210 19.53 -6.75 -8.70
C THR A 210 19.05 -7.63 -7.55
N LYS A 211 18.24 -8.64 -7.86
CA LYS A 211 17.50 -9.41 -6.85
C LYS A 211 17.80 -10.90 -6.97
N ILE A 212 19.08 -11.26 -6.91
CA ILE A 212 19.47 -12.65 -7.12
C ILE A 212 18.77 -13.58 -6.14
N GLN A 213 18.48 -13.11 -4.93
CA GLN A 213 17.77 -13.94 -3.96
C GLN A 213 16.32 -14.18 -4.41
N GLU A 214 15.63 -13.10 -4.78
CA GLU A 214 14.26 -13.24 -5.27
C GLU A 214 14.23 -13.94 -6.62
N ASP A 215 15.25 -13.71 -7.45
CA ASP A 215 15.34 -14.43 -8.72
C ASP A 215 15.51 -15.93 -8.49
N CYS A 216 16.34 -16.31 -7.51
CA CYS A 216 16.50 -17.72 -7.18
C CYS A 216 15.20 -18.32 -6.67
N ASN A 217 14.48 -17.56 -5.83
CA ASN A 217 13.20 -18.06 -5.33
C ASN A 217 12.22 -18.27 -6.47
N LYS A 218 12.17 -17.35 -7.43
CA LYS A 218 11.28 -17.52 -8.57
C LYS A 218 11.71 -18.68 -9.45
N LEU A 219 13.02 -18.91 -9.58
CA LEU A 219 13.51 -20.06 -10.34
C LEU A 219 13.11 -21.36 -9.68
N GLN A 220 13.19 -21.44 -8.35
CA GLN A 220 12.74 -22.64 -7.65
C GLN A 220 11.24 -22.83 -7.81
N ALA A 221 10.47 -21.76 -7.68
CA ALA A 221 9.02 -21.90 -7.81
C ALA A 221 8.61 -22.30 -9.22
N ILE A 222 9.30 -21.82 -10.24
CA ILE A 222 8.77 -21.89 -11.59
C ILE A 222 9.08 -23.23 -12.26
N ALA A 223 10.22 -23.84 -11.95
CA ALA A 223 10.62 -25.10 -12.57
C ALA A 223 10.03 -26.33 -11.88
N ASP A 224 9.27 -26.15 -10.81
CA ASP A 224 8.72 -27.28 -10.08
C ASP A 224 7.65 -27.97 -10.91
N SER A 225 7.40 -29.25 -10.60
CA SER A 225 6.37 -30.02 -11.28
C SER A 225 5.01 -29.92 -10.63
N ALA A 226 4.92 -29.31 -9.45
CA ALA A 226 3.64 -29.09 -8.79
C ALA A 226 2.91 -27.92 -9.43
N PRO A 227 1.57 -27.91 -9.38
CA PRO A 227 0.84 -26.77 -9.96
C PRO A 227 1.20 -25.47 -9.25
N LEU A 228 1.30 -24.40 -10.03
CA LEU A 228 1.68 -23.08 -9.53
C LEU A 228 0.68 -22.05 -10.00
N THR A 229 0.30 -21.14 -9.10
CA THR A 229 -0.65 -20.08 -9.39
C THR A 229 0.09 -18.75 -9.44
N LEU A 230 -0.20 -17.96 -10.47
CA LEU A 230 0.52 -16.72 -10.73
C LEU A 230 -0.28 -15.53 -10.20
N ASN A 231 0.45 -14.54 -9.71
CA ASN A 231 -0.17 -13.30 -9.27
C ASN A 231 -0.63 -12.49 -10.48
N CYS A 232 -1.79 -11.86 -10.35
CA CYS A 232 -2.33 -11.01 -11.41
C CYS A 232 -3.14 -9.90 -10.77
N ASP A 233 -3.38 -8.84 -11.56
CA ASP A 233 -4.11 -7.67 -11.10
C ASP A 233 -5.55 -7.65 -11.58
N ARG A 234 -5.77 -7.82 -12.88
CA ARG A 234 -7.13 -7.83 -13.41
C ARG A 234 -7.91 -9.01 -12.84
N ILE A 235 -9.21 -8.80 -12.65
CA ILE A 235 -10.02 -9.80 -11.97
C ILE A 235 -10.03 -11.12 -12.72
N GLU A 236 -10.18 -11.08 -14.05
CA GLU A 236 -10.24 -12.31 -14.82
C GLU A 236 -8.94 -13.10 -14.70
N ASN A 237 -7.80 -12.42 -14.80
CA ASN A 237 -6.52 -13.11 -14.78
C ASN A 237 -6.32 -13.88 -13.48
N LYS A 238 -6.93 -13.41 -12.39
CA LYS A 238 -6.80 -14.10 -11.11
C LYS A 238 -7.21 -15.56 -11.26
N GLY A 239 -6.40 -16.45 -10.71
CA GLY A 239 -6.56 -17.87 -10.97
C GLY A 239 -5.90 -18.27 -12.28
N MET A 240 -4.60 -17.98 -12.40
CA MET A 240 -3.84 -18.20 -13.62
C MET A 240 -2.78 -19.26 -13.37
N GLN A 241 -2.79 -20.31 -14.17
CA GLN A 241 -1.83 -21.38 -14.07
C GLN A 241 -0.61 -21.11 -14.94
N PHE A 242 0.50 -21.75 -14.59
CA PHE A 242 1.72 -21.70 -15.39
C PHE A 242 1.85 -23.01 -16.16
N VAL A 243 1.99 -22.91 -17.49
CA VAL A 243 2.16 -24.08 -18.35
C VAL A 243 3.11 -23.68 -19.48
N SER A 244 4.33 -24.20 -19.44
CA SER A 244 5.30 -23.94 -20.50
C SER A 244 6.39 -24.99 -20.44
N ASP A 245 7.04 -25.22 -21.57
CA ASP A 245 7.93 -26.36 -21.72
C ASP A 245 9.40 -26.04 -21.55
N ALA A 246 9.84 -24.81 -21.89
CA ALA A 246 11.25 -24.48 -21.82
C ALA A 246 11.44 -23.06 -21.32
N ILE A 247 12.56 -22.81 -20.64
CA ILE A 247 12.92 -21.50 -20.12
C ILE A 247 14.36 -21.23 -20.49
N VAL A 248 14.60 -20.15 -21.25
CA VAL A 248 15.93 -19.76 -21.69
C VAL A 248 16.31 -18.50 -20.92
N ILE A 249 17.42 -18.56 -20.21
CA ILE A 249 17.84 -17.52 -19.27
C ILE A 249 19.22 -17.02 -19.68
N THR A 250 19.38 -15.70 -19.72
CA THR A 250 20.66 -15.07 -20.03
C THR A 250 21.12 -14.27 -18.81
N THR A 251 22.36 -14.49 -18.39
CA THR A 251 22.84 -14.00 -17.11
C THR A 251 24.23 -13.38 -17.26
N ASN A 252 24.55 -12.46 -16.35
CA ASN A 252 25.89 -11.91 -16.23
C ASN A 252 26.60 -12.38 -14.97
N ALA A 253 25.88 -12.85 -13.98
CA ALA A 253 26.46 -13.39 -12.76
C ALA A 253 26.99 -14.80 -12.99
N PRO A 254 27.96 -15.24 -12.17
CA PRO A 254 28.50 -16.60 -12.33
C PRO A 254 27.60 -17.63 -11.66
N GLY A 255 27.07 -18.55 -12.44
CA GLY A 255 26.28 -19.63 -11.92
C GLY A 255 24.92 -19.18 -11.43
N PRO A 256 23.99 -20.13 -11.33
CA PRO A 256 22.61 -19.76 -10.96
C PRO A 256 22.46 -19.13 -9.59
N ALA A 257 23.32 -19.46 -8.64
CA ALA A 257 23.23 -18.90 -7.29
C ALA A 257 24.62 -18.65 -6.75
N PRO A 258 24.76 -17.73 -5.79
CA PRO A 258 26.05 -17.53 -5.14
C PRO A 258 26.46 -18.74 -4.30
N VAL A 259 27.78 -18.87 -4.14
CA VAL A 259 28.33 -20.07 -3.50
C VAL A 259 27.89 -20.22 -2.05
N ASP A 260 27.40 -19.15 -1.44
CA ASP A 260 27.01 -19.17 -0.03
C ASP A 260 25.50 -19.30 0.15
N PHE A 261 24.76 -19.58 -0.92
CA PHE A 261 23.31 -19.65 -0.83
C PHE A 261 22.89 -20.97 -0.18
N VAL A 262 21.99 -20.88 0.79
CA VAL A 262 21.60 -22.05 1.58
C VAL A 262 20.95 -23.10 0.68
N ASN A 263 20.28 -22.67 -0.38
CA ASN A 263 19.67 -23.57 -1.35
C ASN A 263 20.45 -23.61 -2.65
N LEU A 264 21.78 -23.61 -2.56
CA LEU A 264 22.61 -23.67 -3.77
C LEU A 264 22.31 -24.93 -4.57
N GLY A 265 22.38 -26.08 -3.93
CA GLY A 265 22.16 -27.34 -4.61
C GLY A 265 20.77 -27.45 -5.19
N PRO A 266 19.76 -27.13 -4.40
CA PRO A 266 18.38 -27.20 -4.91
C PRO A 266 18.13 -26.35 -6.15
N VAL A 267 18.75 -25.17 -6.24
CA VAL A 267 18.52 -24.32 -7.42
C VAL A 267 19.40 -24.77 -8.57
N CYS A 268 20.59 -25.32 -8.30
CA CYS A 268 21.41 -25.83 -9.39
C CYS A 268 20.78 -27.06 -10.03
N ARG A 269 20.16 -27.92 -9.24
CA ARG A 269 19.56 -29.14 -9.80
C ARG A 269 18.40 -28.84 -10.73
N ARG A 270 17.78 -27.67 -10.63
CA ARG A 270 16.69 -27.29 -11.52
C ARG A 270 17.17 -26.87 -12.90
N VAL A 271 18.47 -26.67 -13.09
CA VAL A 271 19.04 -26.21 -14.36
C VAL A 271 19.50 -27.42 -15.15
N ASP A 272 18.91 -27.61 -16.33
CA ASP A 272 19.26 -28.75 -17.16
C ASP A 272 20.54 -28.49 -17.96
N PHE A 273 20.54 -27.44 -18.77
CA PHE A 273 21.70 -27.08 -19.57
C PHE A 273 22.29 -25.78 -19.06
N LEU A 274 23.59 -25.79 -18.75
CA LEU A 274 24.30 -24.63 -18.25
C LEU A 274 25.47 -24.35 -19.17
N VAL A 275 25.41 -23.24 -19.90
CA VAL A 275 26.37 -22.91 -20.94
C VAL A 275 27.22 -21.73 -20.49
N TYR A 276 28.52 -21.80 -20.73
CA TYR A 276 29.43 -20.71 -20.48
C TYR A 276 30.04 -20.27 -21.80
N CYS A 277 29.95 -18.97 -22.10
CA CYS A 277 30.26 -18.44 -23.41
C CYS A 277 31.51 -17.56 -23.36
N THR A 278 32.20 -17.49 -24.49
CA THR A 278 33.36 -16.61 -24.62
C THR A 278 33.58 -16.29 -26.09
N ALA A 279 33.94 -15.04 -26.38
CA ALA A 279 34.16 -14.57 -27.74
C ALA A 279 35.54 -13.95 -27.83
N PRO A 280 36.59 -14.76 -27.95
CA PRO A 280 37.96 -14.22 -27.81
C PRO A 280 38.32 -13.10 -28.76
N GLU A 281 37.89 -13.17 -30.03
CA GLU A 281 38.25 -12.13 -30.98
C GLU A 281 37.61 -10.79 -30.61
N VAL A 282 36.33 -10.81 -30.24
CA VAL A 282 35.65 -9.58 -29.85
C VAL A 282 36.35 -8.96 -28.65
N GLU A 283 36.68 -9.78 -27.66
CA GLU A 283 37.33 -9.27 -26.45
C GLU A 283 38.69 -8.68 -26.78
N HIS A 284 39.48 -9.38 -27.60
CA HIS A 284 40.80 -8.85 -27.96
C HIS A 284 40.66 -7.52 -28.69
N THR A 285 39.76 -7.43 -29.66
CA THR A 285 39.61 -6.19 -30.40
C THR A 285 39.22 -5.05 -29.48
N ARG A 286 38.13 -5.22 -28.70
CA ARG A 286 37.70 -4.13 -27.86
C ARG A 286 38.72 -3.80 -26.78
N LYS A 287 39.68 -4.69 -26.53
CA LYS A 287 40.82 -4.34 -25.68
C LYS A 287 41.88 -3.55 -26.43
N VAL A 288 42.04 -3.80 -27.73
CA VAL A 288 43.12 -3.17 -28.48
C VAL A 288 42.70 -1.87 -29.16
N SER A 289 41.45 -1.74 -29.56
CA SER A 289 40.92 -0.53 -30.22
C SER A 289 39.65 -0.10 -29.52
N PRO A 290 39.76 0.65 -28.42
CA PRO A 290 38.57 0.98 -27.63
C PRO A 290 37.49 1.74 -28.40
N GLY A 291 37.87 2.67 -29.26
CA GLY A 291 36.89 3.55 -29.88
C GLY A 291 36.44 3.13 -31.26
N ASP A 292 37.10 2.14 -31.86
CA ASP A 292 36.81 1.73 -33.23
C ASP A 292 35.55 0.86 -33.21
N THR A 293 34.44 1.41 -33.71
CA THR A 293 33.16 0.73 -33.67
C THR A 293 32.93 -0.17 -34.88
N THR A 294 33.41 0.25 -36.06
CA THR A 294 33.31 -0.60 -37.23
C THR A 294 34.14 -1.87 -37.07
N ALA A 295 35.34 -1.74 -36.49
CA ALA A 295 36.15 -2.93 -36.22
C ALA A 295 35.42 -3.87 -35.27
N LEU A 296 34.76 -3.33 -34.25
CA LEU A 296 33.96 -4.17 -33.36
C LEU A 296 32.85 -4.86 -34.13
N LYS A 297 32.19 -4.14 -35.04
CA LYS A 297 31.12 -4.75 -35.82
C LYS A 297 31.63 -5.89 -36.68
N ASP A 298 32.87 -5.79 -37.17
CA ASP A 298 33.39 -6.80 -38.08
C ASP A 298 33.45 -8.19 -37.46
N CYS A 299 33.40 -8.29 -36.14
CA CYS A 299 33.67 -9.55 -35.44
C CYS A 299 32.45 -10.46 -35.30
N PHE A 300 31.25 -10.00 -35.64
CA PHE A 300 30.03 -10.75 -35.37
C PHE A 300 29.49 -11.34 -36.67
N LYS A 301 29.26 -12.66 -36.66
CA LYS A 301 28.84 -13.39 -37.84
C LYS A 301 27.36 -13.73 -37.76
N PRO A 302 26.68 -13.83 -38.91
CA PRO A 302 25.24 -14.13 -38.90
C PRO A 302 24.90 -15.56 -38.53
N ASP A 303 25.89 -16.44 -38.38
CA ASP A 303 25.67 -17.82 -37.95
C ASP A 303 26.05 -18.05 -36.50
N PHE A 304 26.44 -17.00 -35.77
CA PHE A 304 26.81 -17.09 -34.36
C PHE A 304 28.08 -17.90 -34.16
N SER A 305 28.95 -17.94 -35.16
CA SER A 305 30.18 -18.70 -35.07
C SER A 305 31.30 -17.96 -34.36
N HIS A 306 31.04 -16.73 -33.91
CA HIS A 306 32.01 -16.00 -33.11
C HIS A 306 32.00 -16.41 -31.63
N LEU A 307 30.98 -17.17 -31.21
CA LEU A 307 30.85 -17.60 -29.83
C LEU A 307 31.48 -18.97 -29.63
N LYS A 308 32.03 -19.17 -28.43
CA LYS A 308 32.59 -20.44 -27.99
C LYS A 308 31.84 -20.87 -26.73
N MET A 309 31.20 -22.04 -26.79
CA MET A 309 30.31 -22.52 -25.75
C MET A 309 30.88 -23.75 -25.08
N GLU A 310 30.97 -23.72 -23.76
CA GLU A 310 31.32 -24.87 -22.95
C GLU A 310 30.13 -25.28 -22.09
N LEU A 311 30.01 -26.58 -21.87
CA LEU A 311 28.93 -27.16 -21.08
C LEU A 311 29.52 -27.78 -19.82
N ALA A 312 28.83 -27.58 -18.69
CA ALA A 312 29.32 -27.95 -17.38
C ALA A 312 28.70 -29.25 -16.91
N PRO A 313 29.30 -29.91 -15.92
CA PRO A 313 28.73 -31.15 -15.40
C PRO A 313 27.33 -30.94 -14.85
N GLN A 314 26.50 -31.96 -15.01
CA GLN A 314 25.12 -31.86 -14.52
C GLN A 314 25.11 -31.51 -13.04
N GLY A 315 24.30 -30.53 -12.68
CA GLY A 315 24.21 -30.07 -11.31
C GLY A 315 25.27 -29.09 -10.90
N GLY A 316 26.21 -28.76 -11.78
CA GLY A 316 27.32 -27.90 -11.40
C GLY A 316 26.88 -26.46 -11.17
N PHE A 317 27.73 -25.71 -10.48
CA PHE A 317 27.47 -24.31 -10.18
C PHE A 317 28.49 -23.35 -10.77
N ASP A 318 29.63 -23.82 -11.27
CA ASP A 318 30.62 -22.95 -11.89
C ASP A 318 31.17 -23.63 -13.13
N ASN A 319 32.11 -22.97 -13.80
CA ASN A 319 32.63 -23.40 -15.09
C ASN A 319 33.93 -24.18 -14.99
N GLN A 320 34.39 -24.51 -13.78
CA GLN A 320 35.58 -25.34 -13.60
C GLN A 320 35.22 -26.79 -13.34
N GLY A 321 33.95 -27.17 -13.47
CA GLY A 321 33.54 -28.54 -13.32
C GLY A 321 33.09 -28.92 -11.92
N ASN A 322 33.29 -28.06 -10.93
CA ASN A 322 32.87 -28.40 -9.57
C ASN A 322 31.35 -28.61 -9.54
N THR A 323 30.93 -29.57 -8.75
CA THR A 323 29.54 -29.94 -8.56
C THR A 323 29.26 -30.08 -7.08
N PRO A 324 28.00 -30.03 -6.67
CA PRO A 324 27.69 -30.28 -5.25
C PRO A 324 28.15 -31.65 -4.78
N PHE A 325 28.12 -32.66 -5.64
CA PHE A 325 28.47 -34.03 -5.26
C PHE A 325 29.93 -34.37 -5.51
N GLY A 326 30.72 -33.45 -6.05
CA GLY A 326 32.10 -33.76 -6.40
C GLY A 326 32.66 -32.83 -7.45
N LYS A 327 33.23 -33.39 -8.51
CA LYS A 327 33.81 -32.59 -9.59
C LYS A 327 33.68 -33.38 -10.89
N GLY A 328 33.76 -32.65 -12.01
CA GLY A 328 33.64 -33.26 -13.32
C GLY A 328 34.53 -32.63 -14.37
N VAL A 329 34.06 -32.62 -15.62
CA VAL A 329 34.82 -32.11 -16.75
C VAL A 329 33.91 -31.28 -17.64
N MET A 330 34.44 -30.18 -18.17
CA MET A 330 33.71 -29.36 -19.12
C MET A 330 33.77 -30.00 -20.51
N LYS A 331 32.81 -29.64 -21.36
CA LYS A 331 32.78 -30.15 -22.72
C LYS A 331 32.55 -29.03 -23.71
N PRO A 332 33.07 -29.14 -24.93
CA PRO A 332 32.69 -28.19 -25.98
C PRO A 332 31.25 -28.42 -26.43
N THR A 333 30.65 -27.38 -27.00
CA THR A 333 29.32 -27.53 -27.57
C THR A 333 29.08 -26.43 -28.59
N THR A 334 27.92 -26.49 -29.23
CA THR A 334 27.52 -25.51 -30.24
C THR A 334 26.01 -25.29 -30.13
N ILE A 335 25.52 -24.29 -30.83
CA ILE A 335 24.13 -23.87 -30.67
C ILE A 335 23.18 -24.93 -31.24
N ASN A 336 23.49 -25.48 -32.41
CA ASN A 336 22.63 -26.50 -33.01
C ASN A 336 22.69 -27.81 -32.22
N ARG A 337 23.88 -28.17 -31.74
CA ARG A 337 24.01 -29.36 -30.90
C ARG A 337 23.25 -29.19 -29.60
N LEU A 338 23.35 -28.02 -28.97
CA LEU A 338 22.59 -27.76 -27.76
C LEU A 338 21.09 -27.83 -28.05
N LEU A 339 20.67 -27.29 -29.19
CA LEU A 339 19.26 -27.35 -29.56
C LEU A 339 18.78 -28.78 -29.68
N ILE A 340 19.58 -29.62 -30.34
CA ILE A 340 19.16 -31.01 -30.55
C ILE A 340 19.10 -31.76 -29.22
N GLN A 341 20.08 -31.56 -28.35
CA GLN A 341 20.05 -32.22 -27.05
C GLN A 341 18.87 -31.74 -26.22
N ALA A 342 18.58 -30.44 -26.25
CA ALA A 342 17.44 -29.92 -25.49
C ALA A 342 16.13 -30.49 -26.01
N VAL A 343 15.99 -30.59 -27.34
CA VAL A 343 14.77 -31.18 -27.89
C VAL A 343 14.63 -32.62 -27.46
N ALA A 344 15.74 -33.37 -27.49
CA ALA A 344 15.70 -34.77 -27.04
C ALA A 344 15.26 -34.86 -25.59
N LEU A 345 15.84 -34.03 -24.72
CA LEU A 345 15.50 -34.11 -23.30
C LEU A 345 14.05 -33.73 -23.06
N THR A 346 13.57 -32.66 -23.69
CA THR A 346 12.18 -32.26 -23.47
C THR A 346 11.22 -33.31 -24.00
N MET A 347 11.54 -33.93 -25.14
CA MET A 347 10.68 -34.99 -25.65
C MET A 347 10.64 -36.18 -24.70
N GLU A 348 11.80 -36.58 -24.16
CA GLU A 348 11.82 -37.68 -23.21
C GLU A 348 11.00 -37.36 -21.97
N ARG A 349 11.17 -36.14 -21.44
CA ARG A 349 10.45 -35.74 -20.24
C ARG A 349 8.95 -35.72 -20.48
N GLN A 350 8.52 -35.18 -21.62
CA GLN A 350 7.10 -35.16 -21.96
C GLN A 350 6.57 -36.57 -22.11
N ASP A 351 7.33 -37.46 -22.75
CA ASP A 351 6.89 -38.84 -22.91
C ASP A 351 6.71 -39.53 -21.57
N GLU A 352 7.68 -39.39 -20.67
CA GLU A 352 7.58 -40.06 -19.38
C GLU A 352 6.44 -39.47 -18.55
N PHE A 353 6.20 -38.16 -18.66
CA PHE A 353 5.05 -37.57 -17.98
C PHE A 353 3.74 -38.14 -18.52
N GLN A 354 3.63 -38.26 -19.84
CA GLN A 354 2.37 -38.71 -20.43
C GLN A 354 2.11 -40.19 -20.11
N LEU A 355 3.12 -41.05 -20.30
CA LEU A 355 2.91 -42.47 -20.04
C LEU A 355 2.62 -42.72 -18.57
N GLN A 356 3.20 -41.93 -17.67
CA GLN A 356 2.96 -42.05 -16.24
C GLN A 356 3.53 -43.36 -15.70
N ASP B 57 -27.07 16.15 -48.37
CA ASP B 57 -26.77 14.82 -47.75
C ASP B 57 -25.28 14.49 -47.88
N GLN B 58 -24.46 15.55 -47.85
CA GLN B 58 -23.02 15.35 -47.94
C GLN B 58 -22.48 14.51 -46.80
N THR B 59 -23.19 14.51 -45.65
CA THR B 59 -22.76 13.69 -44.53
C THR B 59 -22.72 12.22 -44.90
N GLU B 60 -23.75 11.74 -45.61
CA GLU B 60 -23.76 10.35 -46.03
C GLU B 60 -22.61 10.06 -47.00
N LYS B 61 -22.32 10.99 -47.90
CA LYS B 61 -21.24 10.76 -48.86
C LYS B 61 -19.89 10.67 -48.15
N THR B 62 -19.61 11.60 -47.23
CA THR B 62 -18.35 11.53 -46.51
C THR B 62 -18.28 10.29 -45.62
N LEU B 63 -19.41 9.88 -45.04
CA LEU B 63 -19.43 8.65 -44.26
C LEU B 63 -19.11 7.44 -45.12
N LYS B 64 -19.67 7.40 -46.33
CA LYS B 64 -19.35 6.30 -47.24
C LYS B 64 -17.88 6.31 -47.63
N ASP B 65 -17.32 7.51 -47.85
CA ASP B 65 -15.89 7.60 -48.13
C ASP B 65 -15.06 7.07 -46.96
N ILE B 66 -15.45 7.42 -45.74
CA ILE B 66 -14.75 6.92 -44.56
C ILE B 66 -14.85 5.41 -44.47
N GLU B 67 -16.04 4.86 -44.77
CA GLU B 67 -16.21 3.42 -44.75
C GLU B 67 -15.32 2.75 -45.80
N SER B 68 -15.23 3.34 -46.98
CA SER B 68 -14.35 2.79 -48.01
C SER B 68 -12.90 2.81 -47.55
N ALA B 69 -12.48 3.91 -46.92
CA ALA B 69 -11.11 3.97 -46.40
C ALA B 69 -10.89 2.92 -45.32
N VAL B 70 -11.89 2.68 -44.47
CA VAL B 70 -11.78 1.65 -43.44
C VAL B 70 -11.62 0.28 -44.08
N ILE B 71 -12.41 0.00 -45.12
CA ILE B 71 -12.27 -1.28 -45.82
C ILE B 71 -10.89 -1.41 -46.43
N ASP B 72 -10.38 -0.32 -47.00
CA ASP B 72 -9.05 -0.34 -47.59
C ASP B 72 -7.99 -0.68 -46.52
N MET B 73 -8.09 -0.03 -45.36
CA MET B 73 -7.15 -0.32 -44.29
C MET B 73 -7.28 -1.77 -43.82
N GLU B 74 -8.52 -2.27 -43.73
CA GLU B 74 -8.73 -3.65 -43.30
C GLU B 74 -8.07 -4.62 -44.26
N VAL B 75 -8.25 -4.43 -45.56
CA VAL B 75 -7.63 -5.33 -46.52
C VAL B 75 -6.12 -5.18 -46.50
N LEU B 76 -5.62 -3.96 -46.27
CA LEU B 76 -4.18 -3.75 -46.21
C LEU B 76 -3.56 -4.49 -45.01
N SER B 77 -4.24 -4.48 -43.87
CA SER B 77 -3.68 -5.10 -42.68
C SER B 77 -3.50 -6.60 -42.86
N SER B 78 -4.45 -7.25 -43.52
CA SER B 78 -4.39 -8.69 -43.72
C SER B 78 -3.22 -9.12 -44.60
N THR B 79 -2.60 -8.19 -45.32
CA THR B 79 -1.54 -8.54 -46.26
C THR B 79 -0.41 -9.29 -45.57
N SER B 80 0.24 -8.65 -44.60
CA SER B 80 1.35 -9.28 -43.90
C SER B 80 1.54 -8.53 -42.58
N VAL B 81 0.97 -9.08 -41.50
CA VAL B 81 1.10 -8.43 -40.21
C VAL B 81 2.55 -8.48 -39.73
N THR B 82 3.25 -9.58 -40.00
CA THR B 82 4.61 -9.74 -39.50
C THR B 82 5.55 -8.69 -40.10
N GLN B 83 5.49 -8.50 -41.42
CA GLN B 83 6.38 -7.54 -42.06
C GLN B 83 6.00 -6.11 -41.68
N LEU B 84 4.71 -5.80 -41.69
CA LEU B 84 4.27 -4.48 -41.26
C LEU B 84 4.73 -4.18 -39.85
N VAL B 85 4.68 -5.19 -38.97
CA VAL B 85 5.23 -5.03 -37.62
C VAL B 85 6.73 -4.75 -37.69
N ARG B 86 7.44 -5.47 -38.57
CA ARG B 86 8.87 -5.22 -38.71
C ARG B 86 9.13 -3.79 -39.19
N ASP B 87 8.29 -3.27 -40.08
CA ASP B 87 8.43 -1.91 -40.60
C ASP B 87 7.80 -0.96 -39.60
N LYS B 88 8.64 -0.27 -38.83
CA LYS B 88 8.13 0.59 -37.77
C LYS B 88 7.48 1.85 -38.33
N GLN B 89 8.10 2.48 -39.32
CA GLN B 89 7.57 3.72 -39.87
C GLN B 89 6.18 3.49 -40.47
N SER B 90 6.04 2.41 -41.25
CA SER B 90 4.75 2.09 -41.83
C SER B 90 3.71 1.83 -40.76
N ALA B 91 4.09 1.12 -39.70
CA ALA B 91 3.14 0.84 -38.62
C ALA B 91 2.69 2.11 -37.92
N ARG B 92 3.63 3.01 -37.63
CA ARG B 92 3.26 4.26 -36.99
C ARG B 92 2.33 5.09 -37.88
N ALA B 93 2.64 5.15 -39.17
CA ALA B 93 1.76 5.89 -40.09
C ALA B 93 0.38 5.25 -40.14
N TYR B 94 0.33 3.91 -40.17
CA TYR B 94 -0.94 3.22 -40.21
C TYR B 94 -1.78 3.52 -38.98
N MET B 95 -1.16 3.46 -37.80
CA MET B 95 -1.90 3.75 -36.57
C MET B 95 -2.35 5.21 -36.54
N ALA B 96 -1.50 6.12 -36.99
CA ALA B 96 -1.88 7.53 -37.04
C ALA B 96 -3.10 7.73 -37.91
N ILE B 97 -3.08 7.14 -39.10
CA ILE B 97 -4.22 7.26 -40.01
C ILE B 97 -5.47 6.66 -39.37
N LEU B 98 -5.32 5.50 -38.74
CA LEU B 98 -6.48 4.83 -38.14
C LEU B 98 -7.10 5.68 -37.05
N ASP B 99 -6.29 6.19 -36.13
CA ASP B 99 -6.82 6.99 -35.03
C ASP B 99 -7.40 8.31 -35.55
N ASN B 100 -6.76 8.92 -36.55
CA ASN B 100 -7.31 10.13 -37.13
C ASN B 100 -8.68 9.89 -37.73
N GLU B 101 -8.84 8.79 -38.47
CA GLU B 101 -10.13 8.47 -39.05
C GLU B 101 -11.18 8.22 -37.97
N GLU B 102 -10.80 7.48 -36.92
CA GLU B 102 -11.77 7.21 -35.85
C GLU B 102 -12.18 8.49 -35.14
N GLU B 103 -11.22 9.39 -34.89
CA GLU B 103 -11.55 10.67 -34.27
C GLU B 103 -12.47 11.49 -35.15
N LYS B 104 -12.22 11.50 -36.46
CA LYS B 104 -13.10 12.21 -37.37
C LYS B 104 -14.51 11.64 -37.33
N ALA B 105 -14.62 10.30 -37.32
CA ALA B 105 -15.94 9.67 -37.26
C ALA B 105 -16.66 10.06 -35.98
N ARG B 106 -15.96 10.03 -34.85
CA ARG B 106 -16.57 10.38 -33.58
C ARG B 106 -17.00 11.85 -33.56
N LYS B 107 -16.16 12.74 -34.10
CA LYS B 107 -16.51 14.15 -34.12
C LYS B 107 -17.75 14.39 -34.98
N LEU B 108 -17.80 13.80 -36.18
CA LEU B 108 -18.98 13.99 -37.02
C LEU B 108 -20.21 13.35 -36.40
N SER B 109 -20.04 12.28 -35.63
CA SER B 109 -21.15 11.73 -34.87
C SER B 109 -21.65 12.73 -33.84
N VAL B 110 -20.73 13.40 -33.15
CA VAL B 110 -21.11 14.38 -32.13
C VAL B 110 -21.84 15.55 -32.78
N ARG B 111 -21.41 15.95 -33.97
CA ARG B 111 -22.07 17.08 -34.63
C ARG B 111 -23.54 16.77 -34.90
N ASN B 112 -23.85 15.57 -35.35
CA ASN B 112 -25.19 15.16 -35.68
C ASN B 112 -25.85 14.44 -34.50
N ALA B 113 -27.14 14.15 -34.66
CA ALA B 113 -27.91 13.48 -33.62
C ALA B 113 -28.83 12.37 -34.13
N ASP B 114 -28.96 12.20 -35.45
CA ASP B 114 -29.85 11.19 -35.97
C ASP B 114 -29.32 9.79 -35.69
N PRO B 115 -30.20 8.79 -35.55
CA PRO B 115 -29.72 7.44 -35.25
C PRO B 115 -28.84 6.84 -36.33
N HIS B 116 -29.09 7.19 -37.61
CA HIS B 116 -28.37 6.53 -38.69
C HIS B 116 -26.87 6.81 -38.63
N VAL B 117 -26.50 8.07 -38.47
CA VAL B 117 -25.09 8.43 -38.46
C VAL B 117 -24.39 7.80 -37.27
N VAL B 118 -25.01 7.85 -36.09
CA VAL B 118 -24.37 7.28 -34.91
C VAL B 118 -24.22 5.77 -35.06
N SER B 119 -25.21 5.09 -35.65
CA SER B 119 -25.10 3.65 -35.85
C SER B 119 -23.99 3.30 -36.84
N SER B 120 -23.95 4.02 -37.96
CA SER B 120 -22.88 3.78 -38.92
C SER B 120 -21.52 4.02 -38.28
N THR B 121 -21.40 5.08 -37.49
CA THR B 121 -20.13 5.39 -36.85
C THR B 121 -19.76 4.32 -35.84
N ASN B 122 -20.74 3.79 -35.10
CA ASN B 122 -20.42 2.73 -34.15
C ASN B 122 -19.89 1.49 -34.87
N ALA B 123 -20.52 1.12 -35.99
CA ALA B 123 -20.02 -0.02 -36.77
C ALA B 123 -18.61 0.26 -37.30
N LEU B 124 -18.40 1.47 -37.83
CA LEU B 124 -17.08 1.81 -38.37
C LEU B 124 -16.02 1.75 -37.29
N ILE B 125 -16.32 2.27 -36.10
CA ILE B 125 -15.32 2.24 -35.03
C ILE B 125 -15.13 0.82 -34.52
N SER B 126 -16.17 -0.02 -34.58
CA SER B 126 -15.97 -1.42 -34.22
C SER B 126 -14.95 -2.06 -35.16
N ARG B 127 -15.06 -1.80 -36.46
CA ARG B 127 -14.07 -2.30 -37.41
C ARG B 127 -12.69 -1.72 -37.11
N ILE B 128 -12.64 -0.42 -36.80
CA ILE B 128 -11.37 0.24 -36.52
C ILE B 128 -10.70 -0.38 -35.29
N SER B 129 -11.48 -0.60 -34.23
CA SER B 129 -10.95 -1.21 -33.03
C SER B 129 -10.51 -2.64 -33.29
N MET B 130 -11.24 -3.38 -34.12
CA MET B 130 -10.79 -4.71 -34.50
C MET B 130 -9.41 -4.66 -35.12
N ALA B 131 -9.21 -3.75 -36.09
CA ALA B 131 -7.91 -3.64 -36.73
C ALA B 131 -6.83 -3.21 -35.73
N ARG B 132 -7.14 -2.24 -34.89
CA ARG B 132 -6.15 -1.76 -33.92
C ARG B 132 -5.75 -2.86 -32.96
N ALA B 133 -6.72 -3.65 -32.48
CA ALA B 133 -6.40 -4.76 -31.59
C ALA B 133 -5.57 -5.81 -32.29
N ALA B 134 -5.89 -6.11 -33.56
CA ALA B 134 -5.09 -7.09 -34.28
C ALA B 134 -3.64 -6.63 -34.41
N LEU B 135 -3.43 -5.37 -34.76
CA LEU B 135 -2.07 -4.88 -34.91
C LEU B 135 -1.36 -4.84 -33.56
N ALA B 136 -2.07 -4.48 -32.49
CA ALA B 136 -1.47 -4.50 -31.17
C ALA B 136 -1.05 -5.91 -30.78
N LYS B 137 -1.89 -6.90 -31.07
CA LYS B 137 -1.53 -8.29 -30.79
C LYS B 137 -0.28 -8.70 -31.57
N ALA B 138 -0.22 -8.34 -32.85
CA ALA B 138 0.97 -8.67 -33.63
C ALA B 138 2.21 -8.01 -33.05
N GLN B 139 2.09 -6.75 -32.63
CA GLN B 139 3.25 -6.02 -32.12
C GLN B 139 3.67 -6.47 -30.73
N ALA B 140 2.77 -7.11 -29.98
CA ALA B 140 3.09 -7.53 -28.61
C ALA B 140 3.84 -8.85 -28.54
N GLU B 141 3.87 -9.64 -29.61
CA GLU B 141 4.49 -10.95 -29.59
C GLU B 141 5.93 -10.96 -30.06
N MET B 142 6.48 -9.80 -30.43
CA MET B 142 7.83 -9.74 -30.97
C MET B 142 8.86 -10.17 -29.92
N THR B 143 9.93 -10.82 -30.39
CA THR B 143 10.99 -11.30 -29.52
C THR B 143 12.19 -10.36 -29.46
N SER B 144 12.23 -9.35 -30.33
CA SER B 144 13.28 -8.34 -30.27
C SER B 144 12.68 -7.00 -30.64
N ARG B 145 13.36 -5.95 -30.19
CA ARG B 145 13.09 -4.59 -30.63
C ARG B 145 14.40 -3.98 -31.11
N MET B 146 14.41 -2.69 -31.38
CA MET B 146 15.62 -2.00 -31.79
C MET B 146 16.27 -1.31 -30.59
N ARG B 147 17.58 -1.19 -30.63
CA ARG B 147 18.30 -0.50 -29.56
C ARG B 147 18.11 1.01 -29.68
N PRO B 148 17.61 1.69 -28.64
CA PRO B 148 17.57 3.16 -28.70
C PRO B 148 18.96 3.76 -28.75
N VAL B 149 19.05 4.92 -29.37
CA VAL B 149 20.28 5.70 -29.39
C VAL B 149 20.30 6.58 -28.14
N VAL B 150 21.37 6.46 -27.34
CA VAL B 150 21.45 7.11 -26.04
C VAL B 150 22.52 8.19 -26.10
N ILE B 151 22.11 9.43 -25.79
CA ILE B 151 23.02 10.56 -25.63
C ILE B 151 23.01 10.95 -24.17
N MET B 152 24.20 11.11 -23.56
CA MET B 152 24.29 11.54 -22.18
C MET B 152 25.27 12.70 -22.05
N MET B 153 24.79 13.83 -21.50
CA MET B 153 25.57 15.06 -21.35
C MET B 153 25.94 15.28 -19.89
N CYS B 154 27.24 15.42 -19.63
CA CYS B 154 27.76 15.63 -18.28
C CYS B 154 28.52 16.95 -18.24
N GLY B 155 28.22 17.77 -17.24
CA GLY B 155 28.90 19.03 -17.09
C GLY B 155 28.58 19.72 -15.78
N PRO B 156 29.28 20.81 -15.48
CA PRO B 156 29.00 21.58 -14.26
C PRO B 156 27.60 22.13 -14.26
N PRO B 157 27.16 22.73 -13.15
CA PRO B 157 25.77 23.20 -13.06
C PRO B 157 25.58 24.60 -13.64
N GLY B 158 24.41 24.79 -14.25
CA GLY B 158 24.00 26.10 -14.72
C GLY B 158 24.58 26.54 -16.05
N ILE B 159 25.13 25.63 -16.84
CA ILE B 159 25.80 26.00 -18.08
C ILE B 159 24.91 25.88 -19.31
N GLY B 160 23.82 25.12 -19.24
CA GLY B 160 22.91 25.03 -20.36
C GLY B 160 22.71 23.63 -20.91
N LYS B 161 22.94 22.60 -20.10
CA LYS B 161 22.77 21.23 -20.57
C LYS B 161 21.32 20.95 -20.93
N THR B 162 20.39 21.40 -20.09
CA THR B 162 18.98 21.07 -20.26
C THR B 162 18.39 21.71 -21.52
N LYS B 163 18.75 22.96 -21.80
CA LYS B 163 18.21 23.62 -23.00
C LYS B 163 18.82 23.04 -24.27
N ALA B 164 20.11 22.73 -24.26
CA ALA B 164 20.73 22.08 -25.40
C ALA B 164 20.10 20.72 -25.65
N ALA B 165 19.83 19.97 -24.59
CA ALA B 165 19.19 18.66 -24.72
C ALA B 165 17.79 18.80 -25.31
N GLU B 166 17.05 19.82 -24.89
CA GLU B 166 15.72 20.06 -25.47
C GLU B 166 15.82 20.33 -26.97
N HIS B 167 16.77 21.18 -27.37
CA HIS B 167 17.01 21.45 -28.78
C HIS B 167 17.29 20.16 -29.54
N LEU B 168 18.24 19.36 -29.04
CA LEU B 168 18.61 18.12 -29.72
C LEU B 168 17.43 17.17 -29.84
N ALA B 169 16.66 17.01 -28.75
CA ALA B 169 15.53 16.10 -28.79
C ALA B 169 14.50 16.52 -29.82
N LYS B 170 14.19 17.82 -29.89
CA LYS B 170 13.21 18.27 -30.88
C LYS B 170 13.70 17.99 -32.30
N ARG B 171 14.95 18.34 -32.60
CA ARG B 171 15.45 18.15 -33.95
C ARG B 171 15.46 16.68 -34.32
N LEU B 172 15.91 15.82 -33.40
CA LEU B 172 15.97 14.39 -33.68
C LEU B 172 14.59 13.78 -33.85
N ALA B 173 13.62 14.22 -33.03
CA ALA B 173 12.26 13.70 -33.16
C ALA B 173 11.66 14.06 -34.51
N ASN B 174 11.88 15.30 -34.98
CA ASN B 174 11.38 15.63 -36.32
C ASN B 174 12.14 14.87 -37.40
N GLU B 175 13.44 14.67 -37.20
CA GLU B 175 14.25 13.97 -38.20
C GLU B 175 13.78 12.53 -38.38
N ILE B 176 13.46 11.84 -37.29
CA ILE B 176 13.06 10.44 -37.40
C ILE B 176 11.78 10.32 -38.22
N ARG B 177 10.77 11.09 -37.87
CA ARG B 177 9.48 11.08 -38.55
C ARG B 177 8.97 12.51 -38.68
N PRO B 178 8.19 12.79 -39.72
CA PRO B 178 7.49 14.09 -39.75
C PRO B 178 6.41 14.17 -38.69
N GLY B 179 6.64 14.95 -37.65
CA GLY B 179 5.67 15.13 -36.60
C GLY B 179 5.80 14.21 -35.41
N GLY B 180 6.96 13.57 -35.23
CA GLY B 180 7.17 12.76 -34.05
C GLY B 180 7.20 13.59 -32.78
N LYS B 181 6.99 12.91 -31.66
CA LYS B 181 6.81 13.56 -30.37
C LYS B 181 7.96 13.22 -29.43
N VAL B 182 8.02 13.96 -28.32
CA VAL B 182 8.98 13.71 -27.25
C VAL B 182 8.20 13.44 -25.97
N GLY B 183 8.70 12.51 -25.16
CA GLY B 183 8.06 12.14 -23.93
C GLY B 183 9.02 12.21 -22.75
N LEU B 184 8.46 12.04 -21.55
CA LEU B 184 9.17 12.22 -20.30
C LEU B 184 9.39 10.86 -19.62
N VAL B 185 10.62 10.63 -19.20
CA VAL B 185 10.94 9.43 -18.42
C VAL B 185 10.48 9.63 -16.98
N PRO B 186 9.80 8.66 -16.38
CA PRO B 186 9.52 8.75 -14.94
C PRO B 186 10.81 8.81 -14.13
N ARG B 187 10.79 9.59 -13.07
CA ARG B 187 11.96 9.76 -12.21
C ARG B 187 11.76 9.03 -10.90
N GLU B 188 12.79 9.09 -10.05
CA GLU B 188 12.90 8.17 -8.92
C GLU B 188 11.72 8.24 -7.96
N ALA B 189 11.06 9.40 -7.85
CA ALA B 189 9.93 9.53 -6.94
C ALA B 189 8.61 9.03 -7.54
N VAL B 190 8.54 8.86 -8.85
CA VAL B 190 7.36 8.34 -9.53
C VAL B 190 7.66 6.92 -9.99
N ASP B 191 6.67 6.04 -9.80
CA ASP B 191 6.89 4.60 -9.84
C ASP B 191 6.26 3.91 -11.03
N HIS B 192 5.47 4.62 -11.83
CA HIS B 192 4.65 4.01 -12.85
C HIS B 192 4.80 4.82 -14.14
N TRP B 193 4.48 4.18 -15.25
CA TRP B 193 4.71 4.74 -16.59
C TRP B 193 3.39 5.12 -17.25
N ASP B 194 2.47 5.69 -16.49
CA ASP B 194 1.14 5.98 -17.02
C ASP B 194 1.12 7.19 -17.94
N GLY B 195 2.15 8.03 -17.91
CA GLY B 195 2.28 9.13 -18.84
C GLY B 195 3.04 8.81 -20.11
N TYR B 196 3.22 7.53 -20.42
CA TYR B 196 4.00 7.09 -21.58
C TYR B 196 3.03 6.67 -22.69
N HIS B 197 3.27 7.18 -23.90
CA HIS B 197 2.38 6.95 -25.04
C HIS B 197 3.13 6.37 -26.24
N GLY B 198 4.26 5.71 -26.00
CA GLY B 198 5.07 5.18 -27.08
C GLY B 198 5.74 6.23 -27.95
N GLU B 199 6.23 7.30 -27.34
CA GLU B 199 6.83 8.40 -28.09
C GLU B 199 8.19 7.98 -28.64
N GLU B 200 8.67 8.74 -29.62
CA GLU B 200 9.85 8.38 -30.40
C GLU B 200 11.16 8.83 -29.79
N VAL B 201 11.14 9.89 -28.97
CA VAL B 201 12.33 10.32 -28.23
C VAL B 201 11.92 10.56 -26.79
N MET B 202 12.84 10.27 -25.88
CA MET B 202 12.60 10.41 -24.45
C MET B 202 13.61 11.36 -23.84
N LEU B 203 13.17 12.11 -22.84
CA LEU B 203 14.01 13.03 -22.08
C LEU B 203 14.19 12.53 -20.65
N TRP B 204 15.41 12.65 -20.14
CA TRP B 204 15.72 12.25 -18.77
C TRP B 204 16.63 13.32 -18.16
N ASP B 205 16.03 14.25 -17.43
CA ASP B 205 16.75 15.33 -16.77
C ASP B 205 17.05 14.94 -15.33
N ASP B 206 18.20 15.40 -14.84
CA ASP B 206 18.65 15.11 -13.48
C ASP B 206 18.76 13.59 -13.26
N TYR B 207 19.68 12.99 -14.03
CA TYR B 207 19.99 11.58 -13.89
C TYR B 207 20.97 11.39 -12.73
N GLY B 208 20.62 10.50 -11.81
CA GLY B 208 21.46 10.27 -10.65
C GLY B 208 21.54 11.45 -9.69
N MET B 209 20.41 12.11 -9.43
CA MET B 209 20.37 13.20 -8.47
C MET B 209 20.45 12.67 -7.03
N THR B 210 19.69 11.63 -6.73
CA THR B 210 19.65 11.06 -5.38
C THR B 210 20.12 9.61 -5.33
N LYS B 211 19.51 8.74 -6.13
CA LYS B 211 19.76 7.31 -6.06
C LYS B 211 20.26 6.84 -7.43
N ILE B 212 21.58 6.92 -7.61
CA ILE B 212 22.16 6.67 -8.92
C ILE B 212 22.03 5.20 -9.31
N GLN B 213 22.16 4.29 -8.35
CA GLN B 213 22.16 2.87 -8.67
C GLN B 213 20.81 2.41 -9.23
N GLU B 214 19.72 2.94 -8.69
CA GLU B 214 18.41 2.66 -9.26
C GLU B 214 18.29 3.23 -10.68
N ASP B 215 18.87 4.41 -10.89
CA ASP B 215 18.92 4.98 -12.23
C ASP B 215 19.68 4.08 -13.19
N CYS B 216 20.80 3.51 -12.73
CA CYS B 216 21.56 2.57 -13.53
C CYS B 216 20.73 1.34 -13.87
N ASN B 217 19.99 0.82 -12.89
CA ASN B 217 19.15 -0.35 -13.15
C ASN B 217 18.09 -0.05 -14.20
N LYS B 218 17.45 1.11 -14.09
CA LYS B 218 16.43 1.49 -15.07
C LYS B 218 17.04 1.66 -16.47
N LEU B 219 18.18 2.34 -16.56
CA LEU B 219 18.80 2.57 -17.86
C LEU B 219 19.26 1.26 -18.49
N GLN B 220 19.78 0.33 -17.67
CA GLN B 220 20.16 -0.97 -18.21
C GLN B 220 18.94 -1.71 -18.74
N ALA B 221 17.81 -1.61 -18.04
CA ALA B 221 16.61 -2.30 -18.50
C ALA B 221 16.08 -1.71 -19.82
N ILE B 222 16.04 -0.38 -19.95
CA ILE B 222 15.36 0.20 -21.10
C ILE B 222 16.25 0.29 -22.34
N ALA B 223 17.56 0.46 -22.18
CA ALA B 223 18.46 0.50 -23.33
C ALA B 223 18.88 -0.93 -23.66
N ASP B 224 18.15 -1.56 -24.59
CA ASP B 224 18.41 -2.94 -24.94
C ASP B 224 17.50 -3.33 -26.10
N SER B 225 17.72 -4.52 -26.65
CA SER B 225 16.89 -5.07 -27.70
C SER B 225 16.01 -6.22 -27.23
N ALA B 226 16.01 -6.51 -25.94
CA ALA B 226 15.13 -7.49 -25.32
C ALA B 226 13.82 -6.82 -24.92
N PRO B 227 12.65 -7.40 -25.22
CA PRO B 227 11.38 -6.76 -24.85
C PRO B 227 11.24 -6.60 -23.35
N LEU B 228 10.55 -5.53 -22.95
CA LEU B 228 10.42 -5.16 -21.54
C LEU B 228 8.98 -4.72 -21.25
N THR B 229 8.45 -5.18 -20.11
CA THR B 229 7.13 -4.77 -19.65
C THR B 229 7.29 -3.71 -18.57
N LEU B 230 6.39 -2.72 -18.58
CA LEU B 230 6.48 -1.56 -17.71
C LEU B 230 5.40 -1.60 -16.64
N ASN B 231 5.80 -1.27 -15.41
CA ASN B 231 4.86 -1.18 -14.30
C ASN B 231 3.94 0.02 -14.47
N CYS B 232 2.65 -0.17 -14.19
CA CYS B 232 1.68 0.92 -14.24
C CYS B 232 0.62 0.69 -13.17
N ASP B 233 -0.36 1.58 -13.11
CA ASP B 233 -1.39 1.55 -12.08
C ASP B 233 -2.81 1.48 -12.62
N ARG B 234 -3.10 2.17 -13.71
CA ARG B 234 -4.42 2.07 -14.32
C ARG B 234 -4.60 0.68 -14.94
N ILE B 235 -5.81 0.14 -14.80
CA ILE B 235 -6.04 -1.26 -15.18
C ILE B 235 -5.80 -1.47 -16.66
N GLU B 236 -6.31 -0.58 -17.50
CA GLU B 236 -6.17 -0.78 -18.94
C GLU B 236 -4.73 -0.64 -19.42
N ASN B 237 -3.83 -0.12 -18.58
CA ASN B 237 -2.42 -0.02 -18.90
C ASN B 237 -1.59 -1.10 -18.22
N LYS B 238 -2.19 -2.26 -17.97
CA LYS B 238 -1.48 -3.39 -17.38
C LYS B 238 -0.87 -4.19 -18.52
N GLY B 239 0.46 -4.22 -18.58
CA GLY B 239 1.14 -5.01 -19.59
C GLY B 239 1.43 -4.26 -20.87
N MET B 240 2.00 -3.06 -20.76
CA MET B 240 2.51 -2.34 -21.91
C MET B 240 4.04 -2.31 -21.84
N GLN B 241 4.67 -2.09 -22.98
CA GLN B 241 6.11 -2.26 -23.15
C GLN B 241 6.76 -0.96 -23.59
N PHE B 242 8.09 -0.99 -23.70
CA PHE B 242 8.90 0.17 -24.06
C PHE B 242 9.35 0.04 -25.51
N VAL B 243 9.06 1.07 -26.31
CA VAL B 243 9.24 0.98 -27.75
C VAL B 243 9.90 2.23 -28.36
N SER B 244 10.55 3.05 -27.55
CA SER B 244 11.11 4.30 -28.05
C SER B 244 12.41 4.07 -28.83
N ASP B 245 12.78 5.08 -29.62
CA ASP B 245 13.94 5.02 -30.50
C ASP B 245 15.16 5.77 -30.02
N ALA B 246 15.02 6.75 -29.13
CA ALA B 246 16.17 7.53 -28.68
C ALA B 246 15.91 8.07 -27.28
N ILE B 247 17.00 8.27 -26.54
CA ILE B 247 16.95 8.76 -25.17
C ILE B 247 18.05 9.82 -24.99
N VAL B 248 17.66 10.98 -24.47
CA VAL B 248 18.58 12.09 -24.20
C VAL B 248 18.59 12.35 -22.70
N ILE B 249 19.78 12.36 -22.10
CA ILE B 249 19.95 12.39 -20.65
C ILE B 249 20.92 13.50 -20.28
N THR B 250 20.61 14.23 -19.20
CA THR B 250 21.54 15.21 -18.63
C THR B 250 21.87 14.84 -17.19
N THR B 251 23.10 15.11 -16.77
CA THR B 251 23.47 14.76 -15.41
C THR B 251 24.55 15.69 -14.89
N ASN B 252 24.65 15.77 -13.57
CA ASN B 252 25.76 16.43 -12.90
C ASN B 252 26.84 15.45 -12.45
N ALA B 253 26.58 14.16 -12.54
CA ALA B 253 27.52 13.14 -12.10
C ALA B 253 28.73 13.08 -13.04
N PRO B 254 29.82 12.45 -12.60
CA PRO B 254 31.03 12.37 -13.42
C PRO B 254 31.01 11.27 -14.48
N GLY B 255 29.96 10.45 -14.55
CA GLY B 255 29.88 9.43 -15.56
C GLY B 255 28.60 8.62 -15.46
N PRO B 256 28.41 7.68 -16.38
CA PRO B 256 27.17 6.87 -16.37
C PRO B 256 26.95 6.08 -15.09
N ALA B 257 28.00 5.54 -14.48
CA ALA B 257 27.86 4.76 -13.26
C ALA B 257 29.07 5.01 -12.38
N PRO B 258 28.96 4.79 -11.07
CA PRO B 258 30.14 4.89 -10.21
C PRO B 258 31.16 3.81 -10.52
N VAL B 259 32.43 4.17 -10.42
CA VAL B 259 33.49 3.27 -10.87
C VAL B 259 33.43 1.94 -10.15
N ASP B 260 33.21 1.96 -8.83
CA ASP B 260 33.16 0.74 -8.04
C ASP B 260 31.85 -0.02 -8.19
N PHE B 261 30.99 0.39 -9.11
CA PHE B 261 29.71 -0.29 -9.29
C PHE B 261 29.93 -1.69 -9.83
N VAL B 262 29.04 -2.60 -9.42
CA VAL B 262 29.13 -3.99 -9.86
C VAL B 262 28.85 -4.10 -11.36
N ASN B 263 27.92 -3.29 -11.88
CA ASN B 263 27.49 -3.35 -13.27
C ASN B 263 28.02 -2.18 -14.09
N LEU B 264 29.26 -1.77 -13.87
CA LEU B 264 29.84 -0.67 -14.63
C LEU B 264 29.84 -0.99 -16.13
N GLY B 265 30.37 -2.15 -16.51
CA GLY B 265 30.53 -2.51 -17.89
C GLY B 265 29.22 -2.69 -18.63
N PRO B 266 28.26 -3.41 -18.03
CA PRO B 266 26.95 -3.55 -18.68
C PRO B 266 26.24 -2.23 -18.96
N VAL B 267 26.42 -1.22 -18.12
CA VAL B 267 25.73 0.06 -18.34
C VAL B 267 26.51 0.95 -19.29
N CYS B 268 27.84 0.96 -19.21
CA CYS B 268 28.61 1.88 -20.05
C CYS B 268 28.46 1.55 -21.54
N ARG B 269 28.47 0.27 -21.89
CA ARG B 269 28.38 -0.10 -23.30
C ARG B 269 27.05 0.29 -23.94
N ARG B 270 26.01 0.50 -23.13
CA ARG B 270 24.70 0.84 -23.66
C ARG B 270 24.54 2.31 -24.00
N VAL B 271 25.54 3.14 -23.74
CA VAL B 271 25.50 4.57 -24.04
C VAL B 271 26.28 4.81 -25.32
N ASP B 272 25.60 5.34 -26.34
CA ASP B 272 26.19 5.49 -27.66
C ASP B 272 27.02 6.75 -27.79
N PHE B 273 26.51 7.88 -27.29
CA PHE B 273 27.23 9.15 -27.33
C PHE B 273 27.33 9.70 -25.91
N LEU B 274 28.55 9.85 -25.43
CA LEU B 274 28.84 10.38 -24.10
C LEU B 274 29.58 11.69 -24.28
N VAL B 275 28.96 12.81 -23.91
CA VAL B 275 29.51 14.13 -24.15
C VAL B 275 29.82 14.81 -22.83
N TYR B 276 30.99 15.44 -22.76
CA TYR B 276 31.41 16.23 -21.62
C TYR B 276 31.49 17.70 -22.01
N CYS B 277 30.79 18.55 -21.26
CA CYS B 277 30.54 19.93 -21.62
C CYS B 277 31.24 20.88 -20.66
N THR B 278 31.57 22.07 -21.15
CA THR B 278 32.11 23.13 -20.33
C THR B 278 31.85 24.47 -21.02
N ALA B 279 31.60 25.51 -20.23
CA ALA B 279 31.35 26.86 -20.73
C ALA B 279 32.26 27.84 -20.00
N PRO B 280 33.50 28.01 -20.47
CA PRO B 280 34.46 28.83 -19.70
C PRO B 280 34.03 30.28 -19.47
N GLU B 281 33.39 30.92 -20.44
CA GLU B 281 33.01 32.32 -20.27
C GLU B 281 31.96 32.47 -19.18
N VAL B 282 30.98 31.56 -19.13
CA VAL B 282 29.94 31.62 -18.11
C VAL B 282 30.56 31.48 -16.72
N GLU B 283 31.44 30.50 -16.56
CA GLU B 283 32.11 30.30 -15.28
C GLU B 283 32.91 31.52 -14.88
N HIS B 284 33.64 32.10 -15.83
CA HIS B 284 34.44 33.29 -15.52
C HIS B 284 33.55 34.44 -15.08
N THR B 285 32.47 34.69 -15.80
CA THR B 285 31.60 35.82 -15.46
C THR B 285 30.94 35.63 -14.11
N ARG B 286 30.45 34.42 -13.82
CA ARG B 286 29.79 34.22 -12.54
C ARG B 286 30.78 34.17 -11.39
N LYS B 287 32.07 33.95 -11.67
CA LYS B 287 33.06 34.02 -10.60
C LYS B 287 33.51 35.45 -10.35
N VAL B 288 33.63 36.26 -11.40
CA VAL B 288 34.18 37.59 -11.22
C VAL B 288 33.11 38.58 -10.76
N SER B 289 31.86 38.37 -11.15
CA SER B 289 30.76 39.27 -10.80
C SER B 289 29.62 38.45 -10.20
N PRO B 290 29.78 37.98 -8.96
CA PRO B 290 28.72 37.18 -8.33
C PRO B 290 27.51 38.04 -8.01
N GLY B 291 26.36 37.63 -8.54
CA GLY B 291 25.13 38.38 -8.35
C GLY B 291 24.82 39.42 -9.40
N ASP B 292 25.39 39.30 -10.60
CA ASP B 292 25.18 40.25 -11.69
C ASP B 292 24.39 39.54 -12.78
N THR B 293 23.06 39.55 -12.65
CA THR B 293 22.20 38.71 -13.47
C THR B 293 22.27 39.08 -14.95
N THR B 294 22.31 40.38 -15.26
CA THR B 294 22.30 40.79 -16.66
C THR B 294 23.63 40.48 -17.35
N ALA B 295 24.75 40.73 -16.66
CA ALA B 295 26.05 40.41 -17.25
C ALA B 295 26.18 38.93 -17.53
N LEU B 296 25.72 38.09 -16.60
CA LEU B 296 25.74 36.65 -16.83
C LEU B 296 24.84 36.27 -17.99
N LYS B 297 23.62 36.82 -18.04
CA LYS B 297 22.69 36.43 -19.09
C LYS B 297 23.16 36.88 -20.47
N ASP B 298 24.03 37.88 -20.54
CA ASP B 298 24.57 38.28 -21.82
C ASP B 298 25.51 37.25 -22.44
N CYS B 299 25.93 36.23 -21.68
CA CYS B 299 26.90 35.25 -22.16
C CYS B 299 26.28 34.06 -22.88
N PHE B 300 24.96 33.94 -22.91
CA PHE B 300 24.28 32.83 -23.55
C PHE B 300 23.83 33.23 -24.94
N LYS B 301 23.96 32.31 -25.90
CA LYS B 301 23.78 32.59 -27.31
C LYS B 301 22.70 31.68 -27.91
N PRO B 302 21.99 32.13 -28.94
CA PRO B 302 20.95 31.29 -29.54
C PRO B 302 21.49 30.15 -30.40
N ASP B 303 22.78 30.08 -30.66
CA ASP B 303 23.38 28.98 -31.42
C ASP B 303 24.28 28.11 -30.56
N PHE B 304 24.14 28.20 -29.23
CA PHE B 304 24.83 27.32 -28.29
C PHE B 304 26.34 27.39 -28.45
N SER B 305 26.85 28.51 -28.95
CA SER B 305 28.28 28.70 -29.12
C SER B 305 29.01 28.86 -27.79
N HIS B 306 28.30 29.06 -26.69
CA HIS B 306 28.92 29.21 -25.39
C HIS B 306 29.39 27.88 -24.81
N LEU B 307 28.86 26.77 -25.30
CA LEU B 307 29.10 25.45 -24.72
C LEU B 307 30.07 24.67 -25.59
N LYS B 308 31.18 24.24 -24.98
CA LYS B 308 32.19 23.44 -25.66
C LYS B 308 32.04 21.98 -25.25
N MET B 309 32.08 21.08 -26.24
CA MET B 309 31.72 19.67 -26.08
C MET B 309 32.85 18.77 -26.56
N GLU B 310 33.18 17.76 -25.76
CA GLU B 310 34.09 16.71 -26.20
C GLU B 310 33.41 15.36 -26.06
N LEU B 311 33.49 14.57 -27.13
CA LEU B 311 32.96 13.22 -27.20
C LEU B 311 33.99 12.22 -26.72
N ALA B 312 33.55 11.26 -25.91
CA ALA B 312 34.38 10.22 -25.31
C ALA B 312 34.28 8.92 -26.09
N PRO B 313 35.27 8.04 -25.97
CA PRO B 313 35.23 6.77 -26.71
C PRO B 313 34.00 5.96 -26.38
N GLN B 314 33.47 5.27 -27.38
CA GLN B 314 32.33 4.39 -27.18
C GLN B 314 32.62 3.41 -26.06
N GLY B 315 31.86 3.50 -24.97
CA GLY B 315 32.02 2.63 -23.83
C GLY B 315 32.83 3.20 -22.68
N GLY B 316 33.34 4.41 -22.80
CA GLY B 316 34.10 5.00 -21.71
C GLY B 316 33.23 5.41 -20.54
N PHE B 317 33.89 5.75 -19.42
CA PHE B 317 33.15 6.14 -18.23
C PHE B 317 33.71 7.37 -17.53
N ASP B 318 34.59 8.14 -18.16
CA ASP B 318 35.08 9.39 -17.58
C ASP B 318 35.51 10.31 -18.72
N ASN B 319 36.21 11.38 -18.36
CA ASN B 319 36.69 12.36 -19.33
C ASN B 319 38.20 12.32 -19.50
N GLN B 320 38.84 11.19 -19.16
CA GLN B 320 40.26 11.00 -19.39
C GLN B 320 40.51 9.96 -20.49
N GLY B 321 39.47 9.47 -21.16
CA GLY B 321 39.62 8.50 -22.21
C GLY B 321 39.51 7.06 -21.77
N ASN B 322 39.41 6.79 -20.47
CA ASN B 322 39.39 5.42 -19.99
C ASN B 322 38.12 4.70 -20.42
N THR B 323 38.28 3.40 -20.69
CA THR B 323 37.22 2.47 -21.05
C THR B 323 37.34 1.26 -20.13
N PRO B 324 36.25 0.54 -19.86
CA PRO B 324 36.37 -0.62 -18.98
C PRO B 324 37.40 -1.62 -19.45
N PHE B 325 37.65 -1.72 -20.76
CA PHE B 325 38.57 -2.70 -21.31
C PHE B 325 39.86 -2.06 -21.84
N GLY B 326 40.07 -0.78 -21.63
CA GLY B 326 41.25 -0.12 -22.17
C GLY B 326 41.13 1.39 -22.05
N LYS B 327 42.00 2.09 -22.79
CA LYS B 327 42.07 3.54 -22.74
C LYS B 327 42.11 4.11 -24.15
N GLY B 328 41.22 5.07 -24.43
CA GLY B 328 41.15 5.71 -25.72
C GLY B 328 41.56 7.17 -25.69
N VAL B 329 40.94 7.99 -26.54
CA VAL B 329 41.22 9.42 -26.60
C VAL B 329 39.93 10.20 -26.79
N MET B 330 39.95 11.45 -26.37
CA MET B 330 38.80 12.35 -26.47
C MET B 330 38.84 13.11 -27.79
N LYS B 331 37.66 13.45 -28.30
CA LYS B 331 37.57 14.22 -29.54
C LYS B 331 36.67 15.43 -29.34
N PRO B 332 36.87 16.50 -30.09
CA PRO B 332 35.95 17.64 -30.01
C PRO B 332 34.75 17.49 -30.93
N THR B 333 33.61 18.02 -30.47
CA THR B 333 32.37 17.93 -31.25
C THR B 333 31.57 19.20 -31.05
N THR B 334 30.37 19.23 -31.64
CA THR B 334 29.46 20.36 -31.52
C THR B 334 28.04 19.83 -31.52
N ILE B 335 27.07 20.75 -31.63
CA ILE B 335 25.66 20.35 -31.62
C ILE B 335 25.28 19.68 -32.93
N ASN B 336 25.71 20.26 -34.05
CA ASN B 336 25.29 19.77 -35.36
C ASN B 336 26.01 18.49 -35.74
N ARG B 337 27.29 18.37 -35.39
CA ARG B 337 28.00 17.12 -35.63
C ARG B 337 27.39 15.98 -34.82
N LEU B 338 27.05 16.24 -33.56
CA LEU B 338 26.34 15.26 -32.76
C LEU B 338 25.02 14.88 -33.41
N LEU B 339 24.27 15.88 -33.90
CA LEU B 339 22.96 15.61 -34.48
C LEU B 339 23.07 14.74 -35.74
N ILE B 340 24.02 15.06 -36.62
CA ILE B 340 24.16 14.28 -37.84
C ILE B 340 24.59 12.85 -37.53
N GLN B 341 25.54 12.68 -36.61
CA GLN B 341 25.98 11.33 -36.27
C GLN B 341 24.86 10.51 -35.65
N ALA B 342 24.06 11.13 -34.77
CA ALA B 342 22.95 10.42 -34.16
C ALA B 342 21.91 10.02 -35.19
N VAL B 343 21.60 10.90 -36.13
CA VAL B 343 20.63 10.55 -37.18
C VAL B 343 21.15 9.40 -38.02
N ALA B 344 22.44 9.43 -38.37
CA ALA B 344 23.00 8.35 -39.17
C ALA B 344 22.92 7.01 -38.45
N LEU B 345 23.29 6.99 -37.16
CA LEU B 345 23.22 5.76 -36.39
C LEU B 345 21.78 5.25 -36.29
N THR B 346 20.83 6.16 -36.07
CA THR B 346 19.43 5.76 -35.97
C THR B 346 18.95 5.12 -37.27
N MET B 347 19.27 5.75 -38.40
CA MET B 347 18.85 5.20 -39.68
C MET B 347 19.49 3.85 -39.95
N GLU B 348 20.79 3.71 -39.66
CA GLU B 348 21.45 2.43 -39.82
C GLU B 348 20.73 1.33 -39.04
N ARG B 349 20.48 1.58 -37.75
CA ARG B 349 19.86 0.56 -36.93
C ARG B 349 18.46 0.23 -37.42
N GLN B 350 17.70 1.24 -37.85
CA GLN B 350 16.36 1.00 -38.34
C GLN B 350 16.38 0.11 -39.58
N ASP B 351 17.31 0.37 -40.49
CA ASP B 351 17.41 -0.45 -41.70
C ASP B 351 17.81 -1.89 -41.35
N GLU B 352 18.82 -2.04 -40.49
CA GLU B 352 19.26 -3.38 -40.13
C GLU B 352 18.15 -4.18 -39.46
N PHE B 353 17.40 -3.53 -38.56
CA PHE B 353 16.27 -4.20 -37.94
C PHE B 353 15.22 -4.57 -38.97
N GLN B 354 14.98 -3.70 -39.95
CA GLN B 354 14.03 -4.01 -41.01
C GLN B 354 14.42 -5.26 -41.76
N LEU B 355 15.71 -5.40 -42.09
CA LEU B 355 16.15 -6.58 -42.84
C LEU B 355 16.04 -7.85 -42.01
N GLN B 356 16.36 -7.77 -40.72
CA GLN B 356 16.38 -8.95 -39.85
C GLN B 356 15.09 -9.76 -39.97
N ASP C 57 -39.80 29.60 -19.03
CA ASP C 57 -38.37 29.96 -18.82
C ASP C 57 -37.70 30.33 -20.13
N GLN C 58 -36.75 31.26 -20.06
CA GLN C 58 -36.01 31.69 -21.26
C GLN C 58 -34.88 30.72 -21.56
N THR C 59 -35.20 29.43 -21.65
CA THR C 59 -34.16 28.42 -21.87
C THR C 59 -33.66 28.42 -23.31
N GLU C 60 -34.55 28.65 -24.28
CA GLU C 60 -34.16 28.53 -25.67
C GLU C 60 -33.08 29.55 -26.05
N LYS C 61 -33.24 30.80 -25.63
CA LYS C 61 -32.28 31.83 -26.03
C LYS C 61 -30.92 31.60 -25.38
N THR C 62 -30.90 31.26 -24.10
CA THR C 62 -29.63 30.98 -23.43
C THR C 62 -28.96 29.75 -24.05
N LEU C 63 -29.76 28.74 -24.41
CA LEU C 63 -29.20 27.57 -25.08
C LEU C 63 -28.56 27.95 -26.41
N LYS C 64 -29.25 28.78 -27.20
CA LYS C 64 -28.66 29.21 -28.47
C LYS C 64 -27.38 30.01 -28.25
N ASP C 65 -27.38 30.89 -27.24
CA ASP C 65 -26.19 31.70 -26.98
C ASP C 65 -25.00 30.81 -26.59
N ILE C 66 -25.23 29.85 -25.70
CA ILE C 66 -24.14 28.96 -25.30
C ILE C 66 -23.71 28.09 -26.47
N GLU C 67 -24.64 27.70 -27.34
CA GLU C 67 -24.28 26.94 -28.53
C GLU C 67 -23.33 27.75 -29.42
N SER C 68 -23.66 29.02 -29.64
CA SER C 68 -22.79 29.88 -30.43
C SER C 68 -21.42 30.00 -29.77
N ALA C 69 -21.42 30.23 -28.46
CA ALA C 69 -20.15 30.37 -27.74
C ALA C 69 -19.29 29.13 -27.92
N VAL C 70 -19.88 27.94 -27.72
CA VAL C 70 -19.10 26.72 -27.75
C VAL C 70 -18.58 26.45 -29.16
N ILE C 71 -19.40 26.70 -30.19
CA ILE C 71 -18.94 26.42 -31.54
C ILE C 71 -17.80 27.36 -31.92
N ASP C 72 -17.95 28.65 -31.62
CA ASP C 72 -16.89 29.59 -31.98
C ASP C 72 -15.60 29.28 -31.22
N MET C 73 -15.72 28.92 -29.94
CA MET C 73 -14.53 28.55 -29.18
C MET C 73 -13.93 27.24 -29.69
N GLU C 74 -14.77 26.31 -30.17
CA GLU C 74 -14.25 25.08 -30.75
C GLU C 74 -13.38 25.37 -31.96
N VAL C 75 -13.88 26.20 -32.87
CA VAL C 75 -13.09 26.52 -34.06
C VAL C 75 -11.83 27.28 -33.66
N LEU C 76 -11.96 28.24 -32.74
CA LEU C 76 -10.81 29.01 -32.31
C LEU C 76 -9.73 28.10 -31.72
N SER C 77 -10.13 27.14 -30.90
CA SER C 77 -9.17 26.20 -30.34
C SER C 77 -8.53 25.37 -31.45
N SER C 78 -9.35 24.80 -32.33
CA SER C 78 -8.83 23.94 -33.38
C SER C 78 -7.83 24.67 -34.27
N THR C 79 -7.90 26.00 -34.34
CA THR C 79 -7.03 26.74 -35.25
C THR C 79 -5.55 26.56 -34.96
N SER C 80 -5.09 27.03 -33.80
CA SER C 80 -3.67 27.23 -33.54
C SER C 80 -3.28 26.69 -32.16
N VAL C 81 -3.69 25.46 -31.85
CA VAL C 81 -3.55 24.94 -30.50
C VAL C 81 -2.12 25.13 -29.98
N THR C 82 -1.13 25.01 -30.86
CA THR C 82 0.26 25.06 -30.41
C THR C 82 0.60 26.42 -29.80
N GLN C 83 0.34 27.50 -30.53
CA GLN C 83 0.60 28.82 -29.99
C GLN C 83 -0.29 29.11 -28.79
N LEU C 84 -1.53 28.60 -28.81
CA LEU C 84 -2.43 28.82 -27.69
C LEU C 84 -1.86 28.22 -26.42
N VAL C 85 -1.33 27.00 -26.50
CA VAL C 85 -0.74 26.40 -25.31
C VAL C 85 0.53 27.14 -24.92
N ARG C 86 1.30 27.63 -25.89
CA ARG C 86 2.46 28.45 -25.53
C ARG C 86 2.07 29.82 -25.00
N ASP C 87 0.79 30.21 -25.12
CA ASP C 87 0.30 31.48 -24.60
C ASP C 87 -0.48 31.20 -23.32
N LYS C 88 0.19 31.34 -22.17
CA LYS C 88 -0.38 30.88 -20.91
C LYS C 88 -1.67 31.61 -20.58
N GLN C 89 -1.67 32.94 -20.72
CA GLN C 89 -2.84 33.72 -20.32
C GLN C 89 -4.05 33.39 -21.18
N SER C 90 -3.86 33.30 -22.50
CA SER C 90 -4.97 32.96 -23.38
C SER C 90 -5.54 31.59 -23.03
N ALA C 91 -4.67 30.61 -22.80
CA ALA C 91 -5.15 29.27 -22.47
C ALA C 91 -5.91 29.25 -21.16
N ARG C 92 -5.38 29.94 -20.13
CA ARG C 92 -6.08 29.99 -18.85
C ARG C 92 -7.44 30.66 -18.99
N ALA C 93 -7.52 31.75 -19.73
CA ALA C 93 -8.79 32.40 -19.96
C ALA C 93 -9.77 31.47 -20.67
N TYR C 94 -9.28 30.75 -21.68
CA TYR C 94 -10.15 29.84 -22.43
C TYR C 94 -10.69 28.73 -21.52
N MET C 95 -9.83 28.17 -20.68
CA MET C 95 -10.29 27.12 -19.76
C MET C 95 -11.32 27.67 -18.79
N ALA C 96 -11.09 28.88 -18.27
CA ALA C 96 -12.06 29.48 -17.36
C ALA C 96 -13.41 29.67 -18.05
N ILE C 97 -13.39 30.14 -19.29
CA ILE C 97 -14.64 30.36 -20.01
C ILE C 97 -15.36 29.03 -20.26
N LEU C 98 -14.60 27.98 -20.60
CA LEU C 98 -15.22 26.68 -20.78
C LEU C 98 -15.89 26.21 -19.49
N ASP C 99 -15.21 26.40 -18.35
CA ASP C 99 -15.80 26.01 -17.08
C ASP C 99 -17.07 26.81 -16.79
N ASN C 100 -17.06 28.11 -17.08
CA ASN C 100 -18.24 28.93 -16.86
C ASN C 100 -19.41 28.44 -17.70
N GLU C 101 -19.17 28.17 -18.98
CA GLU C 101 -20.24 27.67 -19.85
C GLU C 101 -20.75 26.32 -19.35
N GLU C 102 -19.83 25.44 -18.92
CA GLU C 102 -20.25 24.12 -18.46
C GLU C 102 -21.14 24.22 -17.23
N GLU C 103 -20.71 25.01 -16.23
CA GLU C 103 -21.52 25.12 -15.02
C GLU C 103 -22.85 25.81 -15.31
N LYS C 104 -22.86 26.78 -16.22
CA LYS C 104 -24.10 27.45 -16.57
C LYS C 104 -25.09 26.46 -17.19
N ALA C 105 -24.60 25.64 -18.14
CA ALA C 105 -25.46 24.63 -18.73
C ALA C 105 -25.92 23.62 -17.67
N ARG C 106 -25.03 23.26 -16.75
CA ARG C 106 -25.39 22.33 -15.69
C ARG C 106 -26.56 22.85 -14.86
N LYS C 107 -26.44 24.10 -14.38
CA LYS C 107 -27.51 24.66 -13.56
C LYS C 107 -28.79 24.84 -14.37
N LEU C 108 -28.67 25.24 -15.65
CA LEU C 108 -29.85 25.36 -16.49
C LEU C 108 -30.57 24.03 -16.62
N SER C 109 -29.82 22.94 -16.82
CA SER C 109 -30.44 21.62 -16.85
C SER C 109 -31.06 21.28 -15.50
N VAL C 110 -30.37 21.61 -14.41
CA VAL C 110 -30.85 21.21 -13.09
C VAL C 110 -32.19 21.87 -12.79
N ARG C 111 -32.33 23.15 -13.11
CA ARG C 111 -33.56 23.86 -12.75
C ARG C 111 -34.73 23.57 -13.68
N ASN C 112 -34.51 22.85 -14.78
CA ASN C 112 -35.56 22.49 -15.72
C ASN C 112 -35.61 20.98 -15.87
N ALA C 113 -36.83 20.43 -15.81
CA ALA C 113 -37.03 18.98 -15.90
C ALA C 113 -37.38 18.53 -17.32
N ASP C 114 -37.36 19.43 -18.30
CA ASP C 114 -37.73 19.05 -19.66
C ASP C 114 -36.69 18.09 -20.22
N PRO C 115 -37.10 16.92 -20.73
CA PRO C 115 -36.11 16.00 -21.30
C PRO C 115 -35.28 16.60 -22.42
N HIS C 116 -35.88 17.45 -23.24
CA HIS C 116 -35.12 18.07 -24.33
C HIS C 116 -33.98 18.93 -23.80
N VAL C 117 -34.25 19.70 -22.74
CA VAL C 117 -33.20 20.52 -22.13
C VAL C 117 -32.09 19.64 -21.59
N VAL C 118 -32.46 18.52 -20.96
CA VAL C 118 -31.45 17.61 -20.42
C VAL C 118 -30.58 17.04 -21.53
N SER C 119 -31.22 16.63 -22.64
CA SER C 119 -30.45 16.08 -23.75
C SER C 119 -29.51 17.13 -24.35
N SER C 120 -30.00 18.36 -24.52
CA SER C 120 -29.15 19.42 -25.05
C SER C 120 -27.99 19.70 -24.11
N THR C 121 -28.25 19.70 -22.80
CA THR C 121 -27.18 19.93 -21.83
C THR C 121 -26.15 18.81 -21.89
N ASN C 122 -26.61 17.57 -22.05
CA ASN C 122 -25.67 16.45 -22.17
C ASN C 122 -24.81 16.61 -23.42
N ALA C 123 -25.42 17.00 -24.53
CA ALA C 123 -24.64 17.20 -25.75
C ALA C 123 -23.61 18.31 -25.57
N LEU C 124 -24.00 19.41 -24.94
CA LEU C 124 -23.06 20.50 -24.72
C LEU C 124 -21.95 20.11 -23.75
N ILE C 125 -22.28 19.32 -22.73
CA ILE C 125 -21.24 18.81 -21.84
C ILE C 125 -20.28 17.91 -22.62
N SER C 126 -20.81 17.11 -23.54
CA SER C 126 -19.96 16.29 -24.40
C SER C 126 -18.99 17.16 -25.19
N ARG C 127 -19.52 18.20 -25.85
CA ARG C 127 -18.67 19.07 -26.66
C ARG C 127 -17.61 19.76 -25.81
N ILE C 128 -18.00 20.30 -24.66
CA ILE C 128 -17.07 21.01 -23.80
C ILE C 128 -15.99 20.08 -23.28
N SER C 129 -16.38 18.86 -22.89
CA SER C 129 -15.39 17.89 -22.44
C SER C 129 -14.42 17.56 -23.55
N MET C 130 -14.91 17.39 -24.79
CA MET C 130 -14.02 17.10 -25.90
C MET C 130 -13.02 18.23 -26.11
N ALA C 131 -13.50 19.47 -26.10
CA ALA C 131 -12.59 20.61 -26.29
C ALA C 131 -11.55 20.67 -25.19
N ARG C 132 -11.99 20.53 -23.94
CA ARG C 132 -11.05 20.59 -22.82
C ARG C 132 -10.03 19.47 -22.91
N ALA C 133 -10.47 18.27 -23.31
CA ALA C 133 -9.55 17.15 -23.44
C ALA C 133 -8.52 17.40 -24.53
N ALA C 134 -8.95 17.95 -25.67
CA ALA C 134 -8.01 18.23 -26.75
C ALA C 134 -6.97 19.25 -26.31
N LEU C 135 -7.41 20.32 -25.65
CA LEU C 135 -6.46 21.34 -25.20
C LEU C 135 -5.51 20.77 -24.15
N ALA C 136 -6.04 19.97 -23.23
CA ALA C 136 -5.19 19.37 -22.19
C ALA C 136 -4.17 18.43 -22.80
N LYS C 137 -4.57 17.67 -23.82
CA LYS C 137 -3.65 16.77 -24.50
C LYS C 137 -2.54 17.55 -25.20
N ALA C 138 -2.90 18.65 -25.86
CA ALA C 138 -1.87 19.49 -26.47
C ALA C 138 -0.92 20.04 -25.42
N GLN C 139 -1.44 20.45 -24.26
CA GLN C 139 -0.58 21.00 -23.21
C GLN C 139 0.33 19.95 -22.59
N ALA C 140 -0.11 18.69 -22.55
CA ALA C 140 0.73 17.65 -21.97
C ALA C 140 1.91 17.29 -22.86
N GLU C 141 1.75 17.39 -24.19
CA GLU C 141 2.81 17.06 -25.12
C GLU C 141 3.95 18.06 -25.12
N MET C 142 3.80 19.21 -24.46
CA MET C 142 4.85 20.22 -24.48
C MET C 142 6.18 19.62 -24.01
N THR C 143 7.26 20.34 -24.32
CA THR C 143 8.60 19.89 -23.98
C THR C 143 9.36 20.90 -23.13
N SER C 144 8.72 21.99 -22.72
CA SER C 144 9.33 22.96 -21.82
C SER C 144 8.24 23.59 -20.98
N ARG C 145 8.66 24.20 -19.88
CA ARG C 145 7.79 25.04 -19.07
C ARG C 145 8.58 26.27 -18.64
N MET C 146 7.84 27.30 -18.28
CA MET C 146 8.46 28.52 -17.77
C MET C 146 9.14 28.23 -16.44
N ARG C 147 10.24 28.92 -16.20
CA ARG C 147 10.97 28.76 -14.96
C ARG C 147 10.30 29.59 -13.87
N PRO C 148 9.83 28.99 -12.78
CA PRO C 148 9.14 29.78 -11.75
C PRO C 148 10.06 30.71 -10.99
N VAL C 149 9.47 31.78 -10.46
CA VAL C 149 10.18 32.73 -9.60
C VAL C 149 10.08 32.25 -8.15
N VAL C 150 11.21 32.10 -7.49
CA VAL C 150 11.29 31.52 -6.16
C VAL C 150 11.81 32.56 -5.17
N ILE C 151 11.04 32.79 -4.11
CA ILE C 151 11.40 33.68 -3.01
C ILE C 151 11.51 32.84 -1.76
N MET C 152 12.62 32.99 -1.03
CA MET C 152 12.85 32.23 0.21
C MET C 152 13.23 33.20 1.32
N MET C 153 12.45 33.19 2.40
CA MET C 153 12.65 34.08 3.55
C MET C 153 13.19 33.30 4.74
N CYS C 154 14.32 33.74 5.27
CA CYS C 154 14.99 33.09 6.41
C CYS C 154 15.08 34.09 7.55
N GLY C 155 14.75 33.64 8.76
CA GLY C 155 14.85 34.48 9.93
C GLY C 155 14.52 33.76 11.22
N PRO C 156 14.72 34.42 12.36
CA PRO C 156 14.48 33.77 13.66
C PRO C 156 13.00 33.49 13.87
N PRO C 157 12.66 32.76 14.92
CA PRO C 157 11.25 32.39 15.13
C PRO C 157 10.42 33.53 15.71
N GLY C 158 9.17 33.59 15.26
CA GLY C 158 8.19 34.49 15.85
C GLY C 158 8.25 35.93 15.42
N ILE C 159 8.94 36.24 14.33
CA ILE C 159 9.10 37.64 13.91
C ILE C 159 8.08 38.06 12.86
N GLY C 160 7.49 37.12 12.13
CA GLY C 160 6.43 37.45 11.20
C GLY C 160 6.63 37.00 9.77
N LYS C 161 7.46 35.98 9.56
CA LYS C 161 7.72 35.51 8.20
C LYS C 161 6.46 34.98 7.52
N THR C 162 5.66 34.20 8.25
CA THR C 162 4.53 33.51 7.62
C THR C 162 3.48 34.49 7.10
N LYS C 163 3.15 35.52 7.89
CA LYS C 163 2.13 36.47 7.46
C LYS C 163 2.64 37.37 6.34
N ALA C 164 3.91 37.73 6.38
CA ALA C 164 4.51 38.49 5.28
C ALA C 164 4.50 37.67 4.00
N ALA C 165 4.83 36.38 4.09
CA ALA C 165 4.77 35.52 2.93
C ALA C 165 3.36 35.43 2.37
N GLU C 166 2.36 35.36 3.26
CA GLU C 166 0.98 35.32 2.78
C GLU C 166 0.61 36.60 2.03
N HIS C 167 1.00 37.76 2.57
CA HIS C 167 0.76 39.03 1.89
C HIS C 167 1.43 39.04 0.50
N LEU C 168 2.72 38.69 0.45
CA LEU C 168 3.44 38.66 -0.80
C LEU C 168 2.77 37.75 -1.82
N ALA C 169 2.37 36.56 -1.38
CA ALA C 169 1.76 35.60 -2.29
C ALA C 169 0.45 36.14 -2.86
N LYS C 170 -0.40 36.72 -2.02
CA LYS C 170 -1.67 37.25 -2.53
C LYS C 170 -1.44 38.38 -3.53
N ARG C 171 -0.52 39.29 -3.21
CA ARG C 171 -0.23 40.39 -4.11
C ARG C 171 0.27 39.87 -5.45
N LEU C 172 1.17 38.90 -5.43
CA LEU C 172 1.71 38.33 -6.67
C LEU C 172 0.62 37.63 -7.48
N ALA C 173 -0.20 36.82 -6.83
CA ALA C 173 -1.22 36.08 -7.57
C ALA C 173 -2.23 37.03 -8.21
N ASN C 174 -2.55 38.13 -7.51
CA ASN C 174 -3.39 39.15 -8.14
C ASN C 174 -2.68 39.81 -9.32
N GLU C 175 -1.39 40.10 -9.17
CA GLU C 175 -0.65 40.79 -10.22
C GLU C 175 -0.55 39.95 -11.49
N ILE C 176 -0.27 38.66 -11.36
CA ILE C 176 -0.11 37.81 -12.53
C ILE C 176 -1.40 37.77 -13.34
N ARG C 177 -2.54 37.65 -12.67
CA ARG C 177 -3.83 37.58 -13.36
C ARG C 177 -4.94 37.91 -12.38
N PRO C 178 -5.99 38.62 -12.80
CA PRO C 178 -7.15 38.81 -11.92
C PRO C 178 -7.89 37.50 -11.72
N GLY C 179 -8.03 37.09 -10.47
CA GLY C 179 -8.56 35.79 -10.15
C GLY C 179 -7.51 34.72 -9.92
N GLY C 180 -6.25 35.10 -9.76
CA GLY C 180 -5.21 34.12 -9.49
C GLY C 180 -5.42 33.43 -8.16
N LYS C 181 -4.77 32.27 -8.02
CA LYS C 181 -4.95 31.40 -6.87
C LYS C 181 -3.62 31.09 -6.23
N VAL C 182 -3.67 30.76 -4.94
CA VAL C 182 -2.52 30.28 -4.19
C VAL C 182 -2.79 28.83 -3.79
N GLY C 183 -1.76 27.99 -3.89
CA GLY C 183 -1.85 26.60 -3.51
C GLY C 183 -0.83 26.24 -2.43
N LEU C 184 -0.89 24.98 -2.02
CA LEU C 184 -0.08 24.46 -0.92
C LEU C 184 0.89 23.42 -1.45
N VAL C 185 2.16 23.54 -1.05
CA VAL C 185 3.18 22.57 -1.41
C VAL C 185 3.18 21.47 -0.34
N PRO C 186 2.81 20.24 -0.66
CA PRO C 186 2.80 19.19 0.36
C PRO C 186 4.18 19.00 0.97
N ARG C 187 4.20 18.81 2.28
CA ARG C 187 5.44 18.73 3.03
C ARG C 187 5.76 17.28 3.38
N GLU C 188 6.97 17.07 3.86
CA GLU C 188 7.37 15.73 4.29
C GLU C 188 6.31 15.16 5.23
N ALA C 189 6.10 13.86 5.15
CA ALA C 189 4.99 13.13 5.75
C ALA C 189 3.73 13.14 4.88
N VAL C 190 3.74 13.80 3.72
CA VAL C 190 2.72 13.64 2.70
C VAL C 190 3.43 13.48 1.37
N ASP C 191 3.19 12.35 0.69
CA ASP C 191 3.99 11.94 -0.46
C ASP C 191 3.24 12.05 -1.79
N HIS C 192 2.05 12.63 -1.80
CA HIS C 192 1.27 12.74 -3.02
C HIS C 192 0.80 14.17 -3.20
N TRP C 193 0.29 14.46 -4.40
CA TRP C 193 -0.07 15.81 -4.81
C TRP C 193 -1.54 15.90 -5.19
N ASP C 194 -2.39 15.09 -4.57
CA ASP C 194 -3.79 15.06 -4.97
C ASP C 194 -4.56 16.30 -4.57
N GLY C 195 -3.98 17.19 -3.78
CA GLY C 195 -4.58 18.48 -3.47
C GLY C 195 -4.18 19.60 -4.41
N TYR C 196 -3.43 19.30 -5.47
CA TYR C 196 -2.85 20.29 -6.36
C TYR C 196 -3.74 20.48 -7.58
N HIS C 197 -3.92 21.75 -7.98
CA HIS C 197 -4.77 22.08 -9.12
C HIS C 197 -4.09 23.00 -10.12
N GLY C 198 -2.77 23.17 -10.05
CA GLY C 198 -2.06 24.02 -10.99
C GLY C 198 -2.39 25.48 -10.83
N GLU C 199 -2.11 26.02 -9.64
CA GLU C 199 -2.37 27.42 -9.34
C GLU C 199 -1.17 28.28 -9.69
N GLU C 200 -1.40 29.58 -9.77
CA GLU C 200 -0.37 30.51 -10.20
C GLU C 200 0.80 30.53 -9.21
N VAL C 201 0.50 30.61 -7.91
CA VAL C 201 1.53 30.73 -6.89
C VAL C 201 1.36 29.61 -5.88
N MET C 202 2.47 29.20 -5.26
CA MET C 202 2.47 28.15 -4.26
C MET C 202 3.15 28.63 -2.99
N LEU C 203 2.67 28.13 -1.85
CA LEU C 203 3.20 28.45 -0.53
C LEU C 203 3.87 27.24 0.10
N TRP C 204 5.06 27.44 0.67
CA TRP C 204 5.80 26.36 1.34
C TRP C 204 6.34 26.90 2.66
N ASP C 205 5.62 26.61 3.75
CA ASP C 205 6.00 27.02 5.09
C ASP C 205 6.75 25.90 5.78
N ASP C 206 7.63 26.27 6.69
CA ASP C 206 8.48 25.32 7.39
C ASP C 206 9.15 24.38 6.40
N TYR C 207 9.96 24.97 5.53
CA TYR C 207 10.89 24.22 4.71
C TYR C 207 12.15 23.95 5.54
N GLY C 208 12.51 22.68 5.67
CA GLY C 208 13.68 22.32 6.43
C GLY C 208 13.45 22.10 7.91
N MET C 209 12.20 21.94 8.35
CA MET C 209 11.93 21.68 9.76
C MET C 209 12.62 20.40 10.20
N THR C 210 12.43 19.32 9.45
CA THR C 210 13.18 18.10 9.57
C THR C 210 13.25 17.50 8.18
N LYS C 211 14.26 16.67 7.94
CA LYS C 211 14.47 16.06 6.62
C LYS C 211 14.68 17.13 5.55
N ILE C 212 15.80 17.84 5.66
CA ILE C 212 16.09 18.92 4.72
C ILE C 212 16.66 18.42 3.39
N GLN C 213 17.27 17.23 3.36
CA GLN C 213 17.74 16.68 2.10
C GLN C 213 16.58 16.40 1.15
N GLU C 214 15.48 15.89 1.69
CA GLU C 214 14.29 15.67 0.88
C GLU C 214 13.67 16.99 0.42
N ASP C 215 13.71 18.00 1.29
CA ASP C 215 13.26 19.33 0.88
C ASP C 215 14.07 19.85 -0.30
N CYS C 216 15.40 19.69 -0.23
CA CYS C 216 16.25 20.10 -1.33
C CYS C 216 15.92 19.33 -2.61
N ASN C 217 15.67 18.03 -2.51
CA ASN C 217 15.34 17.25 -3.69
C ASN C 217 14.05 17.72 -4.33
N LYS C 218 13.02 17.98 -3.51
CA LYS C 218 11.76 18.50 -4.07
C LYS C 218 11.97 19.85 -4.75
N LEU C 219 12.71 20.75 -4.09
CA LEU C 219 12.91 22.07 -4.64
C LEU C 219 13.66 22.00 -5.97
N GLN C 220 14.69 21.16 -6.05
CA GLN C 220 15.41 21.02 -7.31
C GLN C 220 14.49 20.48 -8.40
N ALA C 221 13.61 19.54 -8.06
CA ALA C 221 12.71 18.99 -9.07
C ALA C 221 11.73 20.05 -9.59
N ILE C 222 11.11 20.83 -8.70
CA ILE C 222 10.04 21.71 -9.16
C ILE C 222 10.54 23.07 -9.65
N ALA C 223 11.66 23.58 -9.11
CA ALA C 223 12.20 24.85 -9.56
C ALA C 223 13.06 24.60 -10.81
N ASP C 224 12.39 24.51 -11.96
CA ASP C 224 13.08 24.20 -13.20
C ASP C 224 12.19 24.51 -14.39
N SER C 225 12.79 24.46 -15.58
CA SER C 225 12.09 24.62 -16.83
C SER C 225 11.90 23.31 -17.57
N ALA C 226 12.39 22.20 -17.03
CA ALA C 226 12.20 20.87 -17.60
C ALA C 226 10.89 20.27 -17.10
N PRO C 227 10.04 19.71 -17.97
CA PRO C 227 8.80 19.09 -17.51
C PRO C 227 9.01 18.11 -16.37
N LEU C 228 7.93 17.77 -15.66
CA LEU C 228 8.04 16.92 -14.48
C LEU C 228 6.70 16.25 -14.21
N THR C 229 6.77 14.98 -13.82
CA THR C 229 5.60 14.21 -13.40
C THR C 229 5.54 14.17 -11.88
N LEU C 230 4.31 14.15 -11.35
CA LEU C 230 4.07 14.14 -9.91
C LEU C 230 3.36 12.87 -9.51
N ASN C 231 3.80 12.29 -8.39
CA ASN C 231 3.16 11.11 -7.82
C ASN C 231 1.82 11.47 -7.20
N CYS C 232 0.82 10.66 -7.51
CA CYS C 232 -0.54 10.83 -7.00
C CYS C 232 -1.04 9.48 -6.54
N ASP C 233 -2.16 9.50 -5.82
CA ASP C 233 -2.80 8.27 -5.33
C ASP C 233 -4.10 7.96 -6.05
N ARG C 234 -4.86 8.96 -6.45
CA ARG C 234 -6.14 8.72 -7.12
C ARG C 234 -5.91 8.28 -8.56
N ILE C 235 -6.87 7.53 -9.08
CA ILE C 235 -6.72 6.93 -10.41
C ILE C 235 -6.64 8.01 -11.47
N GLU C 236 -7.52 9.01 -11.39
CA GLU C 236 -7.63 10.03 -12.43
C GLU C 236 -6.55 11.11 -12.32
N ASN C 237 -5.72 11.08 -11.29
CA ASN C 237 -4.64 12.04 -11.14
C ASN C 237 -3.30 11.53 -11.65
N LYS C 238 -3.23 10.27 -12.08
CA LYS C 238 -1.98 9.71 -12.56
C LYS C 238 -1.49 10.45 -13.79
N GLY C 239 -0.22 10.80 -13.82
CA GLY C 239 0.32 11.58 -14.92
C GLY C 239 0.05 13.07 -14.83
N MET C 240 0.22 13.65 -13.65
CA MET C 240 0.04 15.08 -13.42
C MET C 240 1.38 15.79 -13.47
N GLN C 241 1.36 17.05 -13.89
CA GLN C 241 2.57 17.83 -14.07
C GLN C 241 2.50 19.14 -13.30
N PHE C 242 3.66 19.64 -12.92
CA PHE C 242 3.79 20.87 -12.13
C PHE C 242 3.95 22.05 -13.09
N VAL C 243 2.94 22.93 -13.11
CA VAL C 243 2.92 24.03 -14.08
C VAL C 243 2.62 25.37 -13.44
N SER C 244 3.06 25.59 -12.20
CA SER C 244 2.81 26.85 -11.51
C SER C 244 3.87 27.90 -11.90
N ASP C 245 3.57 29.16 -11.59
CA ASP C 245 4.41 30.29 -11.98
C ASP C 245 5.36 30.79 -10.89
N ALA C 246 4.98 30.75 -9.62
CA ALA C 246 5.81 31.32 -8.56
C ALA C 246 5.70 30.49 -7.29
N ILE C 247 6.75 30.55 -6.47
CA ILE C 247 6.81 29.81 -5.21
C ILE C 247 7.39 30.70 -4.13
N VAL C 248 6.70 30.77 -2.98
CA VAL C 248 7.14 31.55 -1.82
C VAL C 248 7.36 30.59 -0.66
N ILE C 249 8.50 30.72 0.01
CA ILE C 249 8.98 29.75 0.98
C ILE C 249 9.44 30.48 2.24
N THR C 250 9.13 29.92 3.41
CA THR C 250 9.66 30.43 4.68
C THR C 250 10.39 29.33 5.42
N THR C 251 11.52 29.67 6.06
CA THR C 251 12.27 28.65 6.78
C THR C 251 12.99 29.26 7.98
N ASN C 252 13.39 28.38 8.90
CA ASN C 252 14.24 28.70 10.04
C ASN C 252 15.69 28.33 9.82
N ALA C 253 16.02 27.63 8.73
CA ALA C 253 17.37 27.18 8.46
C ALA C 253 18.25 28.36 8.04
N PRO C 254 19.57 28.21 8.13
CA PRO C 254 20.47 29.30 7.72
C PRO C 254 20.59 29.51 6.22
N GLY C 255 19.94 28.69 5.39
CA GLY C 255 20.08 28.80 3.97
C GLY C 255 19.27 27.76 3.23
N PRO C 256 19.34 27.78 1.89
CA PRO C 256 18.60 26.76 1.12
C PRO C 256 19.07 25.34 1.36
N ALA C 257 20.37 25.12 1.51
CA ALA C 257 20.94 23.79 1.65
C ALA C 257 22.10 23.84 2.63
N PRO C 258 22.48 22.70 3.20
CA PRO C 258 23.68 22.66 4.05
C PRO C 258 24.97 22.88 3.27
N VAL C 259 25.97 23.44 3.96
CA VAL C 259 27.23 23.80 3.30
C VAL C 259 28.02 22.59 2.84
N ASP C 260 27.73 21.39 3.37
CA ASP C 260 28.41 20.18 2.96
C ASP C 260 27.56 19.33 2.01
N PHE C 261 26.44 19.85 1.54
CA PHE C 261 25.53 19.09 0.70
C PHE C 261 26.09 18.92 -0.70
N VAL C 262 25.86 17.75 -1.29
CA VAL C 262 26.43 17.44 -2.60
C VAL C 262 25.85 18.37 -3.66
N ASN C 263 24.55 18.64 -3.61
CA ASN C 263 23.86 19.44 -4.62
C ASN C 263 23.69 20.88 -4.20
N LEU C 264 24.71 21.47 -3.56
CA LEU C 264 24.60 22.83 -3.06
C LEU C 264 24.38 23.83 -4.20
N GLY C 265 25.20 23.75 -5.25
CA GLY C 265 25.09 24.66 -6.37
C GLY C 265 23.78 24.55 -7.12
N PRO C 266 23.38 23.31 -7.44
CA PRO C 266 22.10 23.13 -8.15
C PRO C 266 20.90 23.72 -7.45
N VAL C 267 20.82 23.66 -6.12
CA VAL C 267 19.66 24.21 -5.44
C VAL C 267 19.84 25.70 -5.18
N CYS C 268 21.06 26.16 -4.90
CA CYS C 268 21.26 27.58 -4.63
C CYS C 268 21.01 28.43 -5.87
N ARG C 269 21.43 27.96 -7.05
CA ARG C 269 21.21 28.80 -8.23
C ARG C 269 19.75 28.90 -8.62
N ARG C 270 18.88 28.08 -8.05
CA ARG C 270 17.48 28.06 -8.45
C ARG C 270 16.60 29.04 -7.68
N VAL C 271 17.13 29.69 -6.65
CA VAL C 271 16.38 30.66 -5.86
C VAL C 271 16.63 32.04 -6.44
N ASP C 272 15.55 32.73 -6.82
CA ASP C 272 15.69 34.03 -7.47
C ASP C 272 15.85 35.15 -6.45
N PHE C 273 15.13 35.10 -5.34
CA PHE C 273 15.28 36.07 -4.25
C PHE C 273 15.47 35.34 -2.94
N LEU C 274 16.54 35.65 -2.23
CA LEU C 274 16.88 35.05 -0.94
C LEU C 274 16.96 36.16 0.10
N VAL C 275 15.93 36.29 0.93
CA VAL C 275 15.78 37.42 1.85
C VAL C 275 16.01 36.94 3.27
N TYR C 276 16.81 37.70 4.02
CA TYR C 276 17.08 37.45 5.42
C TYR C 276 16.45 38.54 6.27
N CYS C 277 15.67 38.14 7.27
CA CYS C 277 14.79 39.05 8.01
C CYS C 277 15.21 39.14 9.49
N THR C 278 14.90 40.28 10.11
CA THR C 278 14.98 40.41 11.56
C THR C 278 13.91 41.38 12.03
N ALA C 279 13.81 41.52 13.35
CA ALA C 279 12.84 42.45 13.97
C ALA C 279 13.37 42.88 15.33
N PRO C 280 14.16 43.95 15.37
CA PRO C 280 14.81 44.34 16.64
C PRO C 280 13.85 44.64 17.79
N GLU C 281 12.73 45.31 17.54
CA GLU C 281 11.83 45.68 18.62
C GLU C 281 11.15 44.46 19.25
N VAL C 282 10.68 43.53 18.41
CA VAL C 282 10.06 42.32 18.94
C VAL C 282 11.03 41.56 19.82
N GLU C 283 12.26 41.40 19.34
CA GLU C 283 13.26 40.64 20.09
C GLU C 283 13.60 41.34 21.40
N HIS C 284 13.77 42.66 21.36
CA HIS C 284 14.07 43.37 22.60
C HIS C 284 12.94 43.24 23.61
N THR C 285 11.70 43.38 23.16
CA THR C 285 10.57 43.24 24.08
C THR C 285 10.55 41.85 24.70
N ARG C 286 10.60 40.80 23.87
CA ARG C 286 10.58 39.45 24.42
C ARG C 286 11.73 39.23 25.39
N LYS C 287 12.86 39.91 25.18
CA LYS C 287 14.00 39.69 26.06
C LYS C 287 13.82 40.41 27.40
N VAL C 288 13.22 41.59 27.42
CA VAL C 288 13.20 42.38 28.65
C VAL C 288 11.96 42.09 29.51
N SER C 289 10.82 41.78 28.90
CA SER C 289 9.60 41.48 29.64
C SER C 289 9.01 40.16 29.15
N PRO C 290 9.61 39.04 29.53
CA PRO C 290 9.04 37.74 29.16
C PRO C 290 7.64 37.54 29.72
N GLY C 291 6.79 36.90 28.93
CA GLY C 291 5.44 36.59 29.35
C GLY C 291 4.43 37.72 29.19
N ASP C 292 4.85 38.88 28.71
CA ASP C 292 3.94 40.01 28.53
C ASP C 292 3.45 40.02 27.09
N THR C 293 2.14 39.85 26.90
CA THR C 293 1.56 39.65 25.59
C THR C 293 1.07 40.94 24.96
N THR C 294 0.57 41.88 25.76
CA THR C 294 0.05 43.13 25.21
C THR C 294 1.16 43.95 24.57
N ALA C 295 2.32 44.03 25.21
CA ALA C 295 3.44 44.76 24.64
C ALA C 295 3.83 44.18 23.28
N LEU C 296 4.02 42.87 23.22
CA LEU C 296 4.39 42.24 21.97
C LEU C 296 3.32 42.48 20.91
N LYS C 297 2.05 42.39 21.29
CA LYS C 297 0.99 42.70 20.34
C LYS C 297 1.13 44.12 19.82
N ASP C 298 1.66 45.03 20.65
CA ASP C 298 1.91 46.40 20.21
C ASP C 298 3.15 46.55 19.34
N CYS C 299 4.05 45.57 19.34
CA CYS C 299 5.29 45.69 18.57
C CYS C 299 5.11 45.44 17.07
N PHE C 300 3.96 44.93 16.63
CA PHE C 300 3.74 44.58 15.24
C PHE C 300 2.85 45.62 14.56
N LYS C 301 3.07 45.82 13.26
CA LYS C 301 2.44 46.89 12.50
C LYS C 301 1.75 46.35 11.26
N PRO C 302 0.68 47.00 10.80
CA PRO C 302 -0.12 46.43 9.69
C PRO C 302 0.51 46.58 8.32
N ASP C 303 1.62 47.30 8.18
CA ASP C 303 2.33 47.40 6.91
C ASP C 303 3.70 46.76 6.96
N PHE C 304 3.94 45.87 7.93
CA PHE C 304 5.15 45.07 8.01
C PHE C 304 6.40 45.93 8.13
N SER C 305 6.26 47.13 8.68
CA SER C 305 7.41 48.01 8.87
C SER C 305 8.26 47.62 10.05
N HIS C 306 7.89 46.55 10.77
CA HIS C 306 8.71 46.01 11.85
C HIS C 306 9.77 45.03 11.35
N LEU C 307 9.68 44.59 10.09
CA LEU C 307 10.62 43.62 9.52
C LEU C 307 11.75 44.34 8.81
N LYS C 308 12.98 43.98 9.12
CA LYS C 308 14.16 44.53 8.45
C LYS C 308 14.77 43.45 7.57
N MET C 309 14.85 43.71 6.26
CA MET C 309 15.16 42.72 5.26
C MET C 309 16.46 43.05 4.54
N GLU C 310 17.30 42.04 4.36
CA GLU C 310 18.45 42.11 3.48
C GLU C 310 18.30 41.10 2.35
N LEU C 311 18.95 41.40 1.23
CA LEU C 311 18.97 40.56 0.05
C LEU C 311 20.40 40.14 -0.23
N ALA C 312 20.58 38.86 -0.56
CA ALA C 312 21.88 38.28 -0.87
C ALA C 312 22.06 38.18 -2.37
N PRO C 313 23.31 38.05 -2.84
CA PRO C 313 23.54 37.92 -4.28
C PRO C 313 22.86 36.69 -4.85
N GLN C 314 22.30 36.83 -6.05
CA GLN C 314 21.61 35.73 -6.70
C GLN C 314 22.55 34.53 -6.79
N GLY C 315 22.18 33.42 -6.15
CA GLY C 315 23.03 32.25 -6.05
C GLY C 315 23.82 32.10 -4.77
N GLY C 316 23.51 32.89 -3.74
CA GLY C 316 24.24 32.79 -2.48
C GLY C 316 23.69 31.71 -1.58
N PHE C 317 24.44 31.43 -0.50
CA PHE C 317 24.01 30.40 0.44
C PHE C 317 24.18 30.79 1.90
N ASP C 318 24.41 32.05 2.23
CA ASP C 318 24.34 32.49 3.62
C ASP C 318 24.07 33.99 3.64
N ASN C 319 24.17 34.58 4.83
CA ASN C 319 23.90 36.00 5.04
C ASN C 319 25.17 36.84 5.09
N GLN C 320 26.30 36.30 4.65
CA GLN C 320 27.56 37.03 4.58
C GLN C 320 27.99 37.33 3.15
N GLY C 321 27.21 36.93 2.15
CA GLY C 321 27.50 37.21 0.76
C GLY C 321 28.16 36.08 0.00
N ASN C 322 28.39 34.92 0.61
CA ASN C 322 29.09 33.84 -0.06
C ASN C 322 28.18 33.13 -1.04
N THR C 323 28.66 32.98 -2.27
CA THR C 323 28.07 32.09 -3.26
C THR C 323 29.01 30.93 -3.51
N PRO C 324 28.54 29.86 -4.15
CA PRO C 324 29.42 28.70 -4.37
C PRO C 324 30.67 29.02 -5.16
N PHE C 325 30.71 30.16 -5.86
CA PHE C 325 31.79 30.50 -6.78
C PHE C 325 32.59 31.71 -6.34
N GLY C 326 31.95 32.76 -5.82
CA GLY C 326 32.67 33.94 -5.38
C GLY C 326 32.04 34.59 -4.17
N LYS C 327 32.36 35.86 -3.92
CA LYS C 327 31.81 36.61 -2.80
C LYS C 327 31.15 37.88 -3.33
N GLY C 328 29.93 38.14 -2.87
CA GLY C 328 29.18 39.31 -3.29
C GLY C 328 28.88 40.25 -2.15
N VAL C 329 27.77 40.97 -2.21
CA VAL C 329 27.43 42.00 -1.24
C VAL C 329 25.95 41.89 -0.88
N MET C 330 25.65 42.03 0.41
CA MET C 330 24.26 42.09 0.87
C MET C 330 23.73 43.51 0.68
N LYS C 331 22.42 43.62 0.49
CA LYS C 331 21.82 44.93 0.26
C LYS C 331 20.45 45.07 0.90
N PRO C 332 20.15 46.22 1.51
CA PRO C 332 18.86 46.36 2.21
C PRO C 332 17.70 46.34 1.24
N THR C 333 16.53 45.96 1.75
CA THR C 333 15.33 45.96 0.92
C THR C 333 14.10 45.99 1.83
N THR C 334 12.97 46.31 1.23
CA THR C 334 11.68 46.30 1.90
C THR C 334 10.77 45.29 1.20
N ILE C 335 9.51 45.25 1.60
CA ILE C 335 8.58 44.27 1.03
C ILE C 335 7.96 44.81 -0.27
N ASN C 336 7.72 46.11 -0.36
CA ASN C 336 7.22 46.69 -1.61
C ASN C 336 8.25 46.55 -2.73
N ARG C 337 9.51 46.81 -2.43
CA ARG C 337 10.55 46.70 -3.44
C ARG C 337 10.68 45.27 -3.93
N LEU C 338 10.59 44.30 -3.01
CA LEU C 338 10.61 42.90 -3.40
C LEU C 338 9.43 42.56 -4.30
N LEU C 339 8.23 43.04 -3.96
CA LEU C 339 7.08 42.78 -4.81
C LEU C 339 7.28 43.35 -6.21
N ILE C 340 7.83 44.57 -6.29
CA ILE C 340 8.05 45.19 -7.60
C ILE C 340 9.03 44.38 -8.43
N GLN C 341 10.16 44.01 -7.83
CA GLN C 341 11.16 43.23 -8.56
C GLN C 341 10.60 41.88 -9.01
N ALA C 342 9.88 41.20 -8.12
CA ALA C 342 9.32 39.90 -8.47
C ALA C 342 8.33 40.01 -9.62
N VAL C 343 7.48 41.03 -9.58
CA VAL C 343 6.50 41.22 -10.66
C VAL C 343 7.21 41.46 -11.99
N ALA C 344 8.24 42.31 -11.97
CA ALA C 344 8.99 42.59 -13.19
C ALA C 344 9.60 41.32 -13.75
N LEU C 345 10.26 40.52 -12.89
CA LEU C 345 10.90 39.30 -13.37
C LEU C 345 9.89 38.31 -13.93
N THR C 346 8.76 38.16 -13.26
CA THR C 346 7.74 37.24 -13.75
C THR C 346 7.26 37.64 -15.15
N MET C 347 6.98 38.94 -15.34
CA MET C 347 6.51 39.39 -16.65
C MET C 347 7.59 39.21 -17.72
N GLU C 348 8.85 39.49 -17.36
CA GLU C 348 9.93 39.32 -18.33
C GLU C 348 10.04 37.87 -18.79
N ARG C 349 10.05 36.94 -17.85
CA ARG C 349 10.14 35.53 -18.21
C ARG C 349 8.93 35.09 -19.02
N GLN C 350 7.75 35.59 -18.69
CA GLN C 350 6.56 35.23 -19.45
C GLN C 350 6.67 35.69 -20.90
N ASP C 351 7.14 36.93 -21.11
CA ASP C 351 7.29 37.41 -22.49
C ASP C 351 8.33 36.60 -23.25
N GLU C 352 9.47 36.29 -22.61
CA GLU C 352 10.50 35.57 -23.34
C GLU C 352 10.09 34.13 -23.62
N PHE C 353 9.26 33.54 -22.76
CA PHE C 353 8.75 32.20 -23.04
C PHE C 353 7.73 32.22 -24.17
N GLN C 354 6.90 33.27 -24.23
CA GLN C 354 6.02 33.42 -25.38
C GLN C 354 6.82 33.56 -26.68
N LEU C 355 7.89 34.34 -26.65
CA LEU C 355 8.73 34.53 -27.84
C LEU C 355 9.58 33.31 -28.16
N GLN C 356 9.70 32.36 -27.25
CA GLN C 356 10.54 31.19 -27.47
C GLN C 356 10.12 30.43 -28.73
N ASP D 57 -51.38 18.18 1.28
CA ASP D 57 -50.76 17.15 2.15
C ASP D 57 -49.61 17.72 2.96
N GLN D 58 -49.34 17.13 4.13
CA GLN D 58 -48.20 17.56 4.92
C GLN D 58 -46.89 17.24 4.22
N THR D 59 -46.85 16.15 3.44
CA THR D 59 -45.62 15.79 2.74
C THR D 59 -45.19 16.89 1.78
N GLU D 60 -46.12 17.37 0.95
CA GLU D 60 -45.78 18.43 0.02
C GLU D 60 -45.49 19.74 0.75
N LYS D 61 -46.11 19.96 1.91
CA LYS D 61 -45.78 21.14 2.71
C LYS D 61 -44.33 21.09 3.16
N THR D 62 -43.88 19.94 3.68
CA THR D 62 -42.49 19.82 4.09
C THR D 62 -41.56 19.93 2.88
N LEU D 63 -41.98 19.39 1.74
CA LEU D 63 -41.18 19.52 0.52
C LEU D 63 -41.01 20.97 0.13
N LYS D 64 -42.09 21.75 0.21
CA LYS D 64 -42.00 23.18 -0.11
C LYS D 64 -41.12 23.90 0.90
N ASP D 65 -41.21 23.53 2.18
CA ASP D 65 -40.38 24.17 3.19
C ASP D 65 -38.90 23.92 2.91
N ILE D 66 -38.54 22.67 2.62
CA ILE D 66 -37.15 22.36 2.36
C ILE D 66 -36.68 22.99 1.04
N GLU D 67 -37.58 23.08 0.05
CA GLU D 67 -37.22 23.77 -1.18
C GLU D 67 -36.90 25.24 -0.90
N SER D 68 -37.72 25.89 -0.07
CA SER D 68 -37.43 27.28 0.29
C SER D 68 -36.11 27.40 1.03
N ALA D 69 -35.84 26.47 1.95
CA ALA D 69 -34.59 26.52 2.70
C ALA D 69 -33.38 26.38 1.78
N VAL D 70 -33.45 25.43 0.84
CA VAL D 70 -32.34 25.25 -0.08
C VAL D 70 -32.19 26.46 -1.01
N ILE D 71 -33.31 27.07 -1.41
CA ILE D 71 -33.23 28.28 -2.22
C ILE D 71 -32.53 29.39 -1.44
N ASP D 72 -32.88 29.54 -0.15
CA ASP D 72 -32.24 30.55 0.66
C ASP D 72 -30.74 30.31 0.78
N MET D 73 -30.35 29.05 1.04
CA MET D 73 -28.93 28.74 1.13
C MET D 73 -28.22 29.00 -0.20
N GLU D 74 -28.86 28.64 -1.31
CA GLU D 74 -28.26 28.85 -2.62
C GLU D 74 -28.03 30.33 -2.89
N VAL D 75 -29.04 31.17 -2.60
CA VAL D 75 -28.88 32.59 -2.86
C VAL D 75 -27.83 33.18 -1.92
N LEU D 76 -27.78 32.71 -0.67
CA LEU D 76 -26.77 33.20 0.25
C LEU D 76 -25.36 32.87 -0.23
N SER D 77 -25.16 31.64 -0.72
CA SER D 77 -23.87 31.27 -1.28
C SER D 77 -23.55 32.09 -2.53
N SER D 78 -24.54 32.29 -3.39
CA SER D 78 -24.30 33.02 -4.63
C SER D 78 -23.93 34.47 -4.37
N THR D 79 -24.55 35.10 -3.37
CA THR D 79 -24.27 36.50 -3.09
C THR D 79 -22.79 36.72 -2.76
N SER D 80 -22.33 36.15 -1.66
CA SER D 80 -20.94 36.30 -1.24
C SER D 80 -20.44 35.00 -0.64
N VAL D 81 -19.21 34.63 -0.98
CA VAL D 81 -18.61 33.38 -0.52
C VAL D 81 -17.36 33.62 0.32
N THR D 82 -16.50 34.54 -0.10
CA THR D 82 -15.29 34.81 0.69
C THR D 82 -15.64 35.36 2.06
N GLN D 83 -16.60 36.28 2.14
CA GLN D 83 -17.03 36.80 3.42
C GLN D 83 -17.74 35.73 4.24
N LEU D 84 -18.35 34.73 3.59
CA LEU D 84 -19.02 33.67 4.32
C LEU D 84 -18.01 32.70 4.92
N VAL D 85 -16.97 32.34 4.17
CA VAL D 85 -15.97 31.42 4.71
C VAL D 85 -15.11 32.13 5.73
N ARG D 86 -14.90 33.44 5.59
CA ARG D 86 -14.14 34.17 6.61
C ARG D 86 -14.92 34.33 7.91
N ASP D 87 -16.24 34.12 7.87
CA ASP D 87 -17.08 34.15 9.06
C ASP D 87 -17.36 32.71 9.47
N LYS D 88 -16.60 32.21 10.45
CA LYS D 88 -16.67 30.80 10.80
C LYS D 88 -18.04 30.41 11.34
N GLN D 89 -18.60 31.23 12.22
CA GLN D 89 -19.90 30.90 12.81
C GLN D 89 -20.99 30.83 11.74
N SER D 90 -21.02 31.80 10.84
CA SER D 90 -22.04 31.80 9.80
C SER D 90 -21.88 30.61 8.86
N ALA D 91 -20.64 30.29 8.49
CA ALA D 91 -20.42 29.14 7.63
C ALA D 91 -20.86 27.85 8.30
N ARG D 92 -20.56 27.70 9.59
CA ARG D 92 -20.99 26.50 10.32
C ARG D 92 -22.50 26.41 10.40
N ALA D 93 -23.18 27.54 10.62
CA ALA D 93 -24.63 27.53 10.59
C ALA D 93 -25.14 27.09 9.23
N TYR D 94 -24.53 27.61 8.16
CA TYR D 94 -24.86 27.19 6.80
C TYR D 94 -24.76 25.68 6.66
N MET D 95 -23.64 25.12 7.11
CA MET D 95 -23.42 23.68 6.97
C MET D 95 -24.46 22.90 7.77
N ALA D 96 -24.77 23.36 8.99
CA ALA D 96 -25.76 22.68 9.81
C ALA D 96 -27.13 22.68 9.14
N ILE D 97 -27.54 23.83 8.59
CA ILE D 97 -28.83 23.89 7.94
C ILE D 97 -28.88 22.93 6.76
N LEU D 98 -27.82 22.93 5.94
CA LEU D 98 -27.82 22.05 4.79
C LEU D 98 -27.88 20.59 5.21
N ASP D 99 -27.12 20.22 6.25
CA ASP D 99 -27.14 18.84 6.72
C ASP D 99 -28.51 18.44 7.22
N ASN D 100 -29.16 19.31 7.99
CA ASN D 100 -30.50 19.00 8.50
C ASN D 100 -31.49 18.83 7.36
N GLU D 101 -31.44 19.72 6.36
CA GLU D 101 -32.35 19.58 5.22
C GLU D 101 -32.10 18.28 4.48
N GLU D 102 -30.82 17.93 4.27
CA GLU D 102 -30.50 16.69 3.58
C GLU D 102 -31.03 15.49 4.34
N GLU D 103 -30.82 15.46 5.66
CA GLU D 103 -31.27 14.32 6.45
C GLU D 103 -32.79 14.22 6.44
N LYS D 104 -33.49 15.35 6.55
CA LYS D 104 -34.95 15.34 6.51
C LYS D 104 -35.44 14.83 5.17
N ALA D 105 -34.83 15.29 4.07
CA ALA D 105 -35.23 14.81 2.75
C ALA D 105 -35.00 13.31 2.63
N ARG D 106 -33.85 12.83 3.12
CA ARG D 106 -33.55 11.41 2.99
C ARG D 106 -34.52 10.55 3.78
N LYS D 107 -34.80 10.93 5.04
CA LYS D 107 -35.71 10.12 5.85
C LYS D 107 -37.12 10.19 5.29
N LEU D 108 -37.56 11.35 4.79
CA LEU D 108 -38.88 11.45 4.19
C LEU D 108 -38.97 10.57 2.95
N SER D 109 -37.92 10.55 2.13
CA SER D 109 -37.90 9.67 0.97
C SER D 109 -38.00 8.22 1.38
N VAL D 110 -37.25 7.83 2.42
CA VAL D 110 -37.24 6.43 2.85
C VAL D 110 -38.61 6.02 3.37
N ARG D 111 -39.31 6.93 4.06
CA ARG D 111 -40.60 6.58 4.63
C ARG D 111 -41.69 6.36 3.58
N ASN D 112 -41.45 6.72 2.32
CA ASN D 112 -42.43 6.54 1.25
C ASN D 112 -41.74 5.88 0.06
N ALA D 113 -42.53 5.59 -0.97
CA ALA D 113 -42.01 4.98 -2.19
C ALA D 113 -42.63 5.57 -3.45
N ASP D 114 -43.26 6.74 -3.33
CA ASP D 114 -43.94 7.36 -4.48
C ASP D 114 -42.90 7.80 -5.51
N PRO D 115 -43.04 7.41 -6.78
CA PRO D 115 -42.04 7.84 -7.78
C PRO D 115 -41.85 9.35 -7.86
N HIS D 116 -42.94 10.12 -7.80
CA HIS D 116 -42.81 11.58 -7.86
C HIS D 116 -42.06 12.10 -6.65
N VAL D 117 -42.37 11.59 -5.46
CA VAL D 117 -41.71 12.05 -4.25
C VAL D 117 -40.23 11.72 -4.30
N VAL D 118 -39.88 10.51 -4.71
CA VAL D 118 -38.47 10.13 -4.75
C VAL D 118 -37.73 10.97 -5.80
N SER D 119 -38.38 11.26 -6.93
CA SER D 119 -37.74 12.10 -7.93
C SER D 119 -37.46 13.49 -7.38
N SER D 120 -38.47 14.11 -6.76
CA SER D 120 -38.27 15.44 -6.19
C SER D 120 -37.20 15.42 -5.11
N THR D 121 -37.20 14.39 -4.27
CA THR D 121 -36.21 14.31 -3.20
C THR D 121 -34.80 14.13 -3.77
N ASN D 122 -34.64 13.32 -4.82
CA ASN D 122 -33.31 13.16 -5.39
C ASN D 122 -32.83 14.45 -6.02
N ALA D 123 -33.72 15.19 -6.69
CA ALA D 123 -33.32 16.49 -7.22
C ALA D 123 -32.90 17.44 -6.10
N LEU D 124 -33.66 17.46 -5.01
CA LEU D 124 -33.30 18.32 -3.89
C LEU D 124 -31.97 17.90 -3.28
N ILE D 125 -31.74 16.60 -3.16
CA ILE D 125 -30.47 16.11 -2.63
C ILE D 125 -29.32 16.53 -3.53
N SER D 126 -29.53 16.48 -4.85
CA SER D 126 -28.49 16.92 -5.78
C SER D 126 -28.18 18.40 -5.57
N ARG D 127 -29.21 19.23 -5.43
CA ARG D 127 -28.97 20.66 -5.22
C ARG D 127 -28.23 20.91 -3.91
N ILE D 128 -28.61 20.20 -2.85
CA ILE D 128 -27.93 20.34 -1.57
C ILE D 128 -26.46 19.95 -1.68
N SER D 129 -26.20 18.83 -2.37
CA SER D 129 -24.83 18.39 -2.56
C SER D 129 -24.02 19.41 -3.35
N MET D 130 -24.64 20.02 -4.37
CA MET D 130 -23.93 21.02 -5.16
C MET D 130 -23.54 22.22 -4.29
N ALA D 131 -24.48 22.74 -3.51
CA ALA D 131 -24.16 23.88 -2.65
C ALA D 131 -23.07 23.52 -1.65
N ARG D 132 -23.16 22.33 -1.06
CA ARG D 132 -22.15 21.90 -0.11
C ARG D 132 -20.77 21.82 -0.77
N ALA D 133 -20.72 21.28 -1.99
CA ALA D 133 -19.45 21.18 -2.70
C ALA D 133 -18.86 22.54 -3.01
N ALA D 134 -19.70 23.50 -3.40
CA ALA D 134 -19.20 24.84 -3.69
C ALA D 134 -18.61 25.48 -2.44
N LEU D 135 -19.29 25.37 -1.30
CA LEU D 135 -18.74 25.92 -0.08
C LEU D 135 -17.44 25.25 0.30
N ALA D 136 -17.37 23.92 0.16
CA ALA D 136 -16.15 23.20 0.48
C ALA D 136 -14.99 23.66 -0.39
N LYS D 137 -15.24 23.86 -1.68
CA LYS D 137 -14.22 24.34 -2.59
C LYS D 137 -13.73 25.72 -2.17
N ALA D 138 -14.64 26.62 -1.81
CA ALA D 138 -14.22 27.95 -1.38
C ALA D 138 -13.34 27.87 -0.14
N GLN D 139 -13.69 27.00 0.80
CA GLN D 139 -12.88 26.88 2.02
C GLN D 139 -11.52 26.24 1.75
N ALA D 140 -11.44 25.36 0.75
CA ALA D 140 -10.18 24.67 0.50
C ALA D 140 -9.08 25.60 0.01
N GLU D 141 -9.43 26.73 -0.61
CA GLU D 141 -8.45 27.62 -1.21
C GLU D 141 -8.18 28.86 -0.37
N MET D 142 -8.54 28.84 0.91
CA MET D 142 -8.14 29.91 1.82
C MET D 142 -6.64 29.89 2.01
N THR D 143 -6.05 31.08 2.08
CA THR D 143 -4.62 31.23 2.26
C THR D 143 -4.21 31.39 3.72
N SER D 144 -5.18 31.32 4.64
CA SER D 144 -4.88 31.45 6.06
C SER D 144 -5.96 30.72 6.85
N ARG D 145 -5.64 30.40 8.10
CA ARG D 145 -6.60 29.85 9.03
C ARG D 145 -6.40 30.52 10.38
N MET D 146 -7.44 30.44 11.20
CA MET D 146 -7.34 30.95 12.56
C MET D 146 -6.34 30.12 13.36
N ARG D 147 -5.57 30.79 14.20
CA ARG D 147 -4.58 30.12 15.03
C ARG D 147 -5.27 29.45 16.22
N PRO D 148 -5.05 28.15 16.46
CA PRO D 148 -5.75 27.48 17.55
C PRO D 148 -5.19 27.86 18.93
N VAL D 149 -6.02 27.63 19.95
CA VAL D 149 -5.65 27.87 21.34
C VAL D 149 -5.22 26.54 21.95
N VAL D 150 -4.01 26.50 22.51
CA VAL D 150 -3.39 25.25 22.93
C VAL D 150 -3.08 25.31 24.42
N ILE D 151 -3.57 24.32 25.15
CA ILE D 151 -3.33 24.15 26.57
C ILE D 151 -2.58 22.84 26.78
N MET D 152 -1.50 22.88 27.54
CA MET D 152 -0.70 21.71 27.84
C MET D 152 -0.53 21.59 29.34
N MET D 153 -1.01 20.48 29.91
CA MET D 153 -0.91 20.21 31.35
C MET D 153 0.18 19.17 31.60
N CYS D 154 1.17 19.55 32.40
CA CYS D 154 2.21 18.65 32.87
C CYS D 154 1.99 18.36 34.35
N GLY D 155 2.48 17.21 34.81
CA GLY D 155 2.40 16.87 36.21
C GLY D 155 2.75 15.42 36.50
N PRO D 156 2.92 15.09 37.78
CA PRO D 156 3.27 13.71 38.18
C PRO D 156 2.16 12.73 37.83
N PRO D 157 2.46 11.43 37.85
CA PRO D 157 1.47 10.45 37.38
C PRO D 157 0.37 10.16 38.40
N GLY D 158 -0.83 9.92 37.86
CA GLY D 158 -1.94 9.40 38.63
C GLY D 158 -2.79 10.43 39.33
N ILE D 159 -2.54 11.73 39.15
CA ILE D 159 -3.14 12.75 39.98
C ILE D 159 -4.45 13.31 39.42
N GLY D 160 -4.78 13.03 38.16
CA GLY D 160 -6.06 13.44 37.63
C GLY D 160 -6.02 14.40 36.46
N LYS D 161 -4.93 14.40 35.69
CA LYS D 161 -4.79 15.31 34.56
C LYS D 161 -5.81 15.00 33.46
N THR D 162 -6.03 13.73 33.16
CA THR D 162 -6.90 13.34 32.05
C THR D 162 -8.35 13.75 32.28
N LYS D 163 -8.84 13.59 33.52
CA LYS D 163 -10.20 14.02 33.85
C LYS D 163 -10.36 15.53 33.69
N ALA D 164 -9.38 16.30 34.18
CA ALA D 164 -9.43 17.74 34.04
C ALA D 164 -9.42 18.16 32.57
N ALA D 165 -8.62 17.47 31.76
CA ALA D 165 -8.59 17.74 30.33
C ALA D 165 -9.95 17.51 29.68
N GLU D 166 -10.62 16.43 30.03
CA GLU D 166 -11.93 16.16 29.44
C GLU D 166 -12.95 17.21 29.86
N HIS D 167 -12.92 17.62 31.13
CA HIS D 167 -13.79 18.70 31.59
C HIS D 167 -13.57 19.97 30.78
N LEU D 168 -12.30 20.39 30.65
CA LEU D 168 -11.98 21.60 29.90
C LEU D 168 -12.45 21.50 28.46
N ALA D 169 -12.18 20.37 27.80
CA ALA D 169 -12.56 20.22 26.40
C ALA D 169 -14.07 20.31 26.21
N LYS D 170 -14.85 19.64 27.06
CA LYS D 170 -16.30 19.73 26.92
C LYS D 170 -16.78 21.17 27.05
N ARG D 171 -16.35 21.85 28.11
CA ARG D 171 -16.82 23.21 28.33
C ARG D 171 -16.39 24.14 27.20
N LEU D 172 -15.13 24.05 26.78
CA LEU D 172 -14.63 24.89 25.69
C LEU D 172 -15.42 24.67 24.41
N ALA D 173 -15.65 23.40 24.04
CA ALA D 173 -16.35 23.14 22.79
C ALA D 173 -17.76 23.69 22.84
N ASN D 174 -18.44 23.57 23.98
CA ASN D 174 -19.79 24.12 24.05
C ASN D 174 -19.78 25.64 24.01
N GLU D 175 -18.77 26.28 24.63
CA GLU D 175 -18.72 27.73 24.65
C GLU D 175 -18.39 28.32 23.27
N ILE D 176 -17.49 27.67 22.53
CA ILE D 176 -17.20 28.15 21.17
C ILE D 176 -18.46 28.10 20.32
N ARG D 177 -19.30 27.10 20.52
CA ARG D 177 -20.48 26.92 19.71
C ARG D 177 -21.42 25.91 20.37
N PRO D 178 -22.73 26.14 20.37
CA PRO D 178 -23.66 25.11 20.86
C PRO D 178 -23.59 23.86 20.00
N GLY D 179 -23.25 22.73 20.63
CA GLY D 179 -23.01 21.51 19.88
C GLY D 179 -21.61 21.48 19.32
N GLY D 180 -20.61 21.44 20.20
CA GLY D 180 -19.23 21.64 19.81
C GLY D 180 -18.52 20.45 19.20
N LYS D 181 -18.62 19.28 19.82
CA LYS D 181 -17.88 18.09 19.39
C LYS D 181 -16.40 18.18 19.72
N VAL D 182 -15.84 17.08 20.22
CA VAL D 182 -14.41 16.96 20.52
C VAL D 182 -13.88 15.77 19.74
N GLY D 183 -12.65 15.89 19.24
CA GLY D 183 -12.03 14.88 18.43
C GLY D 183 -10.71 14.36 19.01
N LEU D 184 -10.15 13.36 18.33
CA LEU D 184 -8.97 12.64 18.78
C LEU D 184 -7.79 12.91 17.85
N VAL D 185 -6.64 13.18 18.43
CA VAL D 185 -5.39 13.34 17.67
C VAL D 185 -4.73 11.96 17.59
N PRO D 186 -4.45 11.43 16.40
CA PRO D 186 -3.74 10.15 16.34
C PRO D 186 -2.39 10.24 17.00
N ARG D 187 -2.00 9.17 17.67
CA ARG D 187 -0.76 9.16 18.43
C ARG D 187 0.34 8.47 17.63
N GLU D 188 1.51 8.30 18.24
CA GLU D 188 2.72 8.00 17.51
C GLU D 188 2.67 6.68 16.77
N ALA D 189 1.73 5.79 17.09
CA ALA D 189 1.62 4.51 16.42
C ALA D 189 0.74 4.53 15.19
N VAL D 190 0.03 5.63 14.94
CA VAL D 190 -0.90 5.76 13.82
C VAL D 190 -0.45 6.95 12.98
N ASP D 191 -0.35 6.77 11.66
CA ASP D 191 0.23 7.77 10.79
C ASP D 191 -0.77 8.36 9.79
N HIS D 192 -2.05 8.11 9.95
CA HIS D 192 -3.06 8.65 9.06
C HIS D 192 -4.19 9.24 9.89
N TRP D 193 -4.94 10.14 9.25
CA TRP D 193 -5.93 10.97 9.94
C TRP D 193 -7.35 10.59 9.59
N ASP D 194 -7.57 9.45 8.94
CA ASP D 194 -8.92 8.98 8.74
C ASP D 194 -9.62 8.84 10.08
N GLY D 195 -10.84 9.34 10.17
CA GLY D 195 -11.52 9.50 11.44
C GLY D 195 -11.44 10.88 12.05
N TYR D 196 -11.09 11.90 11.28
CA TYR D 196 -11.12 13.29 11.72
C TYR D 196 -12.15 14.03 10.87
N HIS D 197 -13.02 14.79 11.53
CA HIS D 197 -14.17 15.40 10.86
C HIS D 197 -14.24 16.89 11.14
N GLY D 198 -13.09 17.56 11.23
CA GLY D 198 -13.08 18.99 11.45
C GLY D 198 -13.75 19.40 12.73
N GLU D 199 -13.14 19.06 13.86
CA GLU D 199 -13.75 19.25 15.17
C GLU D 199 -13.36 20.58 15.77
N GLU D 200 -14.27 21.15 16.57
CA GLU D 200 -13.99 22.41 17.23
C GLU D 200 -12.80 22.29 18.17
N VAL D 201 -12.75 21.22 18.96
CA VAL D 201 -11.67 21.00 19.92
C VAL D 201 -11.09 19.62 19.70
N MET D 202 -9.78 19.50 19.95
CA MET D 202 -9.08 18.23 19.85
C MET D 202 -8.41 17.90 21.17
N LEU D 203 -8.36 16.60 21.48
CA LEU D 203 -7.80 16.09 22.73
C LEU D 203 -6.61 15.20 22.43
N TRP D 204 -5.53 15.36 23.19
CA TRP D 204 -4.28 14.64 22.93
C TRP D 204 -3.65 14.22 24.26
N ASP D 205 -3.69 12.92 24.55
CA ASP D 205 -3.19 12.38 25.80
C ASP D 205 -1.90 11.59 25.58
N ASP D 206 -1.08 11.55 26.62
CA ASP D 206 0.22 10.85 26.61
C ASP D 206 1.14 11.43 25.55
N TYR D 207 1.38 12.73 25.65
CA TYR D 207 2.29 13.42 24.76
C TYR D 207 3.72 13.21 25.23
N GLY D 208 4.58 12.74 24.33
CA GLY D 208 5.95 12.45 24.68
C GLY D 208 6.15 11.16 25.43
N MET D 209 5.22 10.20 25.31
CA MET D 209 5.36 8.95 26.03
C MET D 209 6.60 8.19 25.60
N THR D 210 6.80 8.03 24.28
CA THR D 210 7.95 7.29 23.78
C THR D 210 8.73 8.04 22.69
N LYS D 211 8.04 8.86 21.90
CA LYS D 211 8.61 9.46 20.69
C LYS D 211 8.36 10.97 20.68
N ILE D 212 8.79 11.64 21.74
CA ILE D 212 8.50 13.04 21.96
C ILE D 212 8.88 13.92 20.76
N GLN D 213 9.89 13.52 19.98
CA GLN D 213 10.34 14.37 18.88
C GLN D 213 9.36 14.36 17.70
N GLU D 214 8.79 13.20 17.39
CA GLU D 214 7.73 13.17 16.38
C GLU D 214 6.48 13.90 16.86
N ASP D 215 6.23 13.86 18.16
CA ASP D 215 5.15 14.66 18.74
C ASP D 215 5.44 16.15 18.59
N CYS D 216 6.70 16.54 18.76
CA CYS D 216 7.08 17.94 18.55
C CYS D 216 6.88 18.35 17.10
N ASN D 217 7.29 17.52 16.15
CA ASN D 217 7.07 17.83 14.74
C ASN D 217 5.60 18.02 14.45
N LYS D 218 4.78 17.08 14.93
CA LYS D 218 3.34 17.15 14.67
C LYS D 218 2.73 18.39 15.29
N LEU D 219 3.10 18.71 16.54
CA LEU D 219 2.53 19.88 17.20
C LEU D 219 2.93 21.16 16.48
N GLN D 220 4.19 21.27 16.06
CA GLN D 220 4.58 22.45 15.32
C GLN D 220 3.78 22.58 14.04
N ALA D 221 3.58 21.48 13.32
CA ALA D 221 2.81 21.55 12.08
C ALA D 221 1.40 22.04 12.34
N ILE D 222 0.67 21.41 13.27
CA ILE D 222 -0.77 21.65 13.34
C ILE D 222 -1.08 23.00 13.98
N ALA D 223 -0.36 23.39 15.02
CA ALA D 223 -0.60 24.66 15.68
C ALA D 223 0.07 25.78 14.88
N ASP D 224 -0.70 26.42 14.00
CA ASP D 224 -0.17 27.47 13.15
C ASP D 224 -1.33 28.15 12.44
N SER D 225 -1.02 29.24 11.75
CA SER D 225 -1.97 29.93 10.87
C SER D 225 -1.75 29.61 9.41
N ALA D 226 -0.80 28.77 9.09
CA ALA D 226 -0.52 28.34 7.72
C ALA D 226 -1.34 27.09 7.39
N PRO D 227 -2.10 27.07 6.29
CA PRO D 227 -2.90 25.89 5.96
C PRO D 227 -2.04 24.64 5.78
N LEU D 228 -2.63 23.49 6.11
CA LEU D 228 -1.91 22.22 6.17
C LEU D 228 -2.74 21.11 5.54
N THR D 229 -2.07 20.22 4.82
CA THR D 229 -2.69 19.02 4.26
C THR D 229 -2.27 17.82 5.11
N LEU D 230 -3.24 16.99 5.48
CA LEU D 230 -3.01 15.82 6.30
C LEU D 230 -2.91 14.56 5.44
N ASN D 231 -2.20 13.56 5.96
CA ASN D 231 -2.02 12.28 5.26
C ASN D 231 -3.13 11.32 5.68
N CYS D 232 -3.91 10.86 4.70
CA CYS D 232 -5.01 9.94 4.93
C CYS D 232 -4.93 8.78 3.95
N ASP D 233 -5.37 7.61 4.39
CA ASP D 233 -5.23 6.38 3.61
C ASP D 233 -6.39 6.09 2.67
N ARG D 234 -7.59 6.58 2.98
CA ARG D 234 -8.71 6.40 2.06
C ARG D 234 -8.60 7.36 0.89
N ILE D 235 -9.14 6.93 -0.26
CA ILE D 235 -9.05 7.74 -1.47
C ILE D 235 -9.92 8.98 -1.37
N GLU D 236 -11.12 8.85 -0.78
CA GLU D 236 -12.03 9.99 -0.71
C GLU D 236 -11.62 11.04 0.32
N ASN D 237 -10.71 10.72 1.24
CA ASN D 237 -10.18 11.69 2.19
C ASN D 237 -8.87 12.29 1.72
N LYS D 238 -8.51 12.10 0.45
CA LYS D 238 -7.18 12.49 0.00
C LYS D 238 -7.04 14.01 -0.07
N GLY D 239 -5.95 14.51 0.48
CA GLY D 239 -5.66 15.93 0.48
C GLY D 239 -6.57 16.82 1.31
N MET D 240 -6.90 16.41 2.53
CA MET D 240 -7.72 17.22 3.43
C MET D 240 -6.84 17.97 4.42
N GLN D 241 -7.43 18.93 5.12
CA GLN D 241 -6.70 19.91 5.90
C GLN D 241 -7.14 19.92 7.35
N PHE D 242 -6.45 20.71 8.17
CA PHE D 242 -6.69 20.81 9.59
C PHE D 242 -7.32 22.14 9.92
N VAL D 243 -8.51 22.11 10.52
CA VAL D 243 -9.31 23.31 10.74
C VAL D 243 -9.85 23.44 12.17
N SER D 244 -9.12 22.93 13.17
CA SER D 244 -9.64 22.95 14.52
C SER D 244 -9.36 24.28 15.22
N ASP D 245 -10.11 24.53 16.29
CA ASP D 245 -10.06 25.80 17.02
C ASP D 245 -9.28 25.73 18.31
N ALA D 246 -9.16 24.56 18.94
CA ALA D 246 -8.39 24.44 20.18
C ALA D 246 -7.85 23.03 20.32
N ILE D 247 -6.76 22.90 21.07
CA ILE D 247 -6.16 21.61 21.39
C ILE D 247 -5.83 21.59 22.88
N VAL D 248 -6.26 20.51 23.55
CA VAL D 248 -5.96 20.26 24.97
C VAL D 248 -5.08 19.02 25.04
N ILE D 249 -3.96 19.11 25.76
CA ILE D 249 -2.94 18.08 25.76
C ILE D 249 -2.51 17.78 27.19
N THR D 250 -2.34 16.50 27.51
CA THR D 250 -1.80 16.09 28.81
C THR D 250 -0.46 15.37 28.63
N THR D 251 0.42 15.54 29.62
CA THR D 251 1.81 15.13 29.45
C THR D 251 2.36 14.62 30.77
N ASN D 252 3.38 13.77 30.68
CA ASN D 252 4.21 13.40 31.83
C ASN D 252 5.62 13.97 31.76
N ALA D 253 6.03 14.49 30.61
CA ALA D 253 7.37 15.01 30.40
C ALA D 253 7.56 16.37 31.07
N PRO D 254 8.81 16.78 31.29
CA PRO D 254 9.07 18.04 32.01
C PRO D 254 8.56 19.28 31.31
N GLY D 255 8.37 19.26 29.99
CA GLY D 255 7.94 20.42 29.26
C GLY D 255 7.49 20.08 27.86
N PRO D 256 7.24 21.10 27.04
CA PRO D 256 6.84 20.84 25.64
C PRO D 256 7.89 20.12 24.82
N ALA D 257 9.18 20.34 25.07
CA ALA D 257 10.24 19.75 24.27
C ALA D 257 11.50 19.67 25.11
N PRO D 258 12.45 18.79 24.74
CA PRO D 258 13.71 18.73 25.48
C PRO D 258 14.52 20.02 25.35
N VAL D 259 15.28 20.33 26.40
CA VAL D 259 16.02 21.59 26.41
C VAL D 259 17.13 21.60 25.37
N ASP D 260 17.56 20.44 24.88
CA ASP D 260 18.60 20.36 23.86
C ASP D 260 18.02 20.14 22.46
N PHE D 261 16.70 20.23 22.31
CA PHE D 261 16.08 20.05 21.02
C PHE D 261 16.43 21.22 20.10
N VAL D 262 16.25 21.01 18.80
CA VAL D 262 16.63 22.01 17.81
C VAL D 262 15.51 23.02 17.59
N ASN D 263 14.26 22.57 17.63
CA ASN D 263 13.10 23.45 17.42
C ASN D 263 12.45 23.84 18.74
N LEU D 264 13.25 24.07 19.79
CA LEU D 264 12.68 24.45 21.07
C LEU D 264 11.84 25.71 20.95
N GLY D 265 12.40 26.76 20.34
CA GLY D 265 11.71 28.02 20.20
C GLY D 265 10.44 27.93 19.39
N PRO D 266 10.52 27.33 18.20
CA PRO D 266 9.31 27.17 17.39
C PRO D 266 8.19 26.41 18.07
N VAL D 267 8.50 25.45 18.94
CA VAL D 267 7.46 24.66 19.60
C VAL D 267 6.91 25.38 20.82
N CYS D 268 7.79 26.02 21.61
CA CYS D 268 7.36 26.64 22.85
C CYS D 268 6.46 27.84 22.61
N ARG D 269 6.77 28.67 21.60
CA ARG D 269 5.96 29.85 21.34
C ARG D 269 4.54 29.50 20.91
N ARG D 270 4.30 28.29 20.45
CA ARG D 270 2.98 27.90 19.98
C ARG D 270 2.06 27.43 21.10
N VAL D 271 2.56 27.32 22.33
CA VAL D 271 1.77 26.90 23.46
C VAL D 271 1.19 28.13 24.14
N ASP D 272 -0.14 28.21 24.22
CA ASP D 272 -0.79 29.37 24.79
C ASP D 272 -0.83 29.31 26.31
N PHE D 273 -1.23 28.17 26.87
CA PHE D 273 -1.28 28.01 28.33
C PHE D 273 -0.54 26.74 28.74
N LEU D 274 0.58 26.92 29.43
CA LEU D 274 1.39 25.84 29.96
C LEU D 274 1.13 25.72 31.46
N VAL D 275 0.43 24.65 31.86
CA VAL D 275 -0.03 24.49 33.23
C VAL D 275 0.75 23.36 33.89
N TYR D 276 1.17 23.59 35.13
CA TYR D 276 1.88 22.61 35.94
C TYR D 276 1.03 22.22 37.13
N CYS D 277 0.77 20.92 37.29
CA CYS D 277 -0.22 20.41 38.21
C CYS D 277 0.44 19.60 39.33
N THR D 278 -0.16 19.66 40.51
CA THR D 278 0.21 18.79 41.63
C THR D 278 -1.04 18.40 42.40
N ALA D 279 -0.87 17.49 43.35
CA ALA D 279 -1.98 17.01 44.18
C ALA D 279 -1.41 16.50 45.50
N PRO D 280 -1.20 17.39 46.48
CA PRO D 280 -0.43 16.99 47.67
C PRO D 280 -1.11 15.93 48.53
N GLU D 281 -2.41 16.05 48.76
CA GLU D 281 -3.11 15.07 49.60
C GLU D 281 -3.07 13.68 48.99
N VAL D 282 -3.30 13.59 47.68
CA VAL D 282 -3.29 12.29 47.00
C VAL D 282 -1.92 11.63 47.16
N GLU D 283 -0.86 12.39 46.90
CA GLU D 283 0.48 11.83 46.99
C GLU D 283 0.80 11.39 48.41
N HIS D 284 0.40 12.19 49.41
CA HIS D 284 0.66 11.80 50.79
C HIS D 284 -0.07 10.51 51.14
N THR D 285 -1.35 10.41 50.79
CA THR D 285 -2.10 9.22 51.18
C THR D 285 -1.56 7.98 50.48
N ARG D 286 -1.21 8.10 49.20
CA ARG D 286 -0.66 6.93 48.52
C ARG D 286 0.77 6.63 48.96
N LYS D 287 1.42 7.55 49.66
CA LYS D 287 2.74 7.26 50.21
C LYS D 287 2.65 6.56 51.56
N VAL D 288 1.72 6.97 52.42
CA VAL D 288 1.67 6.44 53.79
C VAL D 288 0.68 5.30 53.95
N SER D 289 -0.21 5.08 52.99
CA SER D 289 -1.16 3.96 53.03
C SER D 289 -1.15 3.25 51.69
N PRO D 290 -0.02 2.65 51.32
CA PRO D 290 0.05 1.96 50.03
C PRO D 290 -0.87 0.75 49.97
N GLY D 291 -1.44 0.52 48.80
CA GLY D 291 -2.35 -0.59 48.61
C GLY D 291 -3.77 -0.35 49.07
N ASP D 292 -4.03 0.75 49.78
CA ASP D 292 -5.36 1.05 50.29
C ASP D 292 -6.11 1.84 49.23
N THR D 293 -7.10 1.20 48.60
CA THR D 293 -7.82 1.84 47.51
C THR D 293 -8.84 2.86 48.01
N THR D 294 -9.43 2.63 49.19
CA THR D 294 -10.52 3.48 49.64
C THR D 294 -10.03 4.84 50.13
N ALA D 295 -8.94 4.86 50.90
CA ALA D 295 -8.41 6.13 51.35
C ALA D 295 -8.06 7.02 50.17
N LEU D 296 -7.46 6.44 49.12
CA LEU D 296 -7.16 7.19 47.92
C LEU D 296 -8.43 7.61 47.18
N LYS D 297 -9.41 6.71 47.10
CA LYS D 297 -10.67 7.05 46.47
C LYS D 297 -11.31 8.26 47.12
N ASP D 298 -11.04 8.47 48.40
CA ASP D 298 -11.66 9.57 49.14
C ASP D 298 -10.95 10.91 48.97
N CYS D 299 -9.85 10.96 48.21
CA CYS D 299 -9.05 12.18 48.08
C CYS D 299 -9.42 13.02 46.87
N PHE D 300 -10.43 12.63 46.09
CA PHE D 300 -10.81 13.33 44.88
C PHE D 300 -12.18 13.96 45.06
N LYS D 301 -12.32 15.22 44.64
CA LYS D 301 -13.56 15.96 44.80
C LYS D 301 -14.21 16.24 43.45
N PRO D 302 -15.54 16.36 43.39
CA PRO D 302 -16.22 16.54 42.10
C PRO D 302 -16.02 17.91 41.47
N ASP D 303 -15.12 18.74 42.02
CA ASP D 303 -14.83 20.05 41.46
C ASP D 303 -13.33 20.30 41.34
N PHE D 304 -12.54 19.23 41.32
CA PHE D 304 -11.10 19.31 41.02
C PHE D 304 -10.35 20.16 42.03
N SER D 305 -10.85 20.23 43.27
CA SER D 305 -10.14 20.94 44.32
C SER D 305 -8.82 20.29 44.65
N HIS D 306 -8.66 19.00 44.33
CA HIS D 306 -7.44 18.29 44.67
C HIS D 306 -6.26 18.75 43.82
N LEU D 307 -6.51 19.16 42.58
CA LEU D 307 -5.46 19.65 41.70
C LEU D 307 -5.05 21.06 42.10
N LYS D 308 -3.75 21.29 42.17
CA LYS D 308 -3.18 22.62 42.41
C LYS D 308 -2.37 23.02 41.18
N MET D 309 -2.69 24.18 40.60
CA MET D 309 -2.24 24.54 39.27
C MET D 309 -1.38 25.81 39.29
N GLU D 310 -0.30 25.78 38.52
CA GLU D 310 0.54 26.95 38.28
C GLU D 310 0.61 27.23 36.79
N LEU D 311 0.72 28.51 36.45
CA LEU D 311 0.81 28.98 35.08
C LEU D 311 2.18 29.59 34.85
N ALA D 312 2.84 29.16 33.78
CA ALA D 312 4.17 29.62 33.42
C ALA D 312 4.11 30.78 32.43
N PRO D 313 5.16 31.58 32.33
CA PRO D 313 5.16 32.69 31.37
C PRO D 313 5.09 32.20 29.94
N GLN D 314 4.25 32.87 29.15
CA GLN D 314 3.95 32.40 27.80
C GLN D 314 5.24 32.28 26.98
N GLY D 315 5.55 31.06 26.58
CA GLY D 315 6.78 30.76 25.88
C GLY D 315 7.86 30.11 26.74
N GLY D 316 7.53 29.63 27.93
CA GLY D 316 8.49 28.96 28.78
C GLY D 316 8.57 27.47 28.49
N PHE D 317 9.50 26.81 29.16
CA PHE D 317 9.65 25.37 29.00
C PHE D 317 9.96 24.60 30.29
N ASP D 318 9.82 25.19 31.47
CA ASP D 318 10.12 24.45 32.69
C ASP D 318 9.40 25.08 33.88
N ASN D 319 9.74 24.61 35.09
CA ASN D 319 9.08 25.00 36.32
C ASN D 319 9.48 26.38 36.82
N GLN D 320 10.71 26.79 36.56
CA GLN D 320 11.29 27.93 37.25
C GLN D 320 11.08 29.25 36.51
N GLY D 321 10.26 29.26 35.47
CA GLY D 321 10.00 30.48 34.72
C GLY D 321 10.99 30.80 33.63
N ASN D 322 11.88 29.87 33.28
CA ASN D 322 12.79 30.09 32.17
C ASN D 322 12.03 30.07 30.85
N THR D 323 12.46 30.93 29.93
CA THR D 323 11.97 30.99 28.57
C THR D 323 13.18 30.99 27.65
N PRO D 324 13.00 30.67 26.36
CA PRO D 324 14.15 30.66 25.46
C PRO D 324 14.91 31.97 25.43
N PHE D 325 14.30 33.08 25.84
CA PHE D 325 14.89 34.39 25.72
C PHE D 325 15.06 35.12 27.05
N GLY D 326 14.24 34.81 28.06
CA GLY D 326 14.29 35.55 29.31
C GLY D 326 14.03 34.73 30.55
N LYS D 327 13.57 35.39 31.61
CA LYS D 327 13.34 34.75 32.90
C LYS D 327 12.16 35.46 33.56
N GLY D 328 10.98 34.85 33.50
CA GLY D 328 9.78 35.39 34.08
C GLY D 328 9.44 34.75 35.41
N VAL D 329 8.15 34.79 35.75
CA VAL D 329 7.66 34.29 37.03
C VAL D 329 6.44 33.40 36.80
N MET D 330 6.14 32.58 37.80
CA MET D 330 4.98 31.70 37.79
C MET D 330 3.76 32.41 38.36
N LYS D 331 2.61 31.76 38.28
CA LYS D 331 1.39 32.36 38.85
C LYS D 331 0.39 31.28 39.25
N PRO D 332 -0.09 31.26 40.50
CA PRO D 332 -1.12 30.30 40.86
C PRO D 332 -2.37 30.50 40.03
N THR D 333 -3.04 29.41 39.69
CA THR D 333 -4.27 29.50 38.93
C THR D 333 -5.19 28.36 39.36
N THR D 334 -6.42 28.41 38.88
CA THR D 334 -7.41 27.37 39.11
C THR D 334 -8.01 26.98 37.76
N ILE D 335 -8.79 25.90 37.77
CA ILE D 335 -9.32 25.37 36.52
C ILE D 335 -10.33 26.33 35.89
N ASN D 336 -11.13 27.00 36.71
CA ASN D 336 -12.17 27.90 36.18
C ASN D 336 -11.56 29.17 35.60
N ARG D 337 -10.55 29.74 36.26
CA ARG D 337 -9.89 30.91 35.72
C ARG D 337 -9.22 30.60 34.39
N LEU D 338 -8.56 29.44 34.31
CA LEU D 338 -7.99 28.99 33.06
C LEU D 338 -9.04 28.89 31.96
N LEU D 339 -10.21 28.35 32.30
CA LEU D 339 -11.28 28.24 31.32
C LEU D 339 -11.74 29.61 30.82
N ILE D 340 -11.91 30.57 31.74
CA ILE D 340 -12.36 31.90 31.34
C ILE D 340 -11.33 32.55 30.41
N GLN D 341 -10.04 32.42 30.75
CA GLN D 341 -9.00 32.97 29.90
C GLN D 341 -9.00 32.35 28.51
N ALA D 342 -9.17 31.02 28.44
CA ALA D 342 -9.17 30.36 27.14
C ALA D 342 -10.34 30.84 26.29
N VAL D 343 -11.52 31.00 26.89
CA VAL D 343 -12.67 31.50 26.14
C VAL D 343 -12.40 32.92 25.64
N ALA D 344 -11.84 33.76 26.50
CA ALA D 344 -11.55 35.14 26.09
C ALA D 344 -10.59 35.18 24.91
N LEU D 345 -9.50 34.41 24.99
CA LEU D 345 -8.53 34.41 23.90
C LEU D 345 -9.13 33.87 22.61
N THR D 346 -9.94 32.81 22.71
CA THR D 346 -10.57 32.28 21.50
C THR D 346 -11.45 33.33 20.84
N MET D 347 -12.23 34.07 21.64
CA MET D 347 -13.09 35.09 21.06
C MET D 347 -12.29 36.21 20.40
N GLU D 348 -11.24 36.67 21.08
CA GLU D 348 -10.39 37.70 20.48
C GLU D 348 -9.85 37.25 19.13
N ARG D 349 -9.29 36.05 19.08
CA ARG D 349 -8.71 35.56 17.84
C ARG D 349 -9.77 35.41 16.75
N GLN D 350 -10.95 34.92 17.10
CA GLN D 350 -12.00 34.76 16.09
C GLN D 350 -12.40 36.11 15.50
N ASP D 351 -12.55 37.13 16.34
CA ASP D 351 -12.90 38.45 15.81
C ASP D 351 -11.79 39.00 14.92
N GLU D 352 -10.53 38.87 15.33
CA GLU D 352 -9.46 39.35 14.46
C GLU D 352 -9.46 38.62 13.13
N PHE D 353 -9.63 37.30 13.14
CA PHE D 353 -9.65 36.56 11.87
C PHE D 353 -10.77 37.06 10.97
N GLN D 354 -11.95 37.28 11.55
CA GLN D 354 -13.07 37.77 10.74
C GLN D 354 -12.77 39.14 10.15
N LEU D 355 -12.08 40.00 10.90
CA LEU D 355 -11.78 41.35 10.40
C LEU D 355 -10.72 41.31 9.30
N GLN D 356 -9.64 40.57 9.52
CA GLN D 356 -8.51 40.58 8.59
C GLN D 356 -8.89 39.96 7.26
N ASP E 57 -51.09 -13.69 6.28
CA ASP E 57 -50.56 -14.99 6.77
C ASP E 57 -49.38 -14.77 7.70
N GLN E 58 -48.54 -15.79 7.87
CA GLN E 58 -47.40 -15.67 8.79
C GLN E 58 -46.45 -14.56 8.33
N THR E 59 -46.21 -14.46 7.02
CA THR E 59 -45.30 -13.43 6.53
C THR E 59 -45.82 -12.04 6.83
N GLU E 60 -47.12 -11.81 6.63
CA GLU E 60 -47.67 -10.48 6.84
C GLU E 60 -47.56 -10.06 8.30
N LYS E 61 -47.98 -10.92 9.21
CA LYS E 61 -47.90 -10.57 10.63
C LYS E 61 -46.44 -10.43 11.07
N THR E 62 -45.55 -11.28 10.55
CA THR E 62 -44.15 -11.20 10.92
C THR E 62 -43.55 -9.87 10.48
N LEU E 63 -43.83 -9.46 9.24
CA LEU E 63 -43.27 -8.19 8.78
C LEU E 63 -43.91 -7.00 9.47
N LYS E 64 -45.19 -7.10 9.83
CA LYS E 64 -45.81 -6.03 10.63
C LYS E 64 -45.13 -5.92 11.99
N ASP E 65 -44.85 -7.06 12.63
CA ASP E 65 -44.15 -7.03 13.91
C ASP E 65 -42.76 -6.43 13.77
N ILE E 66 -42.06 -6.79 12.70
CA ILE E 66 -40.73 -6.22 12.47
C ILE E 66 -40.83 -4.72 12.28
N GLU E 67 -41.84 -4.27 11.53
CA GLU E 67 -42.02 -2.83 11.32
C GLU E 67 -42.26 -2.12 12.64
N SER E 68 -43.13 -2.68 13.48
CA SER E 68 -43.39 -2.07 14.79
C SER E 68 -42.11 -2.00 15.62
N ALA E 69 -41.36 -3.10 15.64
CA ALA E 69 -40.11 -3.13 16.39
C ALA E 69 -39.17 -2.03 15.93
N VAL E 70 -38.97 -1.93 14.61
CA VAL E 70 -37.99 -0.97 14.10
C VAL E 70 -38.45 0.46 14.35
N ILE E 71 -39.75 0.74 14.21
CA ILE E 71 -40.21 2.11 14.42
C ILE E 71 -40.05 2.51 15.88
N ASP E 72 -40.44 1.63 16.82
CA ASP E 72 -40.27 1.97 18.23
C ASP E 72 -38.80 2.13 18.58
N MET E 73 -37.94 1.28 18.01
CA MET E 73 -36.50 1.40 18.25
C MET E 73 -35.97 2.74 17.72
N GLU E 74 -36.42 3.15 16.53
CA GLU E 74 -36.00 4.44 16.00
C GLU E 74 -36.45 5.57 16.92
N VAL E 75 -37.67 5.49 17.44
CA VAL E 75 -38.16 6.51 18.36
C VAL E 75 -37.26 6.59 19.59
N LEU E 76 -36.96 5.42 20.18
CA LEU E 76 -36.14 5.40 21.38
C LEU E 76 -34.75 5.97 21.11
N SER E 77 -34.15 5.60 19.97
CA SER E 77 -32.83 6.12 19.63
C SER E 77 -32.86 7.63 19.49
N SER E 78 -33.78 8.15 18.68
CA SER E 78 -33.89 9.59 18.53
C SER E 78 -34.05 10.26 19.88
N THR E 79 -34.82 9.64 20.79
CA THR E 79 -35.06 10.23 22.10
C THR E 79 -33.77 10.34 22.89
N SER E 80 -33.10 9.20 23.13
CA SER E 80 -32.05 9.14 24.13
C SER E 80 -30.81 8.42 23.58
N VAL E 81 -30.33 8.84 22.41
CA VAL E 81 -29.09 8.27 21.89
C VAL E 81 -27.95 8.48 22.88
N THR E 82 -27.80 9.70 23.39
CA THR E 82 -26.70 9.98 24.32
C THR E 82 -26.86 9.19 25.61
N GLN E 83 -28.08 9.13 26.14
CA GLN E 83 -28.31 8.34 27.35
C GLN E 83 -27.97 6.88 27.11
N LEU E 84 -28.37 6.32 25.97
CA LEU E 84 -28.04 4.94 25.65
C LEU E 84 -26.53 4.74 25.63
N VAL E 85 -25.81 5.56 24.87
CA VAL E 85 -24.37 5.34 24.73
C VAL E 85 -23.68 5.48 26.08
N ARG E 86 -24.18 6.36 26.95
CA ARG E 86 -23.63 6.45 28.29
C ARG E 86 -24.16 5.35 29.21
N ASP E 87 -25.24 4.67 28.81
CA ASP E 87 -25.81 3.55 29.56
C ASP E 87 -25.40 2.28 28.82
N LYS E 88 -24.33 1.64 29.30
CA LYS E 88 -23.69 0.57 28.53
C LYS E 88 -24.64 -0.60 28.29
N GLN E 89 -25.35 -1.03 29.33
CA GLN E 89 -26.19 -2.21 29.21
C GLN E 89 -27.31 -1.98 28.20
N SER E 90 -27.97 -0.82 28.27
CA SER E 90 -29.06 -0.55 27.34
C SER E 90 -28.57 -0.49 25.90
N ALA E 91 -27.41 0.14 25.68
CA ALA E 91 -26.85 0.20 24.33
C ALA E 91 -26.54 -1.19 23.81
N ARG E 92 -25.92 -2.03 24.64
CA ARG E 92 -25.62 -3.39 24.21
C ARG E 92 -26.90 -4.16 23.90
N ALA E 93 -27.92 -4.02 24.74
CA ALA E 93 -29.17 -4.73 24.50
C ALA E 93 -29.83 -4.27 23.21
N TYR E 94 -29.87 -2.96 22.96
CA TYR E 94 -30.46 -2.46 21.73
C TYR E 94 -29.68 -2.95 20.51
N MET E 95 -28.35 -2.96 20.59
CA MET E 95 -27.56 -3.45 19.47
C MET E 95 -27.85 -4.92 19.20
N ALA E 96 -27.95 -5.72 20.26
CA ALA E 96 -28.26 -7.15 20.07
C ALA E 96 -29.64 -7.32 19.46
N ILE E 97 -30.61 -6.51 19.90
CA ILE E 97 -31.95 -6.61 19.33
C ILE E 97 -31.93 -6.25 17.85
N LEU E 98 -31.15 -5.24 17.48
CA LEU E 98 -31.03 -4.90 16.07
C LEU E 98 -30.42 -6.04 15.27
N ASP E 99 -29.41 -6.70 15.83
CA ASP E 99 -28.82 -7.85 15.15
C ASP E 99 -29.85 -8.96 14.98
N ASN E 100 -30.62 -9.26 16.02
CA ASN E 100 -31.66 -10.28 15.92
C ASN E 100 -32.67 -9.92 14.84
N GLU E 101 -33.10 -8.66 14.81
CA GLU E 101 -34.09 -8.22 13.84
C GLU E 101 -33.56 -8.38 12.42
N GLU E 102 -32.32 -7.95 12.19
CA GLU E 102 -31.76 -8.07 10.84
C GLU E 102 -31.63 -9.53 10.43
N GLU E 103 -31.17 -10.39 11.34
CA GLU E 103 -31.03 -11.80 11.02
C GLU E 103 -32.39 -12.42 10.67
N LYS E 104 -33.41 -12.13 11.48
CA LYS E 104 -34.74 -12.66 11.21
C LYS E 104 -35.27 -12.15 9.87
N ALA E 105 -35.06 -10.86 9.59
CA ALA E 105 -35.56 -10.30 8.33
C ALA E 105 -34.90 -10.97 7.14
N ARG E 106 -33.58 -11.14 7.18
CA ARG E 106 -32.90 -11.77 6.05
C ARG E 106 -33.33 -13.23 5.89
N LYS E 107 -33.47 -13.95 7.00
CA LYS E 107 -33.93 -15.33 6.91
C LYS E 107 -35.31 -15.42 6.28
N LEU E 108 -36.23 -14.56 6.72
CA LEU E 108 -37.58 -14.57 6.17
C LEU E 108 -37.56 -14.22 4.69
N SER E 109 -36.75 -13.22 4.30
CA SER E 109 -36.68 -12.84 2.90
C SER E 109 -36.17 -14.00 2.05
N VAL E 110 -35.14 -14.71 2.54
CA VAL E 110 -34.60 -15.83 1.78
C VAL E 110 -35.62 -16.96 1.68
N ARG E 111 -36.36 -17.22 2.76
CA ARG E 111 -37.30 -18.33 2.75
C ARG E 111 -38.38 -18.16 1.68
N ASN E 112 -38.94 -16.97 1.57
CA ASN E 112 -40.01 -16.68 0.63
C ASN E 112 -39.44 -16.10 -0.67
N ALA E 113 -40.31 -15.97 -1.67
CA ALA E 113 -39.90 -15.46 -2.97
C ALA E 113 -41.09 -14.78 -3.63
N ASP E 114 -41.13 -13.45 -3.54
CA ASP E 114 -42.07 -12.62 -4.28
C ASP E 114 -41.75 -11.15 -4.03
N PRO E 115 -42.09 -10.25 -4.96
CA PRO E 115 -41.60 -8.87 -4.85
C PRO E 115 -41.96 -8.19 -3.54
N HIS E 116 -43.16 -8.42 -3.01
CA HIS E 116 -43.60 -7.67 -1.84
C HIS E 116 -42.71 -7.96 -0.64
N VAL E 117 -42.52 -9.24 -0.32
CA VAL E 117 -41.77 -9.59 0.90
C VAL E 117 -40.32 -9.19 0.75
N VAL E 118 -39.72 -9.41 -0.42
CA VAL E 118 -38.31 -9.07 -0.61
C VAL E 118 -38.11 -7.57 -0.50
N SER E 119 -39.00 -6.78 -1.12
CA SER E 119 -38.86 -5.32 -1.05
C SER E 119 -39.04 -4.84 0.39
N SER E 120 -40.04 -5.38 1.10
CA SER E 120 -40.25 -4.97 2.48
C SER E 120 -39.04 -5.31 3.34
N THR E 121 -38.48 -6.51 3.16
CA THR E 121 -37.32 -6.90 3.94
C THR E 121 -36.11 -6.04 3.60
N ASN E 122 -35.93 -5.69 2.32
CA ASN E 122 -34.84 -4.80 1.94
C ASN E 122 -34.98 -3.44 2.61
N ALA E 123 -36.19 -2.88 2.60
CA ALA E 123 -36.40 -1.61 3.27
C ALA E 123 -36.12 -1.72 4.77
N LEU E 124 -36.59 -2.81 5.38
CA LEU E 124 -36.39 -2.98 6.82
C LEU E 124 -34.90 -3.09 7.16
N ILE E 125 -34.14 -3.86 6.39
CA ILE E 125 -32.73 -4.00 6.68
C ILE E 125 -32.00 -2.67 6.44
N SER E 126 -32.43 -1.92 5.42
CA SER E 126 -31.84 -0.60 5.21
C SER E 126 -32.08 0.31 6.41
N ARG E 127 -33.31 0.33 6.94
CA ARG E 127 -33.58 1.17 8.09
C ARG E 127 -32.81 0.70 9.32
N ILE E 128 -32.68 -0.61 9.50
CA ILE E 128 -31.90 -1.14 10.61
C ILE E 128 -30.45 -0.70 10.49
N SER E 129 -29.90 -0.76 9.28
CA SER E 129 -28.52 -0.30 9.08
C SER E 129 -28.38 1.18 9.37
N MET E 130 -29.37 1.99 8.98
CA MET E 130 -29.31 3.42 9.27
C MET E 130 -29.32 3.68 10.78
N ALA E 131 -30.18 2.96 11.51
CA ALA E 131 -30.20 3.11 12.96
C ALA E 131 -28.89 2.70 13.59
N ARG E 132 -28.34 1.56 13.14
CA ARG E 132 -27.07 1.10 13.69
C ARG E 132 -25.95 2.09 13.38
N ALA E 133 -25.97 2.67 12.19
CA ALA E 133 -24.95 3.65 11.81
C ALA E 133 -25.04 4.89 12.68
N ALA E 134 -26.26 5.38 12.92
CA ALA E 134 -26.41 6.56 13.77
C ALA E 134 -25.92 6.28 15.19
N LEU E 135 -26.28 5.11 15.73
CA LEU E 135 -25.81 4.77 17.07
C LEU E 135 -24.29 4.64 17.12
N ALA E 136 -23.70 4.04 16.09
CA ALA E 136 -22.24 3.91 16.05
C ALA E 136 -21.58 5.28 15.95
N LYS E 137 -22.17 6.20 15.19
CA LYS E 137 -21.63 7.55 15.10
C LYS E 137 -21.64 8.23 16.47
N ALA E 138 -22.76 8.12 17.18
CA ALA E 138 -22.83 8.70 18.52
C ALA E 138 -21.82 8.06 19.46
N GLN E 139 -21.62 6.75 19.36
CA GLN E 139 -20.65 6.07 20.20
C GLN E 139 -19.23 6.47 19.84
N ALA E 140 -18.98 6.82 18.60
CA ALA E 140 -17.65 7.28 18.20
C ALA E 140 -17.41 8.74 18.55
N GLU E 141 -18.46 9.49 18.86
CA GLU E 141 -18.31 10.89 19.22
C GLU E 141 -18.04 11.11 20.72
N MET E 142 -17.95 10.05 21.51
CA MET E 142 -17.84 10.21 22.96
C MET E 142 -16.45 10.69 23.36
N THR E 143 -16.38 11.38 24.51
CA THR E 143 -15.13 11.92 25.03
C THR E 143 -14.49 11.04 26.10
N SER E 144 -15.06 9.90 26.41
CA SER E 144 -14.52 9.07 27.49
C SER E 144 -14.99 7.64 27.31
N ARG E 145 -14.26 6.72 27.94
CA ARG E 145 -14.64 5.32 27.97
C ARG E 145 -14.43 4.80 29.38
N MET E 146 -14.93 3.59 29.64
CA MET E 146 -14.81 2.99 30.94
C MET E 146 -13.42 2.36 31.11
N ARG E 147 -12.81 2.58 32.26
CA ARG E 147 -11.49 2.05 32.53
C ARG E 147 -11.57 0.53 32.68
N PRO E 148 -10.92 -0.26 31.83
CA PRO E 148 -11.05 -1.71 31.93
C PRO E 148 -10.34 -2.27 33.15
N VAL E 149 -10.81 -3.42 33.61
CA VAL E 149 -10.21 -4.12 34.74
C VAL E 149 -9.11 -5.04 34.21
N VAL E 150 -7.92 -4.93 34.79
CA VAL E 150 -6.72 -5.59 34.29
C VAL E 150 -6.20 -6.55 35.34
N ILE E 151 -5.99 -7.80 34.94
CA ILE E 151 -5.43 -8.85 35.79
C ILE E 151 -4.16 -9.36 35.11
N MET E 152 -3.06 -9.41 35.87
CA MET E 152 -1.79 -9.92 35.35
C MET E 152 -1.31 -11.04 36.26
N MET E 153 -1.06 -12.21 35.68
CA MET E 153 -0.60 -13.40 36.40
C MET E 153 0.84 -13.70 36.04
N CYS E 154 1.71 -13.71 37.05
CA CYS E 154 3.14 -13.94 36.87
C CYS E 154 3.54 -15.16 37.69
N GLY E 155 4.32 -16.06 37.08
CA GLY E 155 4.81 -17.22 37.79
C GLY E 155 5.83 -17.99 36.99
N PRO E 156 6.47 -18.98 37.60
CA PRO E 156 7.49 -19.78 36.90
C PRO E 156 6.86 -20.66 35.83
N PRO E 157 7.66 -21.15 34.88
CA PRO E 157 7.10 -21.82 33.71
C PRO E 157 6.50 -23.18 34.01
N GLY E 158 5.54 -23.58 33.18
CA GLY E 158 4.97 -24.90 33.25
C GLY E 158 4.22 -25.21 34.53
N ILE E 159 3.39 -24.29 35.00
CA ILE E 159 2.56 -24.55 36.17
C ILE E 159 1.06 -24.37 35.89
N GLY E 160 0.68 -23.73 34.80
CA GLY E 160 -0.71 -23.70 34.39
C GLY E 160 -1.35 -22.32 34.34
N LYS E 161 -0.56 -21.28 34.12
CA LYS E 161 -1.10 -19.92 34.07
C LYS E 161 -2.07 -19.75 32.89
N THR E 162 -1.74 -20.33 31.74
CA THR E 162 -2.56 -20.14 30.54
C THR E 162 -3.95 -20.76 30.70
N LYS E 163 -4.01 -21.98 31.24
CA LYS E 163 -5.31 -22.63 31.43
C LYS E 163 -6.17 -21.87 32.46
N ALA E 164 -5.54 -21.44 33.56
CA ALA E 164 -6.26 -20.67 34.57
C ALA E 164 -6.76 -19.36 34.00
N ALA E 165 -5.93 -18.69 33.19
CA ALA E 165 -6.34 -17.44 32.58
C ALA E 165 -7.51 -17.62 31.64
N GLU E 166 -7.53 -18.72 30.88
CA GLU E 166 -8.69 -18.98 30.02
C GLU E 166 -9.94 -19.24 30.84
N HIS E 167 -9.82 -19.98 31.94
CA HIS E 167 -10.95 -20.16 32.85
C HIS E 167 -11.48 -18.82 33.35
N LEU E 168 -10.59 -17.97 33.86
CA LEU E 168 -10.98 -16.66 34.38
C LEU E 168 -11.66 -15.83 33.31
N ALA E 169 -11.07 -15.77 32.11
CA ALA E 169 -11.62 -14.94 31.06
C ALA E 169 -13.01 -15.40 30.65
N LYS E 170 -13.21 -16.73 30.54
CA LYS E 170 -14.54 -17.23 30.21
C LYS E 170 -15.56 -16.83 31.27
N ARG E 171 -15.21 -17.02 32.54
CA ARG E 171 -16.15 -16.67 33.61
C ARG E 171 -16.48 -15.18 33.59
N LEU E 172 -15.45 -14.33 33.44
CA LEU E 172 -15.65 -12.88 33.40
C LEU E 172 -16.56 -12.49 32.25
N ALA E 173 -16.29 -13.01 31.06
CA ALA E 173 -17.10 -12.62 29.90
C ALA E 173 -18.54 -13.04 30.10
N ASN E 174 -18.77 -14.22 30.69
CA ASN E 174 -20.14 -14.64 30.94
C ASN E 174 -20.83 -13.72 31.94
N GLU E 175 -20.13 -13.32 33.00
CA GLU E 175 -20.76 -12.50 34.03
C GLU E 175 -21.04 -11.08 33.55
N ILE E 176 -20.09 -10.47 32.86
CA ILE E 176 -20.30 -9.09 32.40
C ILE E 176 -21.55 -9.01 31.53
N ARG E 177 -21.76 -9.99 30.66
CA ARG E 177 -22.94 -9.99 29.81
C ARG E 177 -23.24 -11.41 29.31
N PRO E 178 -24.45 -11.94 29.55
CA PRO E 178 -24.77 -13.27 29.01
C PRO E 178 -24.49 -13.39 27.52
N GLY E 179 -23.55 -14.25 27.16
CA GLY E 179 -23.12 -14.38 25.78
C GLY E 179 -21.94 -13.51 25.40
N GLY E 180 -21.18 -13.01 26.37
CA GLY E 180 -20.03 -12.19 26.06
C GLY E 180 -18.93 -12.98 25.38
N LYS E 181 -18.02 -12.25 24.74
CA LYS E 181 -16.99 -12.83 23.90
C LYS E 181 -15.62 -12.49 24.46
N VAL E 182 -14.62 -13.29 24.08
CA VAL E 182 -13.23 -13.09 24.49
C VAL E 182 -12.38 -13.01 23.23
N GLY E 183 -11.55 -11.97 23.13
CA GLY E 183 -10.71 -11.75 21.98
C GLY E 183 -9.23 -11.85 22.32
N LEU E 184 -8.40 -11.64 21.30
CA LEU E 184 -6.95 -11.80 21.37
C LEU E 184 -6.26 -10.46 21.10
N VAL E 185 -5.12 -10.25 21.76
CA VAL E 185 -4.32 -9.06 21.61
C VAL E 185 -3.15 -9.39 20.68
N PRO E 186 -3.00 -8.68 19.53
CA PRO E 186 -1.86 -8.97 18.65
C PRO E 186 -0.54 -8.85 19.39
N ARG E 187 0.20 -9.95 19.55
CA ARG E 187 1.21 -9.96 20.59
C ARG E 187 2.34 -8.98 20.36
N GLU E 188 3.24 -9.27 19.43
CA GLU E 188 4.35 -8.35 19.18
C GLU E 188 4.77 -8.24 17.73
N ALA E 189 4.57 -9.26 16.90
CA ALA E 189 5.02 -9.25 15.52
C ALA E 189 3.93 -8.81 14.56
N VAL E 190 2.73 -8.51 15.06
CA VAL E 190 1.62 -8.02 14.26
C VAL E 190 1.25 -6.65 14.80
N ASP E 191 1.44 -5.62 13.97
CA ASP E 191 1.22 -4.24 14.38
C ASP E 191 -0.18 -3.72 14.10
N HIS E 192 -1.08 -4.57 13.60
CA HIS E 192 -2.42 -4.14 13.21
C HIS E 192 -3.48 -4.94 13.97
N TRP E 193 -4.67 -4.36 14.03
CA TRP E 193 -5.78 -4.87 14.83
C TRP E 193 -6.96 -5.29 13.96
N ASP E 194 -6.70 -5.94 12.83
CA ASP E 194 -7.77 -6.24 11.90
C ASP E 194 -8.65 -7.41 12.34
N GLY E 195 -8.25 -8.18 13.34
CA GLY E 195 -9.12 -9.20 13.88
C GLY E 195 -10.04 -8.71 14.98
N TYR E 196 -9.70 -7.58 15.59
CA TYR E 196 -10.43 -7.08 16.74
C TYR E 196 -11.83 -6.66 16.35
N HIS E 197 -12.82 -7.02 17.19
CA HIS E 197 -14.22 -6.75 16.90
C HIS E 197 -14.98 -6.05 18.02
N GLY E 198 -14.35 -5.79 19.17
CA GLY E 198 -15.05 -5.19 20.28
C GLY E 198 -15.61 -6.21 21.25
N GLU E 199 -14.74 -7.06 21.75
CA GLU E 199 -15.13 -8.09 22.71
C GLU E 199 -15.19 -7.52 24.11
N GLU E 200 -15.87 -8.24 25.01
CA GLU E 200 -15.92 -7.85 26.41
C GLU E 200 -14.56 -7.99 27.08
N VAL E 201 -13.89 -9.12 26.86
CA VAL E 201 -12.64 -9.43 27.53
C VAL E 201 -11.57 -9.68 26.47
N MET E 202 -10.33 -9.41 26.86
CA MET E 202 -9.16 -9.61 25.99
C MET E 202 -8.15 -10.50 26.70
N LEU E 203 -7.50 -11.36 25.93
CA LEU E 203 -6.55 -12.34 26.45
C LEU E 203 -5.18 -12.05 25.85
N TRP E 204 -4.17 -11.91 26.70
CA TRP E 204 -2.81 -11.56 26.28
C TRP E 204 -1.87 -12.64 26.84
N ASP E 205 -1.57 -13.63 26.00
CA ASP E 205 -1.01 -14.88 26.48
C ASP E 205 0.46 -14.78 26.84
N ASP E 206 1.25 -14.10 26.03
CA ASP E 206 2.64 -13.84 26.35
C ASP E 206 2.87 -12.34 26.39
N TYR E 207 3.66 -11.90 27.36
CA TYR E 207 3.87 -10.48 27.61
C TYR E 207 5.27 -10.32 28.18
N GLY E 208 6.10 -9.54 27.49
CA GLY E 208 7.48 -9.39 27.92
C GLY E 208 8.39 -10.50 27.47
N MET E 209 7.97 -11.32 26.51
CA MET E 209 8.78 -12.44 26.06
C MET E 209 10.06 -11.97 25.36
N THR E 210 9.93 -11.07 24.40
CA THR E 210 11.07 -10.61 23.62
C THR E 210 11.28 -9.10 23.63
N LYS E 211 10.21 -8.30 23.59
CA LYS E 211 10.31 -6.85 23.64
C LYS E 211 9.35 -6.33 24.71
N ILE E 212 9.85 -6.15 25.93
CA ILE E 212 8.97 -5.81 27.03
C ILE E 212 8.59 -4.32 27.02
N GLN E 213 9.45 -3.45 26.48
CA GLN E 213 9.15 -2.02 26.50
C GLN E 213 8.06 -1.66 25.49
N GLU E 214 8.04 -2.31 24.34
CA GLU E 214 6.93 -2.12 23.41
C GLU E 214 5.63 -2.65 24.00
N ASP E 215 5.71 -3.76 24.73
CA ASP E 215 4.54 -4.27 25.43
C ASP E 215 4.04 -3.28 26.47
N CYS E 216 4.96 -2.61 27.17
CA CYS E 216 4.56 -1.60 28.15
C CYS E 216 3.91 -0.40 27.46
N ASN E 217 4.42 0.00 26.30
CA ASN E 217 3.79 1.08 25.55
C ASN E 217 2.36 0.71 25.17
N LYS E 218 2.17 -0.50 24.65
CA LYS E 218 0.82 -0.92 24.25
C LYS E 218 -0.12 -1.02 25.44
N LEU E 219 0.37 -1.54 26.57
CA LEU E 219 -0.45 -1.66 27.76
C LEU E 219 -0.84 -0.30 28.32
N GLN E 220 0.09 0.65 28.34
CA GLN E 220 -0.25 2.00 28.76
C GLN E 220 -1.32 2.58 27.85
N ALA E 221 -1.19 2.36 26.54
CA ALA E 221 -2.18 2.90 25.61
C ALA E 221 -3.57 2.34 25.88
N ILE E 222 -3.69 1.01 25.99
CA ILE E 222 -5.03 0.42 26.00
C ILE E 222 -5.68 0.43 27.38
N ALA E 223 -4.89 0.44 28.46
CA ALA E 223 -5.44 0.45 29.82
C ALA E 223 -5.65 1.90 30.26
N ASP E 224 -6.77 2.47 29.82
CA ASP E 224 -7.05 3.87 30.08
C ASP E 224 -8.53 4.15 29.90
N SER E 225 -8.95 5.36 30.25
CA SER E 225 -10.29 5.86 29.98
C SER E 225 -10.31 6.89 28.85
N ALA E 226 -9.16 7.27 28.32
CA ALA E 226 -9.07 8.16 27.19
C ALA E 226 -9.33 7.39 25.89
N PRO E 227 -10.15 7.92 24.98
CA PRO E 227 -10.40 7.20 23.74
C PRO E 227 -9.13 6.99 22.94
N LEU E 228 -9.05 5.86 22.25
CA LEU E 228 -7.84 5.41 21.58
C LEU E 228 -8.14 5.04 20.14
N THR E 229 -7.16 5.26 19.26
CA THR E 229 -7.24 4.86 17.86
C THR E 229 -6.29 3.69 17.61
N LEU E 230 -6.75 2.72 16.84
CA LEU E 230 -6.00 1.50 16.56
C LEU E 230 -5.56 1.47 15.10
N ASN E 231 -4.31 1.05 14.88
CA ASN E 231 -3.73 0.93 13.56
C ASN E 231 -4.24 -0.34 12.88
N CYS E 232 -4.88 -0.21 11.72
CA CYS E 232 -5.41 -1.33 10.97
C CYS E 232 -5.00 -1.19 9.51
N ASP E 233 -4.95 -2.32 8.81
CA ASP E 233 -4.42 -2.39 7.46
C ASP E 233 -5.48 -2.52 6.38
N ARG E 234 -6.74 -2.79 6.73
CA ARG E 234 -7.81 -2.83 5.76
C ARG E 234 -8.45 -1.45 5.61
N ILE E 235 -9.05 -1.23 4.44
CA ILE E 235 -9.70 0.06 4.18
C ILE E 235 -10.86 0.27 5.13
N GLU E 236 -11.74 -0.72 5.27
CA GLU E 236 -12.93 -0.54 6.08
C GLU E 236 -12.64 -0.52 7.57
N ASN E 237 -11.42 -0.82 7.99
CA ASN E 237 -11.03 -0.78 9.39
C ASN E 237 -10.31 0.50 9.77
N LYS E 238 -10.26 1.49 8.89
CA LYS E 238 -9.53 2.71 9.18
C LYS E 238 -10.31 3.57 10.16
N GLY E 239 -9.63 4.05 11.20
CA GLY E 239 -10.28 4.84 12.24
C GLY E 239 -11.05 4.00 13.23
N MET E 240 -10.42 2.96 13.76
CA MET E 240 -11.03 2.06 14.71
C MET E 240 -10.41 2.26 16.08
N GLN E 241 -11.22 2.05 17.12
CA GLN E 241 -10.83 2.38 18.49
C GLN E 241 -11.14 1.23 19.42
N PHE E 242 -10.56 1.29 20.62
CA PHE E 242 -10.57 0.19 21.58
C PHE E 242 -11.64 0.42 22.64
N VAL E 243 -12.53 -0.57 22.81
CA VAL E 243 -13.69 -0.42 23.69
C VAL E 243 -13.92 -1.63 24.60
N SER E 244 -12.90 -2.46 24.80
CA SER E 244 -13.07 -3.67 25.60
C SER E 244 -13.05 -3.37 27.10
N ASP E 245 -13.70 -4.26 27.87
CA ASP E 245 -14.00 -4.02 29.28
C ASP E 245 -13.04 -4.68 30.27
N ALA E 246 -12.29 -5.72 29.87
CA ALA E 246 -11.39 -6.40 30.80
C ALA E 246 -10.23 -6.99 30.03
N ILE E 247 -9.10 -7.16 30.70
CA ILE E 247 -7.88 -7.67 30.06
C ILE E 247 -7.16 -8.61 31.03
N VAL E 248 -6.98 -9.86 30.62
CA VAL E 248 -6.27 -10.88 31.40
C VAL E 248 -4.95 -11.20 30.69
N ILE E 249 -3.85 -11.20 31.44
CA ILE E 249 -2.50 -11.27 30.90
C ILE E 249 -1.72 -12.34 31.64
N THR E 250 -0.97 -13.18 30.91
CA THR E 250 -0.05 -14.12 31.53
C THR E 250 1.38 -13.77 31.17
N THR E 251 2.30 -13.93 32.12
CA THR E 251 3.66 -13.44 31.96
C THR E 251 4.65 -14.42 32.59
N ASN E 252 5.90 -14.35 32.13
CA ASN E 252 7.02 -15.09 32.71
C ASN E 252 8.07 -14.17 33.31
N ALA E 253 7.73 -12.92 33.59
CA ALA E 253 8.66 -11.87 33.96
C ALA E 253 8.52 -11.48 35.43
N PRO E 254 9.48 -10.73 35.96
CA PRO E 254 9.39 -10.32 37.38
C PRO E 254 8.19 -9.44 37.70
N GLY E 255 7.69 -8.64 36.75
CA GLY E 255 6.65 -7.69 37.03
C GLY E 255 6.11 -7.04 35.78
N PRO E 256 5.23 -6.06 35.93
CA PRO E 256 4.68 -5.37 34.75
C PRO E 256 5.72 -4.66 33.91
N ALA E 257 6.76 -4.10 34.52
CA ALA E 257 7.75 -3.33 33.78
C ALA E 257 9.11 -3.56 34.43
N PRO E 258 10.19 -3.31 33.68
CA PRO E 258 11.53 -3.31 34.32
C PRO E 258 11.61 -2.24 35.40
N VAL E 259 12.46 -2.51 36.39
CA VAL E 259 12.54 -1.64 37.57
C VAL E 259 13.09 -0.26 37.20
N ASP E 260 14.03 -0.21 36.26
CA ASP E 260 14.66 1.05 35.87
C ASP E 260 14.01 1.66 34.62
N PHE E 261 12.93 1.07 34.12
CA PHE E 261 12.19 1.67 33.03
C PHE E 261 11.79 3.09 33.39
N VAL E 262 11.47 3.89 32.37
CA VAL E 262 11.15 5.29 32.57
C VAL E 262 9.67 5.51 32.86
N ASN E 263 8.79 4.61 32.43
CA ASN E 263 7.36 4.74 32.62
C ASN E 263 6.85 3.64 33.55
N LEU E 264 7.61 3.35 34.60
CA LEU E 264 7.19 2.34 35.56
C LEU E 264 5.92 2.76 36.29
N GLY E 265 5.87 4.01 36.76
CA GLY E 265 4.74 4.50 37.49
C GLY E 265 3.47 4.56 36.67
N PRO E 266 3.56 5.09 35.45
CA PRO E 266 2.36 5.10 34.60
C PRO E 266 1.77 3.73 34.32
N VAL E 267 2.60 2.70 34.13
CA VAL E 267 2.10 1.40 33.73
C VAL E 267 1.70 0.54 34.92
N CYS E 268 2.37 0.69 36.07
CA CYS E 268 2.03 -0.11 37.24
C CYS E 268 0.77 0.35 37.93
N ARG E 269 0.40 1.63 37.82
CA ARG E 269 -0.83 2.08 38.44
C ARG E 269 -2.07 1.57 37.73
N ARG E 270 -1.93 1.05 36.52
CA ARG E 270 -3.05 0.68 35.68
C ARG E 270 -3.42 -0.80 35.78
N VAL E 271 -2.69 -1.57 36.57
CA VAL E 271 -2.98 -2.99 36.78
C VAL E 271 -3.81 -3.10 38.05
N ASP E 272 -5.05 -3.54 37.92
CA ASP E 272 -5.94 -3.65 39.08
C ASP E 272 -5.51 -4.79 39.98
N PHE E 273 -5.26 -5.98 39.41
CA PHE E 273 -4.92 -7.16 40.20
C PHE E 273 -3.64 -7.77 39.65
N LEU E 274 -2.62 -7.84 40.49
CA LEU E 274 -1.33 -8.42 40.15
C LEU E 274 -1.13 -9.67 41.01
N VAL E 275 -1.21 -10.83 40.38
CA VAL E 275 -1.19 -12.12 41.08
C VAL E 275 0.13 -12.82 40.79
N TYR E 276 0.75 -13.35 41.83
CA TYR E 276 1.96 -14.17 41.73
C TYR E 276 1.62 -15.62 42.06
N CYS E 277 1.89 -16.52 41.12
CA CYS E 277 1.41 -17.90 41.16
C CYS E 277 2.57 -18.86 41.38
N THR E 278 2.26 -20.01 41.97
CA THR E 278 3.26 -21.06 42.13
C THR E 278 2.55 -22.41 42.22
N ALA E 279 3.33 -23.49 42.23
CA ALA E 279 2.80 -24.85 42.34
C ALA E 279 3.86 -25.76 42.94
N PRO E 280 3.94 -25.82 44.28
CA PRO E 280 5.04 -26.58 44.90
C PRO E 280 5.07 -28.05 44.53
N GLU E 281 3.90 -28.71 44.43
CA GLU E 281 3.90 -30.14 44.14
C GLU E 281 4.41 -30.43 42.73
N VAL E 282 3.99 -29.63 41.74
CA VAL E 282 4.46 -29.84 40.37
C VAL E 282 5.98 -29.71 40.31
N GLU E 283 6.50 -28.65 40.94
CA GLU E 283 7.94 -28.42 40.91
C GLU E 283 8.69 -29.53 41.60
N HIS E 284 8.17 -30.01 42.74
CA HIS E 284 8.83 -31.12 43.42
C HIS E 284 8.82 -32.37 42.55
N THR E 285 7.68 -32.68 41.93
CA THR E 285 7.58 -33.88 41.12
C THR E 285 8.57 -33.84 39.96
N ARG E 286 8.69 -32.70 39.29
CA ARG E 286 9.60 -32.64 38.15
C ARG E 286 11.05 -32.41 38.56
N LYS E 287 11.31 -32.07 39.83
CA LYS E 287 12.67 -31.96 40.31
C LYS E 287 13.21 -33.28 40.83
N VAL E 288 12.35 -34.15 41.36
CA VAL E 288 12.82 -35.39 41.95
C VAL E 288 12.91 -36.52 40.91
N SER E 289 11.96 -36.57 39.98
CA SER E 289 11.90 -37.65 38.99
C SER E 289 11.74 -37.05 37.59
N PRO E 290 12.81 -36.50 37.03
CA PRO E 290 12.71 -35.86 35.72
C PRO E 290 12.38 -36.85 34.62
N GLY E 291 11.56 -36.40 33.67
CA GLY E 291 11.18 -37.21 32.53
C GLY E 291 9.92 -38.03 32.70
N ASP E 292 9.32 -38.04 33.88
CA ASP E 292 8.14 -38.86 34.15
C ASP E 292 6.88 -38.08 33.78
N THR E 293 6.23 -38.50 32.70
CA THR E 293 5.02 -37.82 32.25
C THR E 293 3.81 -38.19 33.09
N THR E 294 3.73 -39.43 33.57
CA THR E 294 2.56 -39.88 34.30
C THR E 294 2.43 -39.16 35.63
N ALA E 295 3.53 -39.07 36.39
CA ALA E 295 3.47 -38.35 37.66
C ALA E 295 3.10 -36.89 37.45
N LEU E 296 3.71 -36.25 36.45
CA LEU E 296 3.39 -34.86 36.16
C LEU E 296 1.90 -34.69 35.87
N LYS E 297 1.34 -35.54 35.02
CA LYS E 297 -0.09 -35.46 34.75
C LYS E 297 -0.90 -35.74 36.01
N ASP E 298 -0.35 -36.53 36.94
CA ASP E 298 -1.02 -36.76 38.21
C ASP E 298 -1.09 -35.47 39.03
N CYS E 299 -0.05 -34.64 38.96
CA CYS E 299 0.04 -33.50 39.87
C CYS E 299 -1.14 -32.54 39.72
N PHE E 300 -1.52 -32.21 38.48
CA PHE E 300 -2.49 -31.15 38.26
C PHE E 300 -3.90 -31.59 38.66
N LYS E 301 -4.78 -30.61 38.84
CA LYS E 301 -6.11 -30.81 39.38
C LYS E 301 -7.15 -30.10 38.53
N PRO E 302 -8.38 -30.62 38.47
CA PRO E 302 -9.42 -29.94 37.68
C PRO E 302 -9.99 -28.69 38.33
N ASP E 303 -9.82 -28.51 39.64
CA ASP E 303 -10.35 -27.33 40.32
C ASP E 303 -9.27 -26.29 40.60
N PHE E 304 -8.10 -26.42 39.99
CA PHE E 304 -7.05 -25.41 40.06
C PHE E 304 -6.51 -25.26 41.48
N SER E 305 -6.57 -26.33 42.28
CA SER E 305 -5.99 -26.29 43.60
C SER E 305 -4.48 -26.41 43.59
N HIS E 306 -3.89 -26.83 42.47
CA HIS E 306 -2.44 -26.96 42.38
C HIS E 306 -1.74 -25.61 42.36
N LEU E 307 -2.45 -24.54 42.03
CA LEU E 307 -1.89 -23.20 41.99
C LEU E 307 -2.07 -22.51 43.34
N LYS E 308 -1.01 -21.89 43.84
CA LYS E 308 -1.07 -21.05 45.02
C LYS E 308 -0.84 -19.61 44.61
N MET E 309 -1.75 -18.72 45.00
CA MET E 309 -1.82 -17.36 44.51
C MET E 309 -1.58 -16.36 45.64
N GLU E 310 -0.67 -15.42 45.40
CA GLU E 310 -0.47 -14.26 46.24
C GLU E 310 -0.86 -13.00 45.49
N LEU E 311 -1.28 -11.99 46.24
CA LEU E 311 -1.74 -10.71 45.71
C LEU E 311 -0.89 -9.60 46.30
N ALA E 312 -0.38 -8.72 45.43
CA ALA E 312 0.46 -7.60 45.79
C ALA E 312 -0.39 -6.35 46.03
N PRO E 313 0.12 -5.38 46.79
CA PRO E 313 -0.61 -4.12 46.93
C PRO E 313 -0.75 -3.41 45.59
N GLN E 314 -1.90 -2.80 45.36
CA GLN E 314 -2.18 -2.25 44.04
C GLN E 314 -1.20 -1.14 43.72
N GLY E 315 -0.62 -1.21 42.53
CA GLY E 315 0.46 -0.33 42.14
C GLY E 315 1.84 -0.85 42.44
N GLY E 316 1.97 -2.10 42.88
CA GLY E 316 3.28 -2.68 43.11
C GLY E 316 3.91 -3.19 41.83
N PHE E 317 5.21 -3.51 41.93
CA PHE E 317 5.93 -4.04 40.79
C PHE E 317 6.73 -5.31 41.07
N ASP E 318 6.75 -5.81 42.31
CA ASP E 318 7.42 -7.07 42.60
C ASP E 318 6.64 -7.81 43.68
N ASN E 319 7.17 -8.95 44.10
CA ASN E 319 6.51 -9.82 45.07
C ASN E 319 6.99 -9.59 46.50
N GLN E 320 7.73 -8.52 46.75
CA GLN E 320 8.13 -8.15 48.10
C GLN E 320 7.23 -7.09 48.71
N GLY E 321 6.18 -6.67 48.01
CA GLY E 321 5.31 -5.61 48.47
C GLY E 321 5.75 -4.20 48.14
N ASN E 322 6.79 -4.04 47.33
CA ASN E 322 7.26 -2.71 46.96
C ASN E 322 6.31 -2.06 45.96
N THR E 323 6.09 -0.76 46.14
CA THR E 323 5.38 0.10 45.23
C THR E 323 6.29 1.26 44.88
N PRO E 324 6.01 2.00 43.80
CA PRO E 324 6.88 3.13 43.45
C PRO E 324 6.88 4.23 44.48
N PHE E 325 5.89 4.26 45.37
CA PHE E 325 5.76 5.31 46.36
C PHE E 325 5.91 4.84 47.80
N GLY E 326 5.61 3.59 48.10
CA GLY E 326 5.66 3.08 49.47
C GLY E 326 6.05 1.63 49.53
N LYS E 327 5.45 0.90 50.47
CA LYS E 327 5.73 -0.53 50.65
C LYS E 327 4.57 -1.14 51.41
N GLY E 328 3.83 -2.04 50.77
CA GLY E 328 2.70 -2.72 51.37
C GLY E 328 3.01 -4.14 51.76
N VAL E 329 1.97 -4.98 51.78
CA VAL E 329 2.09 -6.38 52.18
C VAL E 329 1.36 -7.25 51.17
N MET E 330 1.73 -8.53 51.15
CA MET E 330 1.11 -9.51 50.27
C MET E 330 -0.05 -10.22 50.98
N LYS E 331 -0.99 -10.74 50.20
CA LYS E 331 -2.12 -11.46 50.74
C LYS E 331 -2.28 -12.80 50.02
N PRO E 332 -2.82 -13.82 50.67
CA PRO E 332 -3.18 -15.04 49.96
C PRO E 332 -4.48 -14.86 49.19
N THR E 333 -4.70 -15.72 48.19
CA THR E 333 -5.95 -15.66 47.46
C THR E 333 -6.13 -16.93 46.63
N THR E 334 -7.29 -17.02 45.98
CA THR E 334 -7.65 -18.17 45.15
C THR E 334 -8.32 -17.67 43.89
N ILE E 335 -8.63 -18.59 42.97
CA ILE E 335 -9.20 -18.19 41.69
C ILE E 335 -10.65 -17.72 41.85
N ASN E 336 -11.41 -18.37 42.73
CA ASN E 336 -12.80 -17.99 42.93
C ASN E 336 -12.91 -16.62 43.58
N ARG E 337 -12.08 -16.35 44.58
CA ARG E 337 -12.09 -15.04 45.22
C ARG E 337 -11.68 -13.95 44.23
N LEU E 338 -10.68 -14.24 43.40
CA LEU E 338 -10.29 -13.32 42.34
C LEU E 338 -11.46 -13.02 41.42
N LEU E 339 -12.20 -14.05 41.02
CA LEU E 339 -13.33 -13.84 40.12
C LEU E 339 -14.40 -12.97 40.77
N ILE E 340 -14.71 -13.23 42.05
CA ILE E 340 -15.73 -12.45 42.74
C ILE E 340 -15.31 -10.99 42.85
N GLN E 341 -14.06 -10.76 43.26
CA GLN E 341 -13.59 -9.38 43.40
C GLN E 341 -13.61 -8.66 42.05
N ALA E 342 -13.18 -9.33 40.99
CA ALA E 342 -13.14 -8.68 39.68
C ALA E 342 -14.53 -8.34 39.19
N VAL E 343 -15.51 -9.22 39.44
CA VAL E 343 -16.88 -8.89 39.07
C VAL E 343 -17.36 -7.68 39.85
N ALA E 344 -17.05 -7.63 41.15
CA ALA E 344 -17.48 -6.49 41.96
C ALA E 344 -16.92 -5.19 41.41
N LEU E 345 -15.61 -5.16 41.14
CA LEU E 345 -14.99 -3.94 40.62
C LEU E 345 -15.58 -3.54 39.26
N THR E 346 -15.80 -4.53 38.38
CA THR E 346 -16.32 -4.21 37.07
C THR E 346 -17.71 -3.59 37.16
N MET E 347 -18.58 -4.16 38.00
CA MET E 347 -19.93 -3.60 38.13
C MET E 347 -19.89 -2.21 38.77
N GLU E 348 -19.03 -2.01 39.76
CA GLU E 348 -18.91 -0.69 40.36
C GLU E 348 -18.51 0.35 39.32
N ARG E 349 -17.49 0.05 38.52
CA ARG E 349 -17.04 1.02 37.52
C ARG E 349 -18.11 1.26 36.47
N GLN E 350 -18.80 0.21 36.05
CA GLN E 350 -19.87 0.39 35.06
C GLN E 350 -20.96 1.31 35.59
N ASP E 351 -21.39 1.08 36.83
CA ASP E 351 -22.44 1.93 37.40
C ASP E 351 -21.99 3.37 37.54
N GLU E 352 -20.75 3.60 38.00
CA GLU E 352 -20.30 4.97 38.19
C GLU E 352 -20.06 5.69 36.87
N PHE E 353 -19.64 4.97 35.83
CA PHE E 353 -19.53 5.58 34.51
C PHE E 353 -20.89 5.88 33.92
N GLN E 354 -21.89 5.07 34.25
CA GLN E 354 -23.23 5.30 33.70
C GLN E 354 -23.90 6.49 34.39
N LEU E 355 -23.73 6.63 35.71
CA LEU E 355 -24.50 7.64 36.43
C LEU E 355 -24.10 9.06 36.09
N GLN E 356 -22.99 9.27 35.39
CA GLN E 356 -22.56 10.63 35.05
C GLN E 356 -23.54 11.26 34.06
N ASP F 57 -39.98 -29.08 -15.10
CA ASP F 57 -39.37 -30.39 -15.46
C ASP F 57 -38.82 -31.08 -14.20
N GLN F 58 -37.94 -32.06 -14.40
CA GLN F 58 -37.37 -32.77 -13.27
C GLN F 58 -36.62 -31.85 -12.32
N THR F 59 -36.14 -30.70 -12.81
CA THR F 59 -35.33 -29.82 -11.97
C THR F 59 -36.07 -29.46 -10.69
N GLU F 60 -37.39 -29.42 -10.72
CA GLU F 60 -38.16 -29.22 -9.51
C GLU F 60 -37.83 -30.29 -8.47
N LYS F 61 -38.15 -31.55 -8.77
CA LYS F 61 -38.05 -32.60 -7.76
C LYS F 61 -36.65 -32.64 -7.16
N THR F 62 -35.63 -32.73 -8.01
CA THR F 62 -34.26 -32.79 -7.51
C THR F 62 -33.99 -31.64 -6.54
N LEU F 63 -34.36 -30.42 -6.94
CA LEU F 63 -34.18 -29.28 -6.06
C LEU F 63 -34.65 -29.61 -4.65
N LYS F 64 -35.92 -29.99 -4.53
CA LYS F 64 -36.47 -30.36 -3.23
C LYS F 64 -35.47 -31.22 -2.48
N ASP F 65 -35.17 -32.39 -3.04
CA ASP F 65 -34.25 -33.31 -2.39
C ASP F 65 -33.04 -32.57 -1.87
N ILE F 66 -32.27 -31.96 -2.78
CA ILE F 66 -31.00 -31.36 -2.38
C ILE F 66 -31.26 -30.32 -1.31
N GLU F 67 -32.24 -29.43 -1.54
CA GLU F 67 -32.43 -28.35 -0.59
C GLU F 67 -32.77 -28.91 0.77
N SER F 68 -33.60 -29.96 0.83
CA SER F 68 -33.90 -30.57 2.11
C SER F 68 -32.62 -30.95 2.82
N ALA F 69 -31.73 -31.68 2.12
CA ALA F 69 -30.47 -32.06 2.74
C ALA F 69 -29.79 -30.85 3.33
N VAL F 70 -29.70 -29.77 2.54
CA VAL F 70 -29.06 -28.55 3.05
C VAL F 70 -29.64 -28.19 4.41
N ILE F 71 -30.95 -27.93 4.44
CA ILE F 71 -31.55 -27.51 5.71
C ILE F 71 -31.36 -28.61 6.75
N ASP F 72 -31.50 -29.86 6.34
CA ASP F 72 -31.27 -30.95 7.29
C ASP F 72 -29.90 -30.79 7.94
N MET F 73 -28.86 -30.64 7.11
CA MET F 73 -27.53 -30.44 7.67
C MET F 73 -27.48 -29.17 8.52
N GLU F 74 -28.14 -28.10 8.06
CA GLU F 74 -28.16 -26.89 8.85
C GLU F 74 -28.60 -27.19 10.28
N VAL F 75 -29.61 -28.05 10.44
CA VAL F 75 -30.10 -28.34 11.78
C VAL F 75 -28.97 -28.91 12.63
N LEU F 76 -28.27 -29.93 12.12
CA LEU F 76 -27.22 -30.55 12.91
C LEU F 76 -26.05 -29.61 13.15
N SER F 77 -26.00 -28.47 12.46
CA SER F 77 -25.02 -27.44 12.76
C SER F 77 -25.55 -26.44 13.78
N SER F 78 -26.84 -26.09 13.68
CA SER F 78 -27.39 -25.08 14.57
C SER F 78 -27.37 -25.53 16.02
N THR F 79 -27.73 -26.79 16.28
CA THR F 79 -27.78 -27.32 17.64
C THR F 79 -26.45 -27.88 18.10
N SER F 80 -25.45 -27.97 17.24
CA SER F 80 -24.18 -28.60 17.56
C SER F 80 -23.01 -27.78 17.05
N VAL F 81 -23.09 -26.45 17.18
CA VAL F 81 -21.98 -25.60 16.76
C VAL F 81 -20.72 -25.91 17.55
N THR F 82 -20.87 -26.10 18.87
CA THR F 82 -19.72 -26.36 19.72
C THR F 82 -19.00 -27.64 19.29
N GLN F 83 -19.76 -28.70 19.03
CA GLN F 83 -19.12 -29.96 18.64
C GLN F 83 -18.43 -29.84 17.29
N LEU F 84 -19.10 -29.23 16.31
CA LEU F 84 -18.51 -29.13 14.98
C LEU F 84 -17.24 -28.29 15.01
N VAL F 85 -17.25 -27.17 15.74
CA VAL F 85 -16.04 -26.36 15.83
C VAL F 85 -14.98 -27.02 16.70
N ARG F 86 -15.37 -27.94 17.59
CA ARG F 86 -14.40 -28.61 18.44
C ARG F 86 -13.60 -29.65 17.68
N ASP F 87 -14.28 -30.49 16.89
CA ASP F 87 -13.64 -31.58 16.17
C ASP F 87 -13.44 -31.20 14.72
N LYS F 88 -12.23 -31.42 14.20
CA LYS F 88 -11.90 -31.03 12.84
C LYS F 88 -12.51 -31.96 11.80
N GLN F 89 -12.67 -33.25 12.12
CA GLN F 89 -13.15 -34.19 11.13
C GLN F 89 -14.59 -33.88 10.71
N SER F 90 -15.47 -33.66 11.67
CA SER F 90 -16.87 -33.39 11.36
C SER F 90 -17.00 -32.09 10.57
N ALA F 91 -16.29 -31.04 10.99
CA ALA F 91 -16.36 -29.77 10.28
C ALA F 91 -15.79 -29.89 8.87
N ARG F 92 -14.69 -30.63 8.72
CA ARG F 92 -14.11 -30.84 7.40
C ARG F 92 -15.09 -31.56 6.47
N ALA F 93 -15.74 -32.61 6.99
CA ALA F 93 -16.74 -33.30 6.20
C ALA F 93 -17.90 -32.38 5.85
N TYR F 94 -18.33 -31.55 6.81
CA TYR F 94 -19.42 -30.63 6.56
C TYR F 94 -19.07 -29.66 5.44
N MET F 95 -17.85 -29.11 5.48
CA MET F 95 -17.41 -28.20 4.43
C MET F 95 -17.32 -28.91 3.09
N ALA F 96 -16.84 -30.16 3.10
CA ALA F 96 -16.77 -30.93 1.86
C ALA F 96 -18.16 -31.07 1.24
N ILE F 97 -19.13 -31.47 2.04
CA ILE F 97 -20.49 -31.66 1.53
C ILE F 97 -21.07 -30.32 1.09
N LEU F 98 -20.76 -29.24 1.81
CA LEU F 98 -21.30 -27.93 1.46
C LEU F 98 -20.77 -27.47 0.11
N ASP F 99 -19.46 -27.62 -0.13
CA ASP F 99 -18.90 -27.22 -1.41
C ASP F 99 -19.36 -28.14 -2.53
N ASN F 100 -19.56 -29.43 -2.24
CA ASN F 100 -20.16 -30.32 -3.24
C ASN F 100 -21.55 -29.85 -3.63
N GLU F 101 -22.35 -29.45 -2.64
CA GLU F 101 -23.68 -28.92 -2.92
C GLU F 101 -23.60 -27.64 -3.73
N GLU F 102 -22.64 -26.77 -3.41
CA GLU F 102 -22.49 -25.53 -4.17
C GLU F 102 -22.14 -25.81 -5.63
N GLU F 103 -21.22 -26.75 -5.86
CA GLU F 103 -20.87 -27.11 -7.24
C GLU F 103 -22.07 -27.70 -7.97
N LYS F 104 -22.83 -28.56 -7.28
CA LYS F 104 -24.03 -29.13 -7.89
C LYS F 104 -25.02 -28.03 -8.25
N ALA F 105 -25.21 -27.05 -7.36
CA ALA F 105 -26.14 -25.96 -7.64
C ALA F 105 -25.66 -25.12 -8.81
N ARG F 106 -24.35 -24.88 -8.90
CA ARG F 106 -23.82 -24.16 -10.05
C ARG F 106 -24.07 -24.92 -11.35
N LYS F 107 -23.86 -26.23 -11.32
CA LYS F 107 -24.14 -27.05 -12.51
C LYS F 107 -25.60 -26.96 -12.90
N LEU F 108 -26.50 -27.03 -11.92
CA LEU F 108 -27.92 -26.94 -12.21
C LEU F 108 -28.27 -25.56 -12.77
N SER F 109 -27.69 -24.51 -12.21
CA SER F 109 -27.96 -23.16 -12.68
C SER F 109 -27.55 -22.99 -14.13
N VAL F 110 -26.34 -23.45 -14.48
CA VAL F 110 -25.90 -23.34 -15.86
C VAL F 110 -26.76 -24.22 -16.77
N ARG F 111 -27.20 -25.37 -16.26
CA ARG F 111 -28.07 -26.23 -17.07
C ARG F 111 -29.47 -25.65 -17.19
N ASN F 112 -30.03 -25.17 -16.08
CA ASN F 112 -31.41 -24.72 -16.06
C ASN F 112 -31.57 -23.41 -16.83
N ALA F 113 -32.81 -23.12 -17.20
CA ALA F 113 -33.15 -21.90 -17.93
C ALA F 113 -34.37 -21.17 -17.40
N ASP F 114 -35.14 -21.78 -16.50
CA ASP F 114 -36.30 -21.10 -15.93
C ASP F 114 -35.84 -20.00 -14.98
N PRO F 115 -36.42 -18.79 -15.06
CA PRO F 115 -36.05 -17.77 -14.06
C PRO F 115 -36.33 -18.19 -12.62
N HIS F 116 -37.43 -18.91 -12.38
CA HIS F 116 -37.79 -19.27 -11.01
C HIS F 116 -36.75 -20.20 -10.40
N VAL F 117 -36.28 -21.20 -11.15
CA VAL F 117 -35.34 -22.15 -10.60
C VAL F 117 -33.99 -21.49 -10.33
N VAL F 118 -33.57 -20.56 -11.20
CA VAL F 118 -32.32 -19.87 -10.95
C VAL F 118 -32.45 -18.93 -9.74
N SER F 119 -33.62 -18.32 -9.56
CA SER F 119 -33.85 -17.55 -8.35
C SER F 119 -33.73 -18.42 -7.12
N SER F 120 -34.37 -19.59 -7.14
CA SER F 120 -34.27 -20.51 -6.00
C SER F 120 -32.84 -20.97 -5.79
N THR F 121 -32.11 -21.22 -6.88
CA THR F 121 -30.74 -21.71 -6.76
C THR F 121 -29.83 -20.66 -6.16
N ASN F 122 -29.99 -19.39 -6.57
CA ASN F 122 -29.18 -18.34 -5.97
C ASN F 122 -29.56 -18.12 -4.52
N ALA F 123 -30.85 -18.30 -4.17
CA ALA F 123 -31.24 -18.25 -2.77
C ALA F 123 -30.55 -19.35 -1.97
N LEU F 124 -30.52 -20.57 -2.52
CA LEU F 124 -29.82 -21.67 -1.86
C LEU F 124 -28.33 -21.38 -1.74
N ILE F 125 -27.75 -20.76 -2.76
CA ILE F 125 -26.34 -20.39 -2.70
C ILE F 125 -26.10 -19.39 -1.59
N SER F 126 -26.99 -18.40 -1.45
CA SER F 126 -26.87 -17.44 -0.36
C SER F 126 -26.99 -18.13 1.00
N ARG F 127 -27.91 -19.08 1.12
CA ARG F 127 -28.04 -19.83 2.37
C ARG F 127 -26.74 -20.58 2.68
N ILE F 128 -26.15 -21.22 1.67
CA ILE F 128 -24.90 -21.93 1.86
C ILE F 128 -23.80 -20.97 2.29
N SER F 129 -23.75 -19.80 1.64
CA SER F 129 -22.71 -18.82 1.98
C SER F 129 -22.85 -18.36 3.42
N MET F 130 -24.07 -18.06 3.86
CA MET F 130 -24.25 -17.60 5.23
C MET F 130 -23.94 -18.71 6.23
N ALA F 131 -24.30 -19.96 5.92
CA ALA F 131 -23.96 -21.06 6.81
C ALA F 131 -22.44 -21.22 6.93
N ARG F 132 -21.74 -21.14 5.81
CA ARG F 132 -20.29 -21.27 5.83
C ARG F 132 -19.66 -20.12 6.60
N ALA F 133 -20.20 -18.90 6.44
CA ALA F 133 -19.69 -17.76 7.20
C ALA F 133 -19.93 -17.95 8.69
N ALA F 134 -21.09 -18.49 9.06
CA ALA F 134 -21.37 -18.75 10.47
C ALA F 134 -20.38 -19.75 11.05
N LEU F 135 -20.12 -20.83 10.32
CA LEU F 135 -19.16 -21.81 10.79
C LEU F 135 -17.77 -21.19 10.92
N ALA F 136 -17.37 -20.37 9.95
CA ALA F 136 -16.07 -19.71 10.03
C ALA F 136 -15.97 -18.80 11.25
N LYS F 137 -17.04 -18.05 11.52
CA LYS F 137 -17.02 -17.16 12.68
C LYS F 137 -16.92 -17.93 13.98
N ALA F 138 -17.71 -19.00 14.11
CA ALA F 138 -17.65 -19.80 15.33
C ALA F 138 -16.27 -20.41 15.51
N GLN F 139 -15.65 -20.83 14.41
CA GLN F 139 -14.27 -21.35 14.50
C GLN F 139 -13.30 -20.26 14.94
N ALA F 140 -13.47 -19.04 14.41
CA ALA F 140 -12.55 -17.96 14.74
C ALA F 140 -12.73 -17.45 16.17
N GLU F 141 -13.86 -17.75 16.80
CA GLU F 141 -14.15 -17.28 18.16
C GLU F 141 -13.60 -18.20 19.25
N MET F 142 -12.82 -19.22 18.90
CA MET F 142 -12.30 -20.15 19.89
C MET F 142 -11.31 -19.45 20.82
N THR F 143 -11.38 -19.76 22.11
CA THR F 143 -10.43 -19.27 23.09
C THR F 143 -9.30 -20.24 23.36
N SER F 144 -9.30 -21.40 22.70
CA SER F 144 -8.25 -22.38 22.89
C SER F 144 -8.14 -23.24 21.64
N ARG F 145 -7.00 -23.92 21.52
CA ARG F 145 -6.74 -24.81 20.40
C ARG F 145 -5.97 -26.02 20.91
N MET F 146 -5.98 -27.08 20.11
CA MET F 146 -5.26 -28.29 20.48
C MET F 146 -3.75 -28.04 20.44
N ARG F 147 -3.05 -28.62 21.38
CA ARG F 147 -1.61 -28.43 21.47
C ARG F 147 -0.90 -29.33 20.44
N PRO F 148 0.13 -28.82 19.76
CA PRO F 148 0.81 -29.63 18.74
C PRO F 148 1.73 -30.66 19.35
N VAL F 149 2.09 -31.64 18.52
CA VAL F 149 3.10 -32.65 18.84
C VAL F 149 4.35 -32.28 18.06
N VAL F 150 5.45 -32.04 18.78
CA VAL F 150 6.65 -31.48 18.19
C VAL F 150 7.78 -32.50 18.34
N ILE F 151 8.42 -32.81 17.21
CA ILE F 151 9.58 -33.71 17.15
C ILE F 151 10.76 -32.89 16.66
N MET F 152 11.92 -33.10 17.28
CA MET F 152 13.13 -32.37 16.91
C MET F 152 14.28 -33.36 16.76
N MET F 153 14.85 -33.43 15.56
CA MET F 153 15.96 -34.33 15.24
C MET F 153 17.26 -33.53 15.22
N CYS F 154 18.12 -33.75 16.21
CA CYS F 154 19.40 -33.08 16.30
C CYS F 154 20.49 -34.00 15.79
N GLY F 155 21.16 -33.59 14.71
CA GLY F 155 22.17 -34.44 14.12
C GLY F 155 23.07 -33.72 13.13
N PRO F 156 24.30 -34.22 12.97
CA PRO F 156 25.26 -33.56 12.07
C PRO F 156 24.85 -33.73 10.62
N PRO F 157 25.50 -33.02 9.70
CA PRO F 157 25.11 -33.11 8.29
C PRO F 157 25.51 -34.43 7.67
N GLY F 158 24.86 -34.75 6.56
CA GLY F 158 25.20 -35.92 5.77
C GLY F 158 24.92 -37.25 6.44
N ILE F 159 23.74 -37.38 7.06
CA ILE F 159 23.30 -38.67 7.59
C ILE F 159 21.96 -39.11 7.04
N GLY F 160 21.09 -38.18 6.61
CA GLY F 160 19.85 -38.55 5.98
C GLY F 160 18.62 -38.28 6.82
N LYS F 161 18.69 -37.28 7.70
CA LYS F 161 17.54 -36.96 8.56
C LYS F 161 16.45 -36.18 7.83
N THR F 162 16.76 -35.55 6.69
CA THR F 162 15.72 -34.83 5.96
C THR F 162 14.73 -35.79 5.30
N LYS F 163 15.24 -36.84 4.65
CA LYS F 163 14.35 -37.84 4.06
C LYS F 163 13.55 -38.56 5.14
N ALA F 164 14.20 -38.87 6.26
CA ALA F 164 13.48 -39.50 7.38
C ALA F 164 12.37 -38.59 7.88
N ALA F 165 12.67 -37.30 8.00
CA ALA F 165 11.65 -36.36 8.45
C ALA F 165 10.48 -36.31 7.48
N GLU F 166 10.76 -36.31 6.17
CA GLU F 166 9.67 -36.28 5.20
C GLU F 166 8.82 -37.54 5.30
N HIS F 167 9.47 -38.70 5.48
CA HIS F 167 8.73 -39.95 5.64
C HIS F 167 7.84 -39.92 6.87
N LEU F 168 8.38 -39.46 7.99
CA LEU F 168 7.60 -39.37 9.23
C LEU F 168 6.43 -38.41 9.07
N ALA F 169 6.69 -37.25 8.45
CA ALA F 169 5.62 -36.28 8.25
C ALA F 169 4.50 -36.87 7.39
N LYS F 170 4.86 -37.58 6.31
CA LYS F 170 3.84 -38.13 5.43
C LYS F 170 3.00 -39.18 6.15
N ARG F 171 3.66 -40.09 6.88
CA ARG F 171 2.90 -41.12 7.58
C ARG F 171 2.01 -40.51 8.66
N LEU F 172 2.52 -39.51 9.39
CA LEU F 172 1.69 -38.83 10.39
C LEU F 172 0.50 -38.15 9.74
N ALA F 173 0.71 -37.47 8.62
CA ALA F 173 -0.39 -36.77 7.97
C ALA F 173 -1.47 -37.75 7.54
N ASN F 174 -1.07 -38.89 6.96
CA ASN F 174 -2.08 -39.88 6.60
C ASN F 174 -2.81 -40.40 7.83
N GLU F 175 -2.08 -40.69 8.90
CA GLU F 175 -2.70 -41.25 10.10
C GLU F 175 -3.71 -40.28 10.71
N ILE F 176 -3.31 -39.02 10.91
CA ILE F 176 -4.18 -38.05 11.56
C ILE F 176 -5.50 -37.94 10.82
N ARG F 177 -5.45 -37.80 9.50
CA ARG F 177 -6.64 -37.83 8.67
C ARG F 177 -6.21 -38.26 7.28
N PRO F 178 -6.99 -39.13 6.61
CA PRO F 178 -6.55 -39.64 5.31
C PRO F 178 -6.38 -38.51 4.30
N GLY F 179 -5.34 -38.64 3.48
CA GLY F 179 -5.07 -37.63 2.47
C GLY F 179 -4.79 -36.25 3.04
N GLY F 180 -4.12 -36.19 4.19
CA GLY F 180 -3.76 -34.91 4.76
C GLY F 180 -2.62 -34.26 4.02
N LYS F 181 -2.41 -32.98 4.32
CA LYS F 181 -1.39 -32.18 3.67
C LYS F 181 -0.18 -31.98 4.58
N VAL F 182 0.94 -31.59 3.98
CA VAL F 182 2.16 -31.28 4.70
C VAL F 182 2.71 -29.96 4.16
N GLY F 183 2.97 -29.01 5.07
CA GLY F 183 3.41 -27.69 4.69
C GLY F 183 4.81 -27.40 5.21
N LEU F 184 5.36 -26.28 4.73
CA LEU F 184 6.71 -25.86 5.09
C LEU F 184 6.62 -24.57 5.91
N VAL F 185 7.30 -24.55 7.05
CA VAL F 185 7.38 -23.33 7.86
C VAL F 185 8.20 -22.29 7.11
N PRO F 186 7.85 -21.00 7.18
CA PRO F 186 8.68 -19.99 6.52
C PRO F 186 10.13 -20.07 6.99
N ARG F 187 11.05 -19.89 6.05
CA ARG F 187 12.45 -20.26 6.25
C ARG F 187 13.28 -19.10 6.80
N GLU F 188 12.80 -18.50 7.89
CA GLU F 188 13.58 -17.50 8.62
C GLU F 188 14.04 -16.34 7.74
N ALA F 189 13.46 -16.20 6.57
CA ALA F 189 13.77 -15.11 5.66
C ALA F 189 12.55 -14.24 5.35
N VAL F 190 11.41 -14.86 5.10
CA VAL F 190 10.15 -14.13 5.00
C VAL F 190 9.53 -14.06 6.38
N ASP F 191 9.18 -12.86 6.81
CA ASP F 191 8.54 -12.65 8.10
C ASP F 191 7.04 -12.84 8.04
N HIS F 192 6.48 -13.12 6.87
CA HIS F 192 5.05 -13.29 6.69
C HIS F 192 4.73 -14.76 6.38
N TRP F 193 3.43 -15.06 6.34
CA TRP F 193 2.91 -16.42 6.30
C TRP F 193 1.90 -16.57 5.17
N ASP F 194 2.16 -15.93 4.04
CA ASP F 194 1.13 -15.86 2.99
C ASP F 194 0.88 -17.21 2.33
N GLY F 195 1.89 -18.07 2.23
CA GLY F 195 1.67 -19.39 1.66
C GLY F 195 0.95 -20.37 2.55
N TYR F 196 0.86 -20.09 3.85
CA TYR F 196 0.26 -21.03 4.80
C TYR F 196 -1.16 -21.39 4.39
N HIS F 197 -1.50 -22.68 4.49
CA HIS F 197 -2.81 -23.18 4.12
C HIS F 197 -3.41 -24.10 5.18
N GLY F 198 -2.91 -24.05 6.40
CA GLY F 198 -3.47 -24.89 7.47
C GLY F 198 -3.25 -26.37 7.28
N GLU F 199 -2.03 -26.77 6.91
CA GLU F 199 -1.75 -28.17 6.68
C GLU F 199 -1.78 -28.95 7.99
N GLU F 200 -1.97 -30.27 7.86
CA GLU F 200 -2.02 -31.13 9.04
C GLU F 200 -0.68 -31.16 9.76
N VAL F 201 0.42 -31.23 9.03
CA VAL F 201 1.76 -31.33 9.59
C VAL F 201 2.62 -30.25 8.97
N MET F 202 3.51 -29.67 9.77
CA MET F 202 4.44 -28.65 9.31
C MET F 202 5.87 -29.15 9.48
N LEU F 203 6.70 -28.88 8.49
CA LEU F 203 8.06 -29.38 8.43
C LEU F 203 9.03 -28.20 8.42
N TRP F 204 9.97 -28.22 9.35
CA TRP F 204 10.92 -27.12 9.56
C TRP F 204 12.33 -27.70 9.39
N ASP F 205 12.94 -27.43 8.25
CA ASP F 205 14.26 -27.92 7.92
C ASP F 205 15.30 -26.86 8.19
N ASP F 206 16.40 -27.25 8.82
CA ASP F 206 17.51 -26.35 9.12
C ASP F 206 17.11 -25.30 10.15
N TYR F 207 16.46 -25.76 11.22
CA TYR F 207 16.16 -24.90 12.35
C TYR F 207 17.46 -24.49 13.04
N GLY F 208 17.65 -23.19 13.24
CA GLY F 208 18.85 -22.67 13.85
C GLY F 208 19.68 -21.84 12.89
N MET F 209 20.91 -22.28 12.64
CA MET F 209 21.75 -21.69 11.58
C MET F 209 22.03 -20.21 11.84
N THR F 210 22.64 -19.94 12.99
CA THR F 210 23.10 -18.62 13.39
C THR F 210 21.98 -17.61 13.56
N LYS F 211 20.73 -18.06 13.57
CA LYS F 211 19.58 -17.19 13.78
C LYS F 211 18.60 -17.85 14.74
N ILE F 212 19.14 -18.49 15.78
CA ILE F 212 18.34 -19.37 16.61
C ILE F 212 17.55 -18.65 17.68
N GLN F 213 17.86 -17.39 17.98
CA GLN F 213 17.02 -16.62 18.90
C GLN F 213 15.64 -16.39 18.29
N GLU F 214 15.61 -15.96 17.03
CA GLU F 214 14.34 -15.76 16.34
C GLU F 214 13.59 -17.07 16.17
N ASP F 215 14.33 -18.15 15.88
CA ASP F 215 13.69 -19.46 15.75
C ASP F 215 13.09 -19.91 17.08
N CYS F 216 13.81 -19.66 18.19
CA CYS F 216 13.28 -19.97 19.50
C CYS F 216 12.00 -19.20 19.78
N ASN F 217 12.00 -17.91 19.47
CA ASN F 217 10.80 -17.10 19.70
C ASN F 217 9.63 -17.61 18.86
N LYS F 218 9.89 -17.93 17.58
CA LYS F 218 8.82 -18.43 16.72
C LYS F 218 8.27 -19.77 17.23
N LEU F 219 9.16 -20.68 17.63
CA LEU F 219 8.71 -21.96 18.14
C LEU F 219 7.90 -21.80 19.42
N GLN F 220 8.34 -20.91 20.31
CA GLN F 220 7.56 -20.66 21.52
C GLN F 220 6.17 -20.13 21.16
N ALA F 221 6.09 -19.25 20.16
CA ALA F 221 4.79 -18.72 19.76
C ALA F 221 3.87 -19.81 19.23
N ILE F 222 4.36 -20.64 18.32
CA ILE F 222 3.44 -21.53 17.60
C ILE F 222 3.13 -22.79 18.40
N ALA F 223 4.10 -23.33 19.12
CA ALA F 223 3.88 -24.52 19.94
C ALA F 223 3.23 -24.09 21.25
N ASP F 224 1.90 -24.05 21.26
CA ASP F 224 1.16 -23.65 22.44
C ASP F 224 -0.30 -24.03 22.26
N SER F 225 -1.09 -23.81 23.30
CA SER F 225 -2.53 -24.02 23.25
C SER F 225 -3.32 -22.72 23.20
N ALA F 226 -2.66 -21.59 23.34
CA ALA F 226 -3.33 -20.30 23.18
C ALA F 226 -3.47 -19.98 21.69
N PRO F 227 -4.58 -19.35 21.28
CA PRO F 227 -4.70 -18.95 19.88
C PRO F 227 -3.61 -17.98 19.47
N LEU F 228 -3.24 -18.04 18.19
CA LEU F 228 -2.19 -17.18 17.65
C LEU F 228 -2.66 -16.57 16.34
N THR F 229 -2.10 -15.41 16.02
CA THR F 229 -2.36 -14.72 14.77
C THR F 229 -1.06 -14.53 14.03
N LEU F 230 -1.09 -14.71 12.70
CA LEU F 230 0.10 -14.71 11.89
C LEU F 230 0.21 -13.40 11.10
N ASN F 231 1.45 -13.01 10.81
CA ASN F 231 1.73 -11.82 10.05
C ASN F 231 1.67 -12.14 8.56
N CYS F 232 0.93 -11.33 7.80
CA CYS F 232 0.75 -11.53 6.38
C CYS F 232 0.91 -10.19 5.66
N ASP F 233 0.78 -10.21 4.34
CA ASP F 233 0.88 -9.00 3.52
C ASP F 233 -0.29 -8.77 2.58
N ARG F 234 -1.14 -9.77 2.34
CA ARG F 234 -2.25 -9.62 1.42
C ARG F 234 -3.49 -9.14 2.16
N ILE F 235 -4.35 -8.41 1.44
CA ILE F 235 -5.52 -7.83 2.08
C ILE F 235 -6.44 -8.91 2.63
N GLU F 236 -6.67 -9.97 1.86
CA GLU F 236 -7.57 -11.02 2.31
C GLU F 236 -6.92 -11.98 3.29
N ASN F 237 -5.61 -11.92 3.47
CA ASN F 237 -4.91 -12.78 4.40
C ASN F 237 -4.82 -12.20 5.81
N LYS F 238 -5.19 -10.94 6.00
CA LYS F 238 -5.04 -10.32 7.31
C LYS F 238 -5.85 -11.07 8.35
N GLY F 239 -5.27 -11.23 9.54
CA GLY F 239 -5.92 -11.93 10.63
C GLY F 239 -6.07 -13.42 10.38
N MET F 240 -4.94 -14.13 10.33
CA MET F 240 -4.94 -15.56 10.04
C MET F 240 -4.49 -16.34 11.28
N GLN F 241 -5.22 -17.41 11.58
CA GLN F 241 -4.96 -18.25 12.73
C GLN F 241 -3.93 -19.32 12.37
N PHE F 242 -3.55 -20.12 13.36
CA PHE F 242 -2.72 -21.30 13.18
C PHE F 242 -3.51 -22.52 13.65
N VAL F 243 -3.57 -23.55 12.80
CA VAL F 243 -4.43 -24.69 13.05
C VAL F 243 -3.74 -26.03 12.86
N SER F 244 -2.43 -26.07 12.60
CA SER F 244 -1.77 -27.34 12.35
C SER F 244 -1.66 -28.15 13.64
N ASP F 245 -1.44 -29.47 13.47
CA ASP F 245 -1.48 -30.41 14.58
C ASP F 245 -0.16 -31.05 14.93
N ALA F 246 0.88 -30.88 14.11
CA ALA F 246 2.16 -31.51 14.41
C ALA F 246 3.28 -30.76 13.70
N ILE F 247 4.46 -30.78 14.30
CA ILE F 247 5.63 -30.08 13.78
C ILE F 247 6.82 -31.04 13.84
N VAL F 248 7.53 -31.17 12.71
CA VAL F 248 8.74 -31.97 12.63
C VAL F 248 9.89 -31.04 12.26
N ILE F 249 10.88 -30.94 13.13
CA ILE F 249 12.04 -30.06 12.95
C ILE F 249 13.28 -30.92 12.79
N THR F 250 14.15 -30.54 11.85
CA THR F 250 15.47 -31.14 11.71
C THR F 250 16.52 -30.04 11.86
N THR F 251 17.55 -30.30 12.67
CA THR F 251 18.56 -29.29 12.93
C THR F 251 19.90 -29.91 13.27
N ASN F 252 20.96 -29.13 13.06
CA ASN F 252 22.32 -29.48 13.47
C ASN F 252 22.67 -28.93 14.84
N ALA F 253 21.77 -28.19 15.47
CA ALA F 253 22.10 -27.48 16.70
C ALA F 253 22.23 -28.47 17.86
N PRO F 254 23.00 -28.11 18.90
CA PRO F 254 23.16 -28.99 20.05
C PRO F 254 21.98 -29.03 21.00
N GLY F 255 20.83 -28.49 20.61
CA GLY F 255 19.65 -28.49 21.45
C GLY F 255 18.62 -27.50 20.96
N PRO F 256 17.45 -27.48 21.62
CA PRO F 256 16.40 -26.53 21.19
C PRO F 256 16.81 -25.07 21.29
N ALA F 257 17.60 -24.70 22.29
CA ALA F 257 17.97 -23.31 22.49
C ALA F 257 19.33 -23.26 23.19
N PRO F 258 20.05 -22.15 23.08
CA PRO F 258 21.32 -22.03 23.82
C PRO F 258 21.11 -22.14 25.32
N VAL F 259 22.10 -22.70 26.01
CA VAL F 259 21.97 -22.94 27.43
C VAL F 259 21.84 -21.64 28.22
N ASP F 260 22.28 -20.52 27.64
CA ASP F 260 22.16 -19.21 28.28
C ASP F 260 20.94 -18.43 27.84
N PHE F 261 20.10 -19.00 26.97
CA PHE F 261 18.94 -18.28 26.49
C PHE F 261 17.99 -17.97 27.64
N VAL F 262 17.37 -16.79 27.59
CA VAL F 262 16.48 -16.34 28.66
C VAL F 262 15.26 -17.24 28.75
N ASN F 263 14.76 -17.70 27.61
CA ASN F 263 13.55 -18.52 27.53
C ASN F 263 13.88 -20.01 27.39
N LEU F 264 14.91 -20.49 28.09
CA LEU F 264 15.32 -21.88 27.92
C LEU F 264 14.22 -22.84 28.34
N GLY F 265 13.69 -22.68 29.55
CA GLY F 265 12.68 -23.58 30.08
C GLY F 265 11.38 -23.56 29.30
N PRO F 266 10.89 -22.36 29.00
CA PRO F 266 9.67 -22.27 28.18
C PRO F 266 9.80 -22.94 26.83
N VAL F 267 10.96 -22.84 26.18
CA VAL F 267 11.13 -23.48 24.88
C VAL F 267 11.31 -24.98 25.02
N CYS F 268 12.06 -25.42 26.05
CA CYS F 268 12.31 -26.84 26.24
C CYS F 268 11.03 -27.60 26.56
N ARG F 269 10.16 -27.04 27.40
CA ARG F 269 8.97 -27.79 27.82
C ARG F 269 8.06 -28.12 26.64
N ARG F 270 8.12 -27.35 25.55
CA ARG F 270 7.17 -27.51 24.46
C ARG F 270 7.61 -28.58 23.46
N VAL F 271 8.85 -29.05 23.52
CA VAL F 271 9.32 -30.09 22.61
C VAL F 271 8.84 -31.43 23.15
N ASP F 272 8.13 -32.19 22.30
CA ASP F 272 7.59 -33.47 22.74
C ASP F 272 8.64 -34.58 22.65
N PHE F 273 9.18 -34.82 21.46
CA PHE F 273 10.16 -35.88 21.26
C PHE F 273 11.45 -35.27 20.72
N LEU F 274 12.49 -35.26 21.56
CA LEU F 274 13.81 -34.76 21.19
C LEU F 274 14.72 -35.94 20.95
N VAL F 275 15.13 -36.14 19.69
CA VAL F 275 15.90 -37.33 19.30
C VAL F 275 17.24 -36.90 18.73
N TYR F 276 18.32 -37.46 19.26
CA TYR F 276 19.66 -37.25 18.76
C TYR F 276 20.02 -38.38 17.80
N CYS F 277 20.42 -38.01 16.58
CA CYS F 277 20.65 -38.96 15.50
C CYS F 277 22.13 -39.01 15.14
N THR F 278 22.64 -40.24 14.95
CA THR F 278 24.02 -40.43 14.54
C THR F 278 24.11 -41.57 13.54
N ALA F 279 25.10 -41.51 12.66
CA ALA F 279 25.32 -42.53 11.63
C ALA F 279 26.80 -42.90 11.58
N PRO F 280 27.24 -43.80 12.47
CA PRO F 280 28.67 -44.14 12.51
C PRO F 280 29.19 -44.73 11.20
N GLU F 281 28.37 -45.49 10.48
CA GLU F 281 28.84 -46.13 9.26
C GLU F 281 29.25 -45.11 8.21
N VAL F 282 28.46 -44.05 8.03
CA VAL F 282 28.77 -43.08 6.99
C VAL F 282 30.04 -42.32 7.33
N GLU F 283 30.18 -41.89 8.58
CA GLU F 283 31.40 -41.18 8.97
C GLU F 283 32.62 -42.08 8.84
N HIS F 284 32.49 -43.36 9.18
CA HIS F 284 33.59 -44.29 8.97
C HIS F 284 33.94 -44.40 7.49
N THR F 285 32.94 -44.51 6.63
CA THR F 285 33.20 -44.61 5.20
C THR F 285 33.91 -43.36 4.68
N ARG F 286 33.50 -42.19 5.17
CA ARG F 286 34.18 -40.96 4.77
C ARG F 286 35.62 -40.94 5.27
N LYS F 287 35.84 -41.44 6.49
CA LYS F 287 37.20 -41.49 7.03
C LYS F 287 38.09 -42.40 6.19
N VAL F 288 37.57 -43.54 5.77
CA VAL F 288 38.40 -44.54 5.10
C VAL F 288 38.52 -44.28 3.60
N SER F 289 37.41 -44.01 2.93
CA SER F 289 37.37 -43.94 1.47
C SER F 289 36.75 -42.63 1.02
N PRO F 290 37.48 -41.52 1.14
CA PRO F 290 36.96 -40.24 0.67
C PRO F 290 36.70 -40.27 -0.83
N GLY F 291 35.59 -39.65 -1.24
CA GLY F 291 35.24 -39.60 -2.64
C GLY F 291 34.68 -40.87 -3.22
N ASP F 292 34.43 -41.88 -2.39
CA ASP F 292 33.93 -43.18 -2.85
C ASP F 292 32.40 -43.12 -2.88
N THR F 293 31.84 -43.05 -4.09
CA THR F 293 30.39 -42.94 -4.23
C THR F 293 29.70 -44.28 -3.96
N THR F 294 30.30 -45.39 -4.40
CA THR F 294 29.66 -46.68 -4.21
C THR F 294 29.52 -47.01 -2.73
N ALA F 295 30.55 -46.71 -1.93
CA ALA F 295 30.45 -46.92 -0.49
C ALA F 295 29.39 -46.03 0.12
N LEU F 296 29.30 -44.77 -0.34
CA LEU F 296 28.24 -43.88 0.13
C LEU F 296 26.87 -44.51 -0.11
N LYS F 297 26.64 -45.01 -1.32
CA LYS F 297 25.36 -45.66 -1.60
C LYS F 297 25.16 -46.89 -0.72
N ASP F 298 26.24 -47.65 -0.49
CA ASP F 298 26.12 -48.88 0.29
C ASP F 298 25.69 -48.59 1.72
N CYS F 299 26.24 -47.53 2.33
CA CYS F 299 25.94 -47.27 3.74
C CYS F 299 24.46 -47.00 3.96
N PHE F 300 23.84 -46.21 3.09
CA PHE F 300 22.43 -45.89 3.25
C PHE F 300 21.57 -47.12 2.97
N LYS F 301 20.43 -47.19 3.67
CA LYS F 301 19.49 -48.29 3.53
C LYS F 301 18.09 -47.75 3.34
N PRO F 302 17.21 -48.49 2.66
CA PRO F 302 15.87 -47.96 2.38
C PRO F 302 14.96 -47.91 3.60
N ASP F 303 15.30 -48.60 4.67
CA ASP F 303 14.48 -48.65 5.87
C ASP F 303 14.98 -47.73 6.98
N PHE F 304 15.95 -46.87 6.69
CA PHE F 304 16.50 -45.93 7.66
C PHE F 304 17.17 -46.63 8.84
N SER F 305 17.56 -47.90 8.66
CA SER F 305 18.20 -48.64 9.72
C SER F 305 19.59 -48.12 10.06
N HIS F 306 20.19 -47.35 9.16
CA HIS F 306 21.51 -46.79 9.38
C HIS F 306 21.51 -45.67 10.42
N LEU F 307 20.35 -45.18 10.84
CA LEU F 307 20.25 -44.08 11.78
C LEU F 307 20.13 -44.62 13.20
N LYS F 308 21.06 -44.23 14.06
CA LYS F 308 21.03 -44.59 15.48
C LYS F 308 20.46 -43.42 16.26
N MET F 309 19.32 -43.64 16.92
CA MET F 309 18.53 -42.59 17.53
C MET F 309 18.48 -42.78 19.05
N GLU F 310 18.80 -41.72 19.78
CA GLU F 310 18.64 -41.67 21.22
C GLU F 310 17.53 -40.68 21.56
N LEU F 311 16.51 -41.16 22.28
CA LEU F 311 15.43 -40.32 22.78
C LEU F 311 15.83 -39.73 24.13
N ALA F 312 15.65 -38.41 24.26
CA ALA F 312 15.99 -37.65 25.45
C ALA F 312 14.81 -37.63 26.42
N PRO F 313 15.06 -37.34 27.69
CA PRO F 313 13.96 -37.20 28.64
C PRO F 313 13.01 -36.09 28.23
N GLN F 314 11.74 -36.25 28.57
CA GLN F 314 10.75 -35.22 28.28
C GLN F 314 11.19 -33.90 28.88
N GLY F 315 11.18 -32.85 28.07
CA GLY F 315 11.55 -31.53 28.54
C GLY F 315 13.04 -31.30 28.68
N GLY F 316 13.87 -32.21 28.21
CA GLY F 316 15.31 -32.03 28.30
C GLY F 316 15.85 -31.18 27.16
N PHE F 317 17.15 -30.86 27.27
CA PHE F 317 17.79 -30.03 26.26
C PHE F 317 19.20 -30.48 25.90
N ASP F 318 19.60 -31.70 26.26
CA ASP F 318 20.99 -32.11 26.11
C ASP F 318 21.03 -33.62 25.85
N ASN F 319 22.16 -34.07 25.32
CA ASN F 319 22.36 -35.49 25.05
C ASN F 319 22.82 -36.27 26.27
N GLN F 320 23.09 -35.59 27.39
CA GLN F 320 23.47 -36.24 28.63
C GLN F 320 22.29 -36.42 29.58
N GLY F 321 21.07 -36.16 29.11
CA GLY F 321 19.90 -36.29 29.94
C GLY F 321 19.64 -35.12 30.86
N ASN F 322 20.39 -34.03 30.73
CA ASN F 322 20.17 -32.87 31.59
C ASN F 322 18.84 -32.20 31.27
N THR F 323 18.18 -31.72 32.31
CA THR F 323 16.91 -31.01 32.24
C THR F 323 17.04 -29.72 33.05
N PRO F 324 16.29 -28.67 32.70
CA PRO F 324 16.40 -27.43 33.48
C PRO F 324 16.10 -27.58 34.95
N PHE F 325 15.49 -28.69 35.38
CA PHE F 325 15.16 -28.92 36.78
C PHE F 325 15.91 -30.09 37.39
N GLY F 326 16.12 -31.16 36.65
CA GLY F 326 16.80 -32.33 37.17
C GLY F 326 17.68 -33.01 36.14
N LYS F 327 18.07 -34.25 36.39
CA LYS F 327 18.88 -35.04 35.47
C LYS F 327 18.17 -36.35 35.18
N GLY F 328 18.06 -36.69 33.90
CA GLY F 328 17.37 -37.89 33.48
C GLY F 328 18.29 -38.92 32.86
N VAL F 329 17.75 -39.76 31.98
CA VAL F 329 18.50 -40.81 31.31
C VAL F 329 18.10 -40.84 29.84
N MET F 330 19.10 -40.99 28.97
CA MET F 330 18.84 -41.17 27.55
C MET F 330 18.45 -42.61 27.26
N LYS F 331 17.64 -42.80 26.23
CA LYS F 331 17.19 -44.14 25.87
C LYS F 331 17.43 -44.41 24.39
N PRO F 332 17.59 -45.67 23.99
CA PRO F 332 17.64 -45.97 22.55
C PRO F 332 16.25 -46.11 21.95
N THR F 333 16.10 -45.67 20.70
CA THR F 333 14.83 -45.80 20.00
C THR F 333 15.11 -46.01 18.51
N THR F 334 14.04 -46.04 17.73
CA THR F 334 14.13 -46.21 16.28
C THR F 334 12.99 -45.41 15.65
N ILE F 335 12.89 -45.51 14.31
CA ILE F 335 11.89 -44.72 13.59
C ILE F 335 10.47 -45.18 13.95
N ASN F 336 10.25 -46.49 14.03
CA ASN F 336 8.89 -46.99 14.18
C ASN F 336 8.35 -46.76 15.59
N ARG F 337 9.20 -46.94 16.61
CA ARG F 337 8.77 -46.61 17.97
C ARG F 337 8.41 -45.13 18.07
N LEU F 338 9.22 -44.27 17.46
CA LEU F 338 8.94 -42.84 17.46
C LEU F 338 7.60 -42.55 16.81
N LEU F 339 7.34 -43.16 15.65
CA LEU F 339 6.09 -42.92 14.95
C LEU F 339 4.90 -43.41 15.78
N ILE F 340 5.02 -44.59 16.38
CA ILE F 340 3.93 -45.13 17.17
C ILE F 340 3.62 -44.23 18.35
N GLN F 341 4.66 -43.77 19.05
CA GLN F 341 4.45 -42.90 20.20
C GLN F 341 3.84 -41.56 19.78
N ALA F 342 4.28 -41.01 18.64
CA ALA F 342 3.69 -39.76 18.16
C ALA F 342 2.21 -39.95 17.86
N VAL F 343 1.85 -41.05 17.21
CA VAL F 343 0.44 -41.29 16.89
C VAL F 343 -0.37 -41.44 18.17
N ALA F 344 0.15 -42.19 19.14
CA ALA F 344 -0.58 -42.37 20.39
C ALA F 344 -0.81 -41.04 21.09
N LEU F 345 0.23 -40.22 21.19
CA LEU F 345 0.08 -38.93 21.85
C LEU F 345 -0.93 -38.06 21.10
N THR F 346 -0.87 -38.07 19.77
CA THR F 346 -1.80 -37.24 19.01
C THR F 346 -3.24 -37.66 19.26
N MET F 347 -3.50 -38.97 19.27
CA MET F 347 -4.87 -39.42 19.53
C MET F 347 -5.32 -39.07 20.94
N GLU F 348 -4.43 -39.24 21.92
CA GLU F 348 -4.76 -38.88 23.30
C GLU F 348 -5.17 -37.42 23.38
N ARG F 349 -4.32 -36.52 22.88
CA ARG F 349 -4.62 -35.10 22.95
C ARG F 349 -5.88 -34.76 22.18
N GLN F 350 -6.07 -35.37 21.01
CA GLN F 350 -7.22 -35.04 20.18
C GLN F 350 -8.53 -35.39 20.88
N ASP F 351 -8.62 -36.59 21.44
CA ASP F 351 -9.87 -36.97 22.11
C ASP F 351 -10.06 -36.15 23.39
N GLU F 352 -8.98 -35.91 24.14
CA GLU F 352 -9.10 -35.09 25.33
C GLU F 352 -9.65 -33.71 25.00
N PHE F 353 -9.16 -33.10 23.91
CA PHE F 353 -9.68 -31.81 23.50
C PHE F 353 -11.12 -31.92 23.03
N GLN F 354 -11.46 -33.00 22.31
CA GLN F 354 -12.81 -33.15 21.79
C GLN F 354 -13.83 -33.16 22.91
N LEU F 355 -13.55 -33.92 23.98
CA LEU F 355 -14.47 -33.90 25.12
C LEU F 355 -14.13 -32.81 26.12
N GLN F 356 -12.86 -32.44 26.22
CA GLN F 356 -12.43 -31.38 27.13
C GLN F 356 -12.74 -31.75 28.58
PG AGS G . 25.05 -8.21 -21.80
S1G AGS G . 25.83 -6.59 -21.07
O2G AGS G . 25.42 -9.38 -20.85
O3G AGS G . 23.50 -8.10 -21.89
PB AGS G . 25.01 -9.47 -24.25
O1B AGS G . 25.67 -10.78 -24.16
O2B AGS G . 23.51 -9.56 -23.92
O3B AGS G . 25.66 -8.47 -23.22
PA AGS G . 24.00 -8.30 -26.59
O1A AGS G . 22.90 -7.76 -25.76
O2A AGS G . 23.54 -9.31 -27.64
O3A AGS G . 25.17 -8.92 -25.73
O5' AGS G . 24.71 -7.07 -27.26
C5' AGS G . 26.02 -7.12 -27.82
C4' AGS G . 26.03 -6.27 -29.06
O4' AGS G . 26.96 -6.84 -30.02
C3' AGS G . 24.70 -6.18 -29.80
O3' AGS G . 23.88 -5.14 -29.30
C2' AGS G . 25.15 -5.94 -31.24
O2' AGS G . 25.43 -4.58 -31.51
C1' AGS G . 26.40 -6.82 -31.32
N9 AGS G . 26.12 -8.19 -31.73
C8 AGS G . 26.05 -9.28 -30.91
N7 AGS G . 25.76 -10.40 -31.55
C5 AGS G . 25.63 -9.98 -32.87
C6 AGS G . 25.30 -10.69 -34.05
N6 AGS G . 25.09 -12.01 -34.09
N1 AGS G . 25.26 -9.99 -35.20
C2 AGS G . 25.49 -8.68 -35.16
N3 AGS G . 25.79 -7.91 -34.12
C4 AGS G . 25.84 -8.62 -32.99
MG MG H . 22.05 -9.02 -22.98
PG AGS I . 21.95 22.01 -13.86
S1G AGS I . 22.19 22.60 -12.01
O2G AGS I . 22.92 20.84 -14.13
O3G AGS I . 20.50 21.52 -14.08
PB AGS I . 21.92 23.24 -16.36
O1B AGS I . 23.10 22.90 -17.14
O2B AGS I . 20.76 22.27 -16.58
O3B AGS I . 22.27 23.21 -14.81
PA AGS I . 20.01 25.05 -17.35
O1A AGS I . 18.94 24.26 -16.72
O2A AGS I . 20.11 24.92 -18.87
O3A AGS I . 21.43 24.70 -16.75
O5' AGS I . 19.74 26.53 -16.96
C5' AGS I . 20.72 27.59 -16.93
C4' AGS I . 19.98 28.89 -17.11
O4' AGS I . 20.77 29.78 -17.95
C3' AGS I . 18.63 28.79 -17.79
O3' AGS I . 17.58 28.56 -16.86
C2' AGS I . 18.50 30.14 -18.49
O2' AGS I . 18.04 31.16 -17.61
C1' AGS I . 19.95 30.37 -18.93
N9 AGS I . 20.26 29.76 -20.22
C8 AGS I . 21.01 28.64 -20.44
N7 AGS I . 21.11 28.31 -21.71
C5 AGS I . 20.37 29.28 -22.36
C6 AGS I . 20.08 29.49 -23.73
N6 AGS I . 20.53 28.72 -24.71
N1 AGS I . 19.30 30.55 -24.05
C2 AGS I . 18.85 31.33 -23.06
N3 AGS I . 19.06 31.24 -21.75
C4 AGS I . 19.83 30.17 -21.46
MG MG J . 19.22 21.11 -15.99
PG AGS K . 8.25 30.78 12.96
S1G AGS K . 8.50 29.73 14.58
O2G AGS K . 9.66 30.94 12.31
O3G AGS K . 7.31 30.02 11.97
PB AGS K . 7.14 33.20 12.23
O1B AGS K . 8.24 34.08 11.83
O2B AGS K . 6.57 32.40 11.07
O3B AGS K . 7.65 32.17 13.31
PA AGS K . 4.47 34.11 12.41
O1A AGS K . 3.91 32.77 12.18
O2A AGS K . 4.33 35.06 11.23
O3A AGS K . 5.99 34.08 12.89
O5' AGS K . 3.68 34.68 13.63
C5' AGS K . 4.26 35.18 14.85
C4' AGS K . 3.18 35.88 15.62
O4' AGS K . 3.48 37.29 15.72
C3' AGS K . 1.79 35.84 15.01
O3' AGS K . 1.08 34.66 15.37
C2' AGS K . 1.14 37.09 15.58
O2' AGS K . 0.70 36.90 16.92
C1' AGS K . 2.31 38.06 15.56
N9 AGS K . 2.43 38.82 14.31
C8 AGS K . 3.39 38.67 13.35
N7 AGS K . 3.26 39.48 12.33
C5 AGS K . 2.14 40.22 12.64
C6 AGS K . 1.46 41.25 11.97
N6 AGS K . 1.84 41.74 10.78
N1 AGS K . 0.36 41.77 12.55
C2 AGS K . -0.03 41.28 13.73
N3 AGS K . 0.52 40.32 14.46
C4 AGS K . 1.60 39.82 13.86
MG MG L . 5.84 30.49 10.30
PG AGS M . -1.24 9.55 34.15
S1G AGS M . -0.31 7.91 34.61
O2G AGS M . -0.17 10.65 33.93
O3G AGS M . -2.05 9.37 32.84
PB AGS M . -3.40 10.98 35.19
O1B AGS M . -2.99 12.29 35.70
O2B AGS M . -3.82 10.97 33.71
O3B AGS M . -2.19 9.97 35.32
PA AGS M . -6.02 9.96 35.58
O1A AGS M . -6.01 9.39 34.24
O2A AGS M . -7.08 11.05 35.74
O3A AGS M . -4.60 10.48 36.07
O5' AGS M . -6.29 8.79 36.58
C5' AGS M . -6.11 8.87 38.00
C4' AGS M . -7.23 8.10 38.65
O4' AGS M . -7.68 8.81 39.83
C3' AGS M . -8.46 7.92 37.80
O3' AGS M . -8.36 6.75 37.00
C2' AGS M . -9.57 7.81 38.84
O2' AGS M . -9.69 6.49 39.35
C1' AGS M . -9.09 8.79 39.90
N9 AGS M . -9.57 10.15 39.73
C8 AGS M . -8.88 11.21 39.22
N7 AGS M . -9.56 12.33 39.17
C5 AGS M . -10.81 11.98 39.68
C6 AGS M . -11.98 12.71 39.89
N6 AGS M . -12.11 14.01 39.61
N1 AGS M . -13.04 12.05 40.41
C2 AGS M . -12.92 10.75 40.70
N3 AGS M . -11.86 9.95 40.54
C4 AGS M . -10.83 10.64 40.03
MG MG N . -3.83 10.32 31.72
PG AGS O . 4.40 -21.04 30.26
S1G AGS O . 5.95 -21.69 29.31
O2G AGS O . 4.88 -19.86 31.16
O3G AGS O . 3.32 -20.53 29.27
PB AGS O . 2.31 -22.11 31.65
O1B AGS O . 2.28 -21.60 33.03
O2B AGS O . 1.59 -21.22 30.64
O3B AGS O . 3.80 -22.18 31.14
PA AGS O . 0.59 -23.98 30.52
O1A AGS O . 0.86 -23.39 29.20
O2A AGS O . -0.82 -23.73 31.06
O3A AGS O . 1.65 -23.54 31.60
O5' AGS O . 0.84 -25.52 30.40
C5' AGS O . 1.37 -26.29 31.50
C4' AGS O . 0.99 -27.73 31.25
O4' AGS O . 0.54 -28.33 32.48
C3' AGS O . -0.15 -27.92 30.27
O3' AGS O . 0.33 -27.96 28.93
C2' AGS O . -0.76 -29.25 30.73
O2' AGS O . -0.02 -30.36 30.25
C1' AGS O . -0.61 -29.13 32.25
N9 AGS O . -1.75 -28.50 32.89
C8 AGS O . -1.80 -27.23 33.41
N7 AGS O . -2.96 -26.91 33.94
C5 AGS O . -3.73 -28.07 33.76
C6 AGS O . -5.05 -28.38 34.10
N6 AGS O . -5.88 -27.53 34.73
N1 AGS O . -5.50 -29.61 33.79
C2 AGS O . -4.68 -30.46 33.17
N3 AGS O . -3.42 -30.27 32.79
C4 AGS O . -2.99 -29.05 33.12
MG MG P . 1.54 -20.19 28.91
PG AGS Q . 21.86 -32.16 6.34
S1G AGS Q . 23.17 -30.84 5.77
O2G AGS Q . 21.96 -32.36 7.88
O3G AGS Q . 20.43 -31.62 6.01
PB AGS Q . 20.94 -34.57 5.47
O1B AGS Q . 20.91 -35.44 6.66
O2B AGS Q . 19.65 -33.76 5.26
O3B AGS Q . 22.11 -33.51 5.61
PA AGS Q . 20.09 -35.55 3.01
O1A AGS Q . 19.47 -34.25 2.70
O2A AGS Q . 19.10 -36.64 3.41
O3A AGS Q . 21.17 -35.43 4.17
O5' AGS Q . 20.94 -35.98 1.77
C5' AGS Q . 21.94 -37.03 1.87
C4' AGS Q . 21.75 -38.01 0.75
O4' AGS Q . 21.83 -39.35 1.26
C3' AGS Q . 20.39 -37.95 0.06
O3' AGS Q . 20.37 -36.93 -0.94
C2' AGS Q . 20.27 -39.34 -0.55
O2' AGS Q . 20.85 -39.41 -1.85
C1' AGS Q . 21.06 -40.21 0.43
N9 AGS Q . 20.24 -41.06 1.30
C8 AGS Q . 20.20 -41.05 2.66
N7 AGS Q . 19.35 -41.91 3.17
C5 AGS Q . 18.80 -42.53 2.07
C6 AGS Q . 17.84 -43.56 1.93
N6 AGS Q . 17.24 -44.16 2.96
N1 AGS Q . 17.52 -43.95 0.68
C2 AGS Q . 18.11 -43.35 -0.36
N3 AGS Q . 19.03 -42.38 -0.35
C4 AGS Q . 19.34 -42.01 0.89
MG MG R . 18.75 -31.78 5.53
#